data_5Y2K
#
_entry.id   5Y2K
#
_cell.length_a   107.266
_cell.length_b   90.119
_cell.length_c   111.404
_cell.angle_alpha   90.00
_cell.angle_beta   102.38
_cell.angle_gamma   90.00
#
_symmetry.space_group_name_H-M   'P 1 21 1'
#
loop_
_entity.id
_entity.type
_entity.pdbx_description
1 polymer 'a group 2 HA binding antibody AF4H1K1 Fab heavy chain'
2 polymer 'a group 2 HA binding antibody AF4H1K1 Fab light chain'
3 water water
#
loop_
_entity_poly.entity_id
_entity_poly.type
_entity_poly.pdbx_seq_one_letter_code
_entity_poly.pdbx_strand_id
1 'polypeptide(L)'
;QVQLVESGGGVVQPGTSLRLSCEASGFTSSAYAMHWVRQAPGKGLEWVAVITFDGGYQYYADSVKGRFTISRDISRNTLH
LHMNSLRAEDTAVYYCARDPLTKLLPFDWVSGGYFDYWGQGTLVTVSSASTKGPSVFPLAPSSKSTSGGTAALGCLVKDY
FPEPVTVSWNSGALTSGVHTFPAVLQSSGLYSLSSVVTVPSSSLGTQTYICNVNHKPSNTKVDKRVEPKSCDK
;
A,C,E,G
2 'polypeptide(L)'
;SYELTQPPSVSVSPGQTASITCSGDKLGDKYACWYQQKPGQSPVLVIYQDSKRPSGIPERFSGSNSGNTATLTISGTQAM
DEADYYCQAWDSSTVVFGTGTKVTVLGQPKAAPSVTLFPPSSEELQANKATLVCLISDFYPGAVTVAWKADSSPVKAGVE
TTTPSKQSNNKYAASSYLSLTPEQWKSHRSYSCQVTHEGSTVEKTVAPTECSHHHHHH
;
B,D,F,H
#
# COMPACT_ATOMS: atom_id res chain seq x y z
N GLN A 1 16.28 3.83 -6.48
CA GLN A 1 16.06 2.42 -6.18
C GLN A 1 16.83 1.54 -7.15
N VAL A 2 17.12 0.31 -6.74
CA VAL A 2 17.80 -0.66 -7.60
C VAL A 2 16.91 -1.05 -8.79
N GLN A 3 17.49 -1.13 -9.97
CA GLN A 3 16.73 -1.57 -11.14
C GLN A 3 17.58 -2.15 -12.26
N LEU A 4 16.96 -3.05 -13.03
CA LEU A 4 17.60 -3.70 -14.17
C LEU A 4 16.70 -3.62 -15.38
N VAL A 5 17.27 -3.20 -16.52
CA VAL A 5 16.50 -2.97 -17.74
C VAL A 5 17.16 -3.63 -18.94
N GLU A 6 16.68 -4.80 -19.34
CA GLU A 6 17.33 -5.50 -20.44
C GLU A 6 16.76 -5.07 -21.79
N SER A 7 17.55 -5.32 -22.83
CA SER A 7 17.33 -4.73 -24.14
C SER A 7 17.98 -5.61 -25.19
N GLY A 8 17.63 -5.39 -26.46
CA GLY A 8 18.29 -6.06 -27.56
C GLY A 8 17.57 -7.27 -28.14
N GLY A 9 16.45 -7.64 -27.53
CA GLY A 9 15.70 -8.80 -27.99
C GLY A 9 15.04 -8.61 -29.33
N GLY A 10 14.63 -9.69 -29.96
CA GLY A 10 13.91 -9.62 -31.22
C GLY A 10 13.75 -10.96 -31.87
N VAL A 11 13.12 -10.97 -33.05
CA VAL A 11 12.92 -12.19 -33.81
C VAL A 11 14.01 -12.34 -34.87
N VAL A 12 14.73 -13.46 -34.82
CA VAL A 12 15.87 -13.65 -35.72
C VAL A 12 15.94 -15.08 -36.25
N GLN A 13 16.80 -15.27 -37.25
CA GLN A 13 16.99 -16.56 -37.89
C GLN A 13 18.03 -17.42 -37.18
N PRO A 14 17.87 -18.75 -37.24
CA PRO A 14 18.89 -19.65 -36.70
C PRO A 14 20.27 -19.40 -37.30
N GLY A 15 21.30 -19.40 -36.45
CA GLY A 15 22.67 -19.23 -36.91
C GLY A 15 23.16 -17.80 -36.77
N THR A 16 22.20 -16.91 -36.58
CA THR A 16 22.43 -15.49 -36.46
C THR A 16 23.02 -15.14 -35.08
N SER A 17 23.65 -13.98 -34.97
CA SER A 17 24.16 -13.48 -33.70
C SER A 17 23.27 -12.36 -33.18
N LEU A 18 23.21 -12.23 -31.86
CA LEU A 18 22.46 -11.14 -31.24
C LEU A 18 23.08 -10.73 -29.91
N ARG A 19 23.08 -9.44 -29.61
CA ARG A 19 23.65 -8.98 -28.35
C ARG A 19 22.63 -8.33 -27.42
N LEU A 20 22.47 -8.89 -26.23
CA LEU A 20 21.55 -8.35 -25.24
C LEU A 20 22.27 -7.43 -24.28
N SER A 21 21.59 -6.37 -23.84
CA SER A 21 22.15 -5.45 -22.87
C SER A 21 21.25 -5.37 -21.65
N CYS A 22 21.86 -5.16 -20.49
CA CYS A 22 21.14 -4.96 -19.24
C CYS A 22 21.77 -3.79 -18.47
N GLU A 23 21.09 -2.65 -18.46
CA GLU A 23 21.63 -1.49 -17.76
C GLU A 23 21.17 -1.44 -16.31
N ALA A 24 22.13 -1.25 -15.42
CA ALA A 24 21.87 -1.15 -14.00
C ALA A 24 21.63 0.31 -13.63
N SER A 25 20.90 0.51 -12.53
CA SER A 25 20.72 1.83 -11.97
C SER A 25 20.40 1.68 -10.48
N GLY A 26 20.80 2.67 -9.69
CA GLY A 26 20.57 2.61 -8.26
C GLY A 26 21.62 1.83 -7.52
N PHE A 27 22.58 1.30 -8.27
CA PHE A 27 23.72 0.60 -7.69
C PHE A 27 24.82 0.45 -8.73
N THR A 28 25.96 -0.10 -8.32
CA THR A 28 27.09 -0.32 -9.22
C THR A 28 27.23 -1.81 -9.47
N SER A 29 27.12 -2.21 -10.73
CA SER A 29 27.20 -3.62 -11.10
C SER A 29 28.60 -4.18 -10.84
N SER A 30 29.60 -3.30 -10.77
CA SER A 30 30.97 -3.72 -10.47
C SER A 30 31.15 -4.17 -9.02
N ALA A 31 30.09 -4.04 -8.22
CA ALA A 31 30.15 -4.49 -6.84
C ALA A 31 29.35 -5.78 -6.64
N TYR A 32 28.74 -6.27 -7.71
CA TYR A 32 27.93 -7.49 -7.63
C TYR A 32 28.25 -8.50 -8.73
N ALA A 33 28.06 -9.77 -8.41
CA ALA A 33 28.01 -10.80 -9.44
C ALA A 33 26.68 -10.70 -10.15
N MET A 34 26.71 -10.67 -11.49
CA MET A 34 25.49 -10.51 -12.27
C MET A 34 25.24 -11.70 -13.18
N HIS A 35 23.96 -12.05 -13.34
CA HIS A 35 23.56 -13.27 -14.06
C HIS A 35 22.59 -13.03 -15.21
N TRP A 36 22.58 -13.95 -16.17
CA TRP A 36 21.52 -14.04 -17.17
C TRP A 36 20.75 -15.32 -16.91
N VAL A 37 19.42 -15.22 -16.90
CA VAL A 37 18.53 -16.38 -16.78
C VAL A 37 17.46 -16.28 -17.88
N ARG A 38 17.03 -17.41 -18.44
CA ARG A 38 16.08 -17.37 -19.54
C ARG A 38 14.91 -18.32 -19.33
N GLN A 39 13.80 -18.03 -19.98
CA GLN A 39 12.60 -18.83 -19.84
C GLN A 39 11.88 -18.96 -21.18
N ALA A 40 11.88 -20.17 -21.73
CA ALA A 40 11.16 -20.46 -22.95
C ALA A 40 9.65 -20.31 -22.70
N PRO A 41 8.88 -19.90 -23.73
CA PRO A 41 7.43 -19.75 -23.57
C PRO A 41 6.80 -20.98 -22.90
N GLY A 42 6.02 -20.75 -21.86
CA GLY A 42 5.36 -21.83 -21.15
C GLY A 42 6.26 -22.80 -20.41
N LYS A 43 7.57 -22.54 -20.36
CA LYS A 43 8.49 -23.47 -19.71
C LYS A 43 9.11 -22.87 -18.45
N GLY A 44 10.12 -23.53 -17.90
CA GLY A 44 10.69 -23.14 -16.62
C GLY A 44 11.90 -22.22 -16.72
N LEU A 45 12.43 -21.81 -15.57
CA LEU A 45 13.61 -20.95 -15.54
C LEU A 45 14.88 -21.73 -15.88
N GLU A 46 15.78 -21.11 -16.65
CA GLU A 46 17.05 -21.74 -16.98
C GLU A 46 18.20 -20.74 -16.89
N TRP A 47 19.13 -21.01 -15.99
CA TRP A 47 20.30 -20.15 -15.80
C TRP A 47 21.20 -20.22 -17.02
N VAL A 48 21.76 -19.08 -17.41
CA VAL A 48 22.55 -19.01 -18.63
C VAL A 48 24.03 -18.69 -18.39
N ALA A 49 24.30 -17.69 -17.53
CA ALA A 49 25.68 -17.24 -17.31
C ALA A 49 25.82 -16.31 -16.11
N VAL A 50 27.04 -16.29 -15.54
CA VAL A 50 27.41 -15.37 -14.46
C VAL A 50 28.73 -14.66 -14.79
N ILE A 51 28.83 -13.39 -14.41
CA ILE A 51 30.12 -12.71 -14.41
C ILE A 51 30.37 -12.13 -13.00
N THR A 52 31.61 -12.24 -12.50
CA THR A 52 31.91 -11.77 -11.15
C THR A 52 31.98 -10.24 -11.09
N PHE A 53 31.86 -9.67 -9.89
CA PHE A 53 31.89 -8.21 -9.72
C PHE A 53 33.16 -7.64 -10.32
N ASP A 54 34.21 -8.45 -10.29
CA ASP A 54 35.51 -8.11 -10.82
C ASP A 54 35.52 -8.03 -12.35
N GLY A 55 34.77 -8.92 -12.99
CA GLY A 55 34.82 -9.07 -14.43
C GLY A 55 35.90 -10.07 -14.83
N GLY A 56 36.65 -10.55 -13.83
CA GLY A 56 37.79 -11.41 -14.08
C GLY A 56 37.42 -12.87 -14.23
N TYR A 57 36.14 -13.18 -14.04
CA TYR A 57 35.70 -14.56 -14.17
C TYR A 57 34.28 -14.64 -14.73
N GLN A 58 34.08 -15.55 -15.69
CA GLN A 58 32.75 -15.82 -16.22
C GLN A 58 32.48 -17.33 -16.19
N TYR A 59 31.22 -17.72 -16.18
CA TYR A 59 30.87 -19.14 -16.30
C TYR A 59 29.53 -19.30 -17.03
N TYR A 60 29.33 -20.46 -17.64
CA TYR A 60 28.24 -20.66 -18.57
C TYR A 60 27.54 -22.01 -18.41
N ALA A 61 26.25 -22.06 -18.70
CA ALA A 61 25.54 -23.32 -18.77
C ALA A 61 26.07 -24.10 -19.97
N ASP A 62 26.00 -25.42 -19.90
CA ASP A 62 26.52 -26.26 -20.98
C ASP A 62 25.81 -26.00 -22.31
N SER A 63 24.53 -25.66 -22.23
CA SER A 63 23.71 -25.49 -23.43
C SER A 63 24.10 -24.27 -24.27
N VAL A 64 24.95 -23.40 -23.72
CA VAL A 64 25.28 -22.14 -24.39
C VAL A 64 26.77 -21.85 -24.43
N LYS A 65 27.57 -22.73 -23.83
CA LYS A 65 28.99 -22.46 -23.72
C LYS A 65 29.66 -22.54 -25.09
N GLY A 66 30.55 -21.60 -25.37
CA GLY A 66 31.20 -21.50 -26.67
C GLY A 66 30.41 -20.66 -27.64
N ARG A 67 29.16 -20.39 -27.32
CA ARG A 67 28.30 -19.59 -28.18
C ARG A 67 27.96 -18.24 -27.54
N PHE A 68 27.72 -18.26 -26.23
CA PHE A 68 27.39 -17.04 -25.50
C PHE A 68 28.58 -16.51 -24.71
N THR A 69 28.72 -15.19 -24.65
CA THR A 69 29.73 -14.56 -23.80
C THR A 69 29.09 -13.45 -22.97
N ILE A 70 29.30 -13.51 -21.65
CA ILE A 70 28.79 -12.49 -20.74
C ILE A 70 29.89 -11.47 -20.49
N SER A 71 29.53 -10.20 -20.38
CA SER A 71 30.52 -9.14 -20.21
C SER A 71 29.91 -7.91 -19.54
N ARG A 72 30.79 -7.00 -19.11
CA ARG A 72 30.35 -5.78 -18.44
C ARG A 72 31.01 -4.54 -19.03
N ASP A 73 30.18 -3.56 -19.37
CA ASP A 73 30.65 -2.22 -19.74
C ASP A 73 30.64 -1.37 -18.48
N ILE A 74 31.76 -1.37 -17.76
CA ILE A 74 31.89 -0.67 -16.49
C ILE A 74 31.51 0.81 -16.60
N SER A 75 31.94 1.44 -17.70
CA SER A 75 31.73 2.86 -17.91
C SER A 75 30.24 3.23 -17.93
N ARG A 76 29.43 2.38 -18.54
CA ARG A 76 28.02 2.66 -18.70
C ARG A 76 27.15 1.85 -17.74
N ASN A 77 27.80 1.16 -16.81
CA ASN A 77 27.12 0.34 -15.81
C ASN A 77 26.12 -0.60 -16.49
N THR A 78 26.63 -1.40 -17.42
CA THR A 78 25.79 -2.21 -18.30
C THR A 78 26.38 -3.60 -18.48
N LEU A 79 25.52 -4.61 -18.41
CA LEU A 79 25.94 -5.96 -18.72
C LEU A 79 25.46 -6.37 -20.10
N HIS A 80 26.18 -7.31 -20.69
CA HIS A 80 25.87 -7.75 -22.04
C HIS A 80 25.88 -9.26 -22.15
N LEU A 81 25.00 -9.79 -22.99
CA LEU A 81 25.04 -11.19 -23.37
C LEU A 81 25.16 -11.28 -24.87
N HIS A 82 26.35 -11.61 -25.35
CA HIS A 82 26.55 -11.76 -26.79
C HIS A 82 26.29 -13.21 -27.18
N MET A 83 25.29 -13.41 -28.02
CA MET A 83 24.88 -14.73 -28.45
C MET A 83 25.22 -14.95 -29.92
N ASN A 84 26.06 -15.94 -30.20
CA ASN A 84 26.39 -16.31 -31.58
C ASN A 84 25.73 -17.62 -31.93
N SER A 85 25.56 -17.87 -33.23
CA SER A 85 25.11 -19.18 -33.70
C SER A 85 23.81 -19.62 -33.02
N LEU A 86 22.86 -18.70 -32.92
CA LEU A 86 21.58 -18.94 -32.24
C LEU A 86 20.82 -20.14 -32.79
N ARG A 87 20.14 -20.85 -31.90
CA ARG A 87 19.34 -22.00 -32.27
C ARG A 87 17.90 -21.81 -31.82
N ALA A 88 16.99 -22.58 -32.39
CA ALA A 88 15.56 -22.47 -32.12
C ALA A 88 15.27 -22.53 -30.63
N GLU A 89 15.97 -23.40 -29.93
CA GLU A 89 15.73 -23.63 -28.50
C GLU A 89 16.37 -22.57 -27.61
N ASP A 90 16.97 -21.55 -28.21
CA ASP A 90 17.41 -20.36 -27.48
C ASP A 90 16.26 -19.38 -27.32
N THR A 91 15.13 -19.69 -27.95
CA THR A 91 13.94 -18.84 -27.86
C THR A 91 13.46 -18.79 -26.40
N ALA A 92 13.41 -17.58 -25.86
CA ALA A 92 13.10 -17.39 -24.44
C ALA A 92 12.98 -15.91 -24.12
N VAL A 93 12.38 -15.60 -22.97
CA VAL A 93 12.55 -14.30 -22.36
C VAL A 93 13.89 -14.35 -21.61
N TYR A 94 14.74 -13.36 -21.81
CA TYR A 94 16.04 -13.33 -21.14
C TYR A 94 16.06 -12.29 -20.03
N TYR A 95 16.33 -12.75 -18.81
CA TYR A 95 16.34 -11.91 -17.62
C TYR A 95 17.75 -11.58 -17.14
N CYS A 96 17.96 -10.34 -16.76
CA CYS A 96 19.15 -9.92 -16.04
C CYS A 96 18.86 -10.05 -14.54
N ALA A 97 19.81 -10.60 -13.77
CA ALA A 97 19.58 -10.82 -12.35
C ALA A 97 20.80 -10.47 -11.51
N ARG A 98 20.57 -9.88 -10.35
CA ARG A 98 21.66 -9.47 -9.46
C ARG A 98 21.85 -10.45 -8.32
N ASP A 99 23.11 -10.79 -8.05
CA ASP A 99 23.47 -11.73 -6.99
C ASP A 99 24.38 -11.01 -5.97
N PRO A 100 23.86 -10.77 -4.76
CA PRO A 100 24.57 -10.01 -3.73
C PRO A 100 25.68 -10.76 -2.98
N LEU A 101 25.71 -12.08 -3.03
CA LEU A 101 26.67 -12.84 -2.24
C LEU A 101 27.95 -13.20 -2.98
N THR A 102 27.80 -13.69 -4.21
CA THR A 102 28.93 -14.19 -4.98
C THR A 102 30.01 -13.13 -5.19
N LYS A 103 31.24 -13.46 -4.82
CA LYS A 103 32.36 -12.57 -5.08
C LYS A 103 33.33 -13.21 -6.07
N LEU A 104 34.38 -13.85 -5.55
CA LEU A 104 35.36 -14.51 -6.41
C LEU A 104 34.93 -15.93 -6.75
N LEU A 105 35.28 -16.36 -7.95
CA LEU A 105 34.96 -17.71 -8.41
C LEU A 105 36.22 -18.43 -8.89
N PRO A 106 36.26 -19.76 -8.76
CA PRO A 106 35.27 -20.65 -8.12
C PRO A 106 35.12 -20.40 -6.62
N PHE A 107 34.01 -20.87 -6.05
CA PHE A 107 33.73 -20.66 -4.64
C PHE A 107 34.76 -21.33 -3.74
N ASP A 108 35.11 -20.65 -2.65
CA ASP A 108 35.91 -21.24 -1.59
C ASP A 108 35.06 -22.15 -0.72
N TRP A 109 33.82 -21.74 -0.50
CA TRP A 109 32.89 -22.48 0.35
C TRP A 109 31.54 -22.63 -0.36
N VAL A 110 30.63 -23.41 0.21
CA VAL A 110 29.37 -23.69 -0.46
C VAL A 110 28.53 -22.42 -0.63
N SER A 111 27.92 -22.29 -1.80
CA SER A 111 27.24 -21.07 -2.20
C SER A 111 25.86 -20.89 -1.58
N GLY A 112 25.67 -19.77 -0.90
CA GLY A 112 24.38 -19.40 -0.34
C GLY A 112 23.81 -18.23 -1.11
N GLY A 113 24.21 -18.13 -2.37
CA GLY A 113 23.81 -17.03 -3.23
C GLY A 113 22.40 -17.16 -3.77
N TYR A 114 21.87 -16.03 -4.25
CA TYR A 114 20.49 -15.95 -4.71
C TYR A 114 20.33 -14.71 -5.57
N PHE A 115 19.19 -14.59 -6.24
CA PHE A 115 18.92 -13.41 -7.04
C PHE A 115 17.95 -12.49 -6.32
N ASP A 116 18.42 -11.32 -5.91
CA ASP A 116 17.58 -10.41 -5.14
C ASP A 116 16.85 -9.43 -6.06
N TYR A 117 17.39 -9.20 -7.25
CA TYR A 117 16.75 -8.30 -8.20
C TYR A 117 16.77 -8.87 -9.62
N TRP A 118 15.65 -8.69 -10.32
CA TRP A 118 15.50 -9.15 -11.70
C TRP A 118 15.07 -8.00 -12.57
N GLY A 119 15.48 -8.03 -13.83
CA GLY A 119 14.96 -7.11 -14.81
C GLY A 119 13.60 -7.57 -15.29
N GLN A 120 13.02 -6.85 -16.24
CA GLN A 120 11.68 -7.19 -16.72
C GLN A 120 11.73 -8.25 -17.82
N GLY A 121 12.91 -8.41 -18.43
CA GLY A 121 13.10 -9.43 -19.45
C GLY A 121 13.01 -8.86 -20.86
N THR A 122 13.76 -9.48 -21.77
CA THR A 122 13.66 -9.14 -23.18
C THR A 122 13.46 -10.44 -23.96
N LEU A 123 12.55 -10.39 -24.94
CA LEU A 123 12.16 -11.59 -25.69
C LEU A 123 13.06 -11.85 -26.87
N VAL A 124 13.53 -13.08 -26.99
CA VAL A 124 14.36 -13.47 -28.12
C VAL A 124 13.70 -14.64 -28.84
N THR A 125 13.28 -14.39 -30.08
CA THR A 125 12.64 -15.44 -30.86
C THR A 125 13.55 -15.85 -31.99
N VAL A 126 13.96 -17.11 -31.97
CA VAL A 126 14.83 -17.64 -33.00
C VAL A 126 14.03 -18.59 -33.86
N SER A 127 13.74 -18.19 -35.09
CA SER A 127 12.92 -19.03 -35.96
C SER A 127 13.16 -18.72 -37.44
N SER A 128 13.02 -19.75 -38.27
CA SER A 128 13.07 -19.54 -39.72
C SER A 128 11.65 -19.56 -40.28
N ALA A 129 10.66 -19.62 -39.39
CA ALA A 129 9.27 -19.65 -39.82
C ALA A 129 8.91 -18.40 -40.59
N SER A 130 8.20 -18.57 -41.70
CA SER A 130 7.70 -17.46 -42.48
C SER A 130 6.25 -17.73 -42.87
N THR A 131 5.58 -16.72 -43.41
CA THR A 131 4.17 -16.81 -43.76
C THR A 131 3.86 -18.09 -44.53
N LYS A 132 2.89 -18.84 -44.03
CA LYS A 132 2.52 -20.11 -44.65
C LYS A 132 1.09 -20.48 -44.28
N GLY A 133 0.31 -20.84 -45.29
CA GLY A 133 -1.07 -21.22 -45.05
C GLY A 133 -1.16 -22.62 -44.50
N PRO A 134 -2.23 -22.90 -43.76
CA PRO A 134 -2.41 -24.21 -43.15
C PRO A 134 -2.85 -25.30 -44.13
N SER A 135 -2.48 -26.55 -43.84
CA SER A 135 -3.19 -27.68 -44.40
C SER A 135 -4.42 -27.96 -43.54
N VAL A 136 -5.57 -28.23 -44.16
CA VAL A 136 -6.77 -28.49 -43.38
C VAL A 136 -7.25 -29.91 -43.59
N PHE A 137 -7.39 -30.64 -42.49
CA PHE A 137 -7.76 -32.05 -42.54
C PHE A 137 -9.01 -32.31 -41.71
N PRO A 138 -9.91 -33.16 -42.23
CA PRO A 138 -11.13 -33.46 -41.47
C PRO A 138 -10.86 -34.43 -40.33
N LEU A 139 -11.52 -34.22 -39.20
CA LEU A 139 -11.47 -35.15 -38.09
C LEU A 139 -12.79 -35.89 -38.04
N ALA A 140 -12.81 -37.08 -38.62
CA ALA A 140 -14.05 -37.83 -38.83
C ALA A 140 -14.64 -38.29 -37.51
N PRO A 141 -15.97 -38.19 -37.37
CA PRO A 141 -16.63 -38.70 -36.17
C PRO A 141 -16.56 -40.24 -36.15
N SER A 142 -16.44 -40.80 -34.95
CA SER A 142 -16.33 -42.25 -34.79
C SER A 142 -17.57 -42.98 -35.28
N GLY A 149 -25.62 -39.89 -26.45
CA GLY A 149 -25.76 -40.36 -27.81
C GLY A 149 -25.29 -39.35 -28.83
N THR A 150 -24.05 -38.90 -28.68
CA THR A 150 -23.51 -37.85 -29.51
C THR A 150 -22.21 -38.28 -30.19
N ALA A 151 -21.72 -37.44 -31.09
CA ALA A 151 -20.44 -37.70 -31.74
C ALA A 151 -19.63 -36.41 -31.82
N ALA A 152 -18.32 -36.52 -31.64
CA ALA A 152 -17.45 -35.38 -31.82
C ALA A 152 -16.76 -35.46 -33.19
N LEU A 153 -16.83 -34.37 -33.93
CA LEU A 153 -16.12 -34.28 -35.19
C LEU A 153 -15.48 -32.92 -35.28
N GLY A 154 -14.50 -32.76 -36.16
CA GLY A 154 -13.83 -31.48 -36.28
C GLY A 154 -12.93 -31.30 -37.48
N CYS A 155 -12.04 -30.32 -37.36
CA CYS A 155 -11.05 -30.00 -38.39
C CYS A 155 -9.70 -29.72 -37.76
N LEU A 156 -8.67 -30.39 -38.26
CA LEU A 156 -7.29 -30.14 -37.86
C LEU A 156 -6.69 -29.09 -38.78
N VAL A 157 -6.19 -28.01 -38.21
CA VAL A 157 -5.59 -26.93 -38.99
C VAL A 157 -4.08 -26.96 -38.74
N LYS A 158 -3.33 -27.42 -39.73
CA LYS A 158 -1.95 -27.86 -39.52
C LYS A 158 -0.88 -26.94 -40.12
N ASP A 159 0.10 -26.57 -39.30
CA ASP A 159 1.32 -25.90 -39.77
C ASP A 159 1.11 -24.56 -40.48
N TYR A 160 0.67 -23.55 -39.75
CA TYR A 160 0.52 -22.22 -40.32
C TYR A 160 1.35 -21.19 -39.58
N PHE A 161 1.60 -20.05 -40.24
CA PHE A 161 2.32 -18.94 -39.65
C PHE A 161 2.01 -17.66 -40.41
N PRO A 162 1.77 -16.56 -39.69
CA PRO A 162 1.69 -16.54 -38.23
C PRO A 162 0.25 -16.67 -37.78
N GLU A 163 0.01 -16.46 -36.49
CA GLU A 163 -1.34 -16.31 -35.98
C GLU A 163 -1.98 -15.08 -36.62
N PRO A 164 -3.33 -15.04 -36.68
CA PRO A 164 -4.28 -16.05 -36.22
C PRO A 164 -4.91 -16.88 -37.33
N VAL A 165 -5.54 -17.98 -36.94
CA VAL A 165 -6.48 -18.69 -37.79
C VAL A 165 -7.83 -18.62 -37.10
N THR A 166 -8.90 -18.43 -37.88
CA THR A 166 -10.25 -18.53 -37.35
C THR A 166 -11.01 -19.65 -38.06
N VAL A 167 -11.89 -20.30 -37.30
CA VAL A 167 -12.67 -21.41 -37.81
C VAL A 167 -14.14 -21.15 -37.54
N SER A 168 -14.98 -21.43 -38.52
CA SER A 168 -16.43 -21.41 -38.33
C SER A 168 -16.98 -22.71 -38.89
N TRP A 169 -18.26 -22.95 -38.65
CA TRP A 169 -18.90 -24.17 -39.13
C TRP A 169 -20.16 -23.79 -39.88
N ASN A 170 -20.26 -24.27 -41.12
CA ASN A 170 -21.34 -23.88 -42.03
C ASN A 170 -21.50 -22.37 -42.07
N SER A 171 -20.35 -21.69 -42.15
CA SER A 171 -20.26 -20.24 -42.35
C SER A 171 -20.65 -19.46 -41.10
N GLY A 172 -20.77 -20.18 -39.98
CA GLY A 172 -21.26 -19.58 -38.76
C GLY A 172 -22.74 -19.85 -38.49
N ALA A 173 -23.34 -20.74 -39.28
CA ALA A 173 -24.74 -21.10 -39.07
C ALA A 173 -24.87 -22.17 -38.00
N LEU A 174 -23.82 -22.97 -37.84
CA LEU A 174 -23.76 -23.95 -36.76
C LEU A 174 -22.82 -23.44 -35.67
N THR A 175 -23.36 -23.15 -34.49
CA THR A 175 -22.57 -22.60 -33.39
C THR A 175 -22.66 -23.43 -32.11
N SER A 176 -23.80 -24.08 -31.89
CA SER A 176 -23.97 -24.87 -30.68
C SER A 176 -23.02 -26.06 -30.65
N GLY A 177 -22.28 -26.18 -29.56
CA GLY A 177 -21.36 -27.29 -29.38
C GLY A 177 -20.04 -27.14 -30.10
N VAL A 178 -19.75 -25.94 -30.59
CA VAL A 178 -18.49 -25.68 -31.27
C VAL A 178 -17.42 -25.20 -30.29
N HIS A 179 -16.29 -25.90 -30.28
CA HIS A 179 -15.13 -25.49 -29.49
C HIS A 179 -13.88 -25.46 -30.35
N THR A 180 -13.38 -24.26 -30.62
CA THR A 180 -12.11 -24.10 -31.35
C THR A 180 -10.99 -23.86 -30.36
N PHE A 181 -9.98 -24.73 -30.38
CA PHE A 181 -8.95 -24.69 -29.35
C PHE A 181 -7.83 -23.70 -29.66
N PRO A 182 -7.23 -23.12 -28.60
CA PRO A 182 -5.99 -22.35 -28.77
C PRO A 182 -4.95 -23.16 -29.52
N ALA A 183 -4.19 -22.49 -30.37
CA ALA A 183 -3.19 -23.16 -31.19
C ALA A 183 -2.00 -23.63 -30.37
N VAL A 184 -1.36 -24.68 -30.85
CA VAL A 184 -0.08 -25.10 -30.32
C VAL A 184 1.00 -24.47 -31.18
N LEU A 185 2.07 -23.98 -30.54
CA LEU A 185 3.23 -23.50 -31.26
C LEU A 185 4.31 -24.57 -31.19
N GLN A 186 4.57 -25.22 -32.30
CA GLN A 186 5.51 -26.33 -32.33
C GLN A 186 6.95 -25.85 -32.45
N SER A 187 7.89 -26.76 -32.27
CA SER A 187 9.31 -26.42 -32.26
C SER A 187 9.75 -25.84 -33.60
N SER A 188 9.01 -26.18 -34.66
CA SER A 188 9.29 -25.62 -35.98
C SER A 188 9.02 -24.11 -36.06
N GLY A 189 8.30 -23.58 -35.09
CA GLY A 189 7.87 -22.18 -35.16
C GLY A 189 6.55 -22.04 -35.90
N LEU A 190 5.99 -23.16 -36.34
CA LEU A 190 4.67 -23.18 -36.97
C LEU A 190 3.54 -23.54 -35.98
N TYR A 191 2.37 -22.93 -36.16
CA TYR A 191 1.20 -23.19 -35.33
C TYR A 191 0.30 -24.28 -35.91
N SER A 192 -0.39 -25.00 -35.03
CA SER A 192 -1.52 -25.86 -35.39
C SER A 192 -2.65 -25.68 -34.38
N LEU A 193 -3.88 -25.81 -34.84
CA LEU A 193 -5.03 -25.84 -33.92
C LEU A 193 -6.08 -26.82 -34.40
N SER A 194 -7.08 -27.06 -33.55
CA SER A 194 -8.22 -27.89 -33.90
C SER A 194 -9.52 -27.23 -33.48
N SER A 195 -10.57 -27.50 -34.25
CA SER A 195 -11.91 -27.07 -33.90
C SER A 195 -12.78 -28.31 -33.88
N VAL A 196 -13.58 -28.48 -32.83
CA VAL A 196 -14.49 -29.61 -32.77
C VAL A 196 -15.91 -29.14 -32.58
N VAL A 197 -16.83 -29.96 -33.06
CA VAL A 197 -18.24 -29.75 -32.79
C VAL A 197 -18.80 -31.10 -32.37
N THR A 198 -19.59 -31.10 -31.30
CA THR A 198 -20.30 -32.29 -30.88
C THR A 198 -21.72 -32.21 -31.43
N VAL A 199 -22.16 -33.29 -32.07
CA VAL A 199 -23.46 -33.31 -32.75
C VAL A 199 -24.21 -34.60 -32.42
N PRO A 200 -25.54 -34.64 -32.67
CA PRO A 200 -26.28 -35.89 -32.50
C PRO A 200 -25.73 -37.01 -33.38
N SER A 201 -25.58 -38.21 -32.83
CA SER A 201 -25.09 -39.34 -33.61
C SER A 201 -26.04 -39.69 -34.76
N SER A 202 -27.33 -39.45 -34.55
CA SER A 202 -28.36 -39.82 -35.52
C SER A 202 -28.42 -38.86 -36.70
N SER A 203 -27.80 -37.69 -36.55
CA SER A 203 -27.85 -36.67 -37.59
C SER A 203 -26.70 -36.79 -38.58
N LEU A 204 -25.75 -37.68 -38.31
CA LEU A 204 -24.55 -37.81 -39.12
C LEU A 204 -24.84 -38.21 -40.57
N GLY A 205 -26.01 -38.82 -40.80
CA GLY A 205 -26.37 -39.27 -42.12
C GLY A 205 -27.03 -38.23 -42.99
N THR A 206 -27.82 -37.35 -42.36
CA THR A 206 -28.58 -36.35 -43.11
C THR A 206 -27.93 -34.97 -43.09
N GLN A 207 -27.32 -34.61 -41.97
CA GLN A 207 -26.79 -33.27 -41.79
C GLN A 207 -25.40 -33.10 -42.40
N THR A 208 -25.15 -31.92 -42.93
CA THR A 208 -23.85 -31.59 -43.52
C THR A 208 -23.04 -30.70 -42.57
N TYR A 209 -21.78 -31.07 -42.34
CA TYR A 209 -20.88 -30.28 -41.50
C TYR A 209 -19.64 -29.84 -42.27
N ILE A 210 -19.52 -28.53 -42.46
CA ILE A 210 -18.36 -27.97 -43.16
C ILE A 210 -17.62 -26.98 -42.26
N CYS A 211 -16.32 -27.20 -42.06
CA CYS A 211 -15.53 -26.22 -41.32
C CYS A 211 -14.92 -25.20 -42.28
N ASN A 212 -15.06 -23.93 -41.94
CA ASN A 212 -14.45 -22.86 -42.71
C ASN A 212 -13.20 -22.37 -41.97
N VAL A 213 -12.04 -22.51 -42.61
CA VAL A 213 -10.77 -22.09 -42.03
C VAL A 213 -10.25 -20.85 -42.75
N ASN A 214 -10.04 -19.77 -42.00
CA ASN A 214 -9.47 -18.55 -42.54
C ASN A 214 -8.08 -18.26 -41.97
N HIS A 215 -7.11 -18.05 -42.86
CA HIS A 215 -5.79 -17.57 -42.47
C HIS A 215 -5.47 -16.36 -43.33
N LYS A 216 -5.78 -15.18 -42.80
CA LYS A 216 -5.64 -13.93 -43.53
C LYS A 216 -4.20 -13.60 -44.01
N PRO A 217 -3.16 -13.83 -43.18
CA PRO A 217 -1.81 -13.48 -43.64
C PRO A 217 -1.39 -14.19 -44.92
N SER A 218 -1.96 -15.37 -45.17
CA SER A 218 -1.61 -16.12 -46.36
C SER A 218 -2.76 -16.05 -47.35
N ASN A 219 -3.74 -15.21 -47.04
CA ASN A 219 -5.00 -15.14 -47.77
C ASN A 219 -5.56 -16.53 -48.09
N THR A 220 -5.68 -17.36 -47.06
CA THR A 220 -6.22 -18.70 -47.20
C THR A 220 -7.62 -18.79 -46.62
N LYS A 221 -8.59 -19.16 -47.47
CA LYS A 221 -9.94 -19.49 -47.02
C LYS A 221 -10.29 -20.86 -47.56
N VAL A 222 -10.34 -21.84 -46.66
CA VAL A 222 -10.58 -23.21 -47.05
C VAL A 222 -11.80 -23.78 -46.33
N ASP A 223 -12.66 -24.44 -47.09
CA ASP A 223 -13.79 -25.18 -46.53
C ASP A 223 -13.49 -26.66 -46.62
N LYS A 224 -13.76 -27.40 -45.55
CA LYS A 224 -13.61 -28.85 -45.60
C LYS A 224 -14.84 -29.53 -45.02
N ARG A 225 -15.49 -30.34 -45.86
CA ARG A 225 -16.64 -31.11 -45.43
C ARG A 225 -16.17 -32.29 -44.58
N VAL A 226 -16.80 -32.47 -43.42
CA VAL A 226 -16.39 -33.53 -42.51
C VAL A 226 -17.51 -34.54 -42.37
N GLU A 227 -17.22 -35.79 -42.70
CA GLU A 227 -18.27 -36.81 -42.71
C GLU A 227 -17.75 -38.14 -42.17
N PRO A 228 -18.67 -39.03 -41.74
CA PRO A 228 -18.31 -40.30 -41.10
C PRO A 228 -17.42 -41.21 -41.93
N LYS A 229 -16.92 -42.26 -41.29
CA LYS A 229 -16.08 -43.26 -41.93
C LYS A 229 -14.79 -42.65 -42.49
N TYR B 2 23.19 -31.84 -12.40
CA TYR B 2 22.42 -31.99 -11.18
C TYR B 2 20.95 -31.65 -11.42
N GLU B 3 20.06 -32.46 -10.86
CA GLU B 3 18.64 -32.38 -11.18
C GLU B 3 17.75 -32.05 -9.98
N LEU B 4 16.91 -31.02 -10.13
CA LEU B 4 15.91 -30.66 -9.13
C LEU B 4 14.50 -30.86 -9.66
N THR B 5 13.70 -31.70 -8.99
CA THR B 5 12.35 -31.96 -9.50
C THR B 5 11.27 -31.55 -8.50
N GLN B 6 10.23 -30.89 -9.01
CA GLN B 6 9.07 -30.50 -8.22
C GLN B 6 7.81 -31.17 -8.76
N PRO B 7 6.73 -31.22 -7.97
CA PRO B 7 5.45 -31.60 -8.56
C PRO B 7 4.96 -30.52 -9.50
N PRO B 8 4.25 -30.89 -10.58
CA PRO B 8 3.77 -29.90 -11.55
C PRO B 8 2.72 -28.96 -10.96
N SER B 9 1.83 -29.51 -10.15
CA SER B 9 0.68 -28.77 -9.65
C SER B 9 0.44 -28.99 -8.16
N VAL B 10 0.04 -27.92 -7.48
CA VAL B 10 -0.44 -28.02 -6.10
C VAL B 10 -1.71 -27.20 -6.01
N SER B 11 -2.78 -27.80 -5.50
CA SER B 11 -4.07 -27.12 -5.42
C SER B 11 -4.52 -27.02 -3.98
N VAL B 12 -5.08 -25.88 -3.63
CA VAL B 12 -5.40 -25.59 -2.24
C VAL B 12 -6.55 -24.60 -2.14
N SER B 13 -7.44 -24.82 -1.18
CA SER B 13 -8.52 -23.87 -0.89
C SER B 13 -7.95 -22.70 -0.08
N PRO B 14 -8.58 -21.52 -0.19
CA PRO B 14 -8.12 -20.37 0.60
C PRO B 14 -8.08 -20.69 2.10
N GLY B 15 -7.01 -20.32 2.79
CA GLY B 15 -6.89 -20.58 4.21
C GLY B 15 -6.17 -21.88 4.52
N GLN B 16 -6.21 -22.83 3.59
CA GLN B 16 -5.49 -24.09 3.78
C GLN B 16 -4.00 -23.87 3.57
N THR B 17 -3.20 -24.89 3.84
CA THR B 17 -1.76 -24.77 3.69
C THR B 17 -1.26 -25.44 2.42
N ALA B 18 -0.50 -24.71 1.61
CA ALA B 18 0.11 -25.29 0.42
C ALA B 18 1.53 -25.72 0.74
N SER B 19 1.86 -26.96 0.40
CA SER B 19 3.22 -27.46 0.61
C SER B 19 3.84 -27.88 -0.71
N ILE B 20 4.97 -27.28 -1.02
CA ILE B 20 5.63 -27.51 -2.30
C ILE B 20 7.01 -28.10 -2.07
N THR B 21 7.24 -29.29 -2.61
CA THR B 21 8.50 -29.97 -2.41
C THR B 21 9.40 -29.84 -3.62
N CYS B 22 10.67 -30.12 -3.38
CA CYS B 22 11.73 -30.02 -4.37
C CYS B 22 12.77 -31.05 -4.00
N SER B 23 13.04 -31.97 -4.91
CA SER B 23 13.92 -33.10 -4.61
C SER B 23 15.21 -33.06 -5.41
N GLY B 24 16.28 -33.54 -4.80
CA GLY B 24 17.58 -33.60 -5.41
C GLY B 24 18.52 -34.41 -4.55
N ASP B 25 19.54 -35.00 -5.18
CA ASP B 25 20.52 -35.80 -4.46
C ASP B 25 21.30 -34.94 -3.47
N LYS B 26 21.19 -35.27 -2.19
CA LYS B 26 21.85 -34.53 -1.12
C LYS B 26 21.55 -33.04 -1.20
N LEU B 27 20.29 -32.69 -1.42
CA LEU B 27 19.88 -31.30 -1.49
C LEU B 27 20.08 -30.62 -0.14
N GLY B 28 20.05 -31.42 0.92
CA GLY B 28 20.29 -30.93 2.27
C GLY B 28 21.66 -30.32 2.48
N ASP B 29 22.63 -30.72 1.65
CA ASP B 29 23.98 -30.18 1.72
C ASP B 29 24.12 -28.88 0.92
N LYS B 30 23.07 -28.51 0.21
CA LYS B 30 23.09 -27.28 -0.57
C LYS B 30 22.11 -26.28 0.03
N TYR B 31 22.32 -24.99 -0.24
CA TYR B 31 21.35 -23.99 0.18
C TYR B 31 20.27 -23.82 -0.88
N ALA B 32 19.01 -23.83 -0.44
CA ALA B 32 17.88 -23.76 -1.36
C ALA B 32 17.22 -22.39 -1.34
N CYS B 33 16.82 -21.92 -2.51
CA CYS B 33 16.06 -20.69 -2.65
C CYS B 33 14.74 -20.97 -3.35
N TRP B 34 13.75 -20.13 -3.10
CA TRP B 34 12.46 -20.27 -3.75
C TRP B 34 12.04 -18.96 -4.40
N TYR B 35 11.54 -19.05 -5.63
CA TYR B 35 11.07 -17.88 -6.38
C TYR B 35 9.60 -18.02 -6.76
N GLN B 36 8.86 -16.94 -6.59
CA GLN B 36 7.47 -16.88 -6.96
C GLN B 36 7.35 -16.13 -8.30
N GLN B 37 6.61 -16.69 -9.25
CA GLN B 37 6.42 -16.02 -10.54
C GLN B 37 4.98 -16.07 -11.04
N LYS B 38 4.40 -14.90 -11.26
CA LYS B 38 3.05 -14.77 -11.81
C LYS B 38 3.14 -14.52 -13.31
N PRO B 39 2.10 -14.91 -14.08
CA PRO B 39 2.17 -14.83 -15.55
C PRO B 39 2.57 -13.45 -16.05
N GLY B 40 3.59 -13.40 -16.91
CA GLY B 40 4.01 -12.16 -17.51
C GLY B 40 4.85 -11.27 -16.61
N GLN B 41 5.22 -11.79 -15.43
CA GLN B 41 6.04 -11.01 -14.51
C GLN B 41 7.38 -11.67 -14.22
N SER B 42 8.33 -10.87 -13.72
CA SER B 42 9.62 -11.40 -13.31
C SER B 42 9.50 -12.23 -12.02
N PRO B 43 10.39 -13.22 -11.84
CA PRO B 43 10.39 -14.02 -10.62
C PRO B 43 10.69 -13.18 -9.38
N VAL B 44 10.15 -13.59 -8.24
CA VAL B 44 10.39 -12.86 -6.98
C VAL B 44 10.89 -13.83 -5.91
N LEU B 45 12.07 -13.54 -5.37
CA LEU B 45 12.64 -14.36 -4.31
C LEU B 45 11.75 -14.30 -3.06
N VAL B 46 11.32 -15.47 -2.59
CA VAL B 46 10.50 -15.51 -1.37
C VAL B 46 11.21 -16.20 -0.20
N ILE B 47 12.16 -17.08 -0.49
CA ILE B 47 12.96 -17.77 0.53
C ILE B 47 14.38 -17.95 0.02
N TYR B 48 15.38 -17.60 0.83
CA TYR B 48 16.77 -17.93 0.50
C TYR B 48 17.47 -18.62 1.67
N GLN B 49 18.62 -19.22 1.39
CA GLN B 49 19.39 -20.03 2.33
C GLN B 49 18.58 -21.05 3.13
N ASP B 50 17.68 -21.74 2.44
CA ASP B 50 16.80 -22.76 3.00
C ASP B 50 15.61 -22.35 3.87
N SER B 51 15.67 -21.15 4.45
CA SER B 51 14.56 -20.75 5.33
C SER B 51 14.50 -19.27 5.62
N LYS B 52 15.42 -18.51 5.05
CA LYS B 52 15.46 -17.07 5.32
C LYS B 52 14.50 -16.33 4.39
N ARG B 53 13.82 -15.35 4.96
CA ARG B 53 12.78 -14.65 4.26
C ARG B 53 13.18 -13.19 4.02
N PRO B 54 13.31 -12.80 2.74
CA PRO B 54 13.60 -11.40 2.40
C PRO B 54 12.58 -10.46 3.02
N SER B 55 13.00 -9.23 3.33
CA SER B 55 12.07 -8.24 3.83
C SER B 55 11.03 -7.94 2.77
N GLY B 56 9.79 -7.75 3.19
CA GLY B 56 8.70 -7.49 2.26
C GLY B 56 7.91 -8.75 1.94
N ILE B 57 8.44 -9.90 2.32
CA ILE B 57 7.77 -11.18 2.08
C ILE B 57 6.92 -11.55 3.30
N PRO B 58 5.64 -11.86 3.09
CA PRO B 58 4.73 -12.23 4.19
C PRO B 58 5.27 -13.42 4.98
N GLU B 59 5.09 -13.44 6.29
CA GLU B 59 5.71 -14.51 7.07
C GLU B 59 4.90 -15.80 7.00
N ARG B 60 3.83 -15.80 6.22
CA ARG B 60 3.10 -17.02 5.96
C ARG B 60 3.92 -17.92 5.02
N PHE B 61 4.95 -17.34 4.40
CA PHE B 61 5.92 -18.11 3.64
C PHE B 61 7.07 -18.63 4.52
N SER B 62 7.29 -19.94 4.51
CA SER B 62 8.46 -20.49 5.19
C SER B 62 9.06 -21.63 4.38
N GLY B 63 10.33 -21.91 4.64
CA GLY B 63 11.03 -22.98 3.96
C GLY B 63 11.85 -23.88 4.87
N SER B 64 12.12 -25.09 4.37
CA SER B 64 12.98 -26.04 5.07
C SER B 64 13.76 -26.86 4.04
N ASN B 65 14.89 -27.43 4.47
CA ASN B 65 15.70 -28.26 3.59
C ASN B 65 16.45 -29.34 4.37
N SER B 66 16.09 -30.60 4.14
CA SER B 66 16.69 -31.73 4.84
C SER B 66 16.77 -32.97 3.95
N GLY B 67 17.91 -33.67 4.01
CA GLY B 67 18.11 -34.87 3.23
C GLY B 67 18.11 -34.59 1.73
N ASN B 68 17.05 -35.02 1.05
CA ASN B 68 16.92 -34.80 -0.39
C ASN B 68 15.83 -33.79 -0.72
N THR B 69 15.15 -33.29 0.31
CA THR B 69 13.92 -32.52 0.10
C THR B 69 13.98 -31.09 0.62
N ALA B 70 13.64 -30.14 -0.24
CA ALA B 70 13.40 -28.77 0.20
C ALA B 70 11.92 -28.47 0.08
N THR B 71 11.33 -27.92 1.13
CA THR B 71 9.90 -27.67 1.16
C THR B 71 9.59 -26.19 1.39
N LEU B 72 8.78 -25.64 0.50
CA LEU B 72 8.24 -24.30 0.72
C LEU B 72 6.81 -24.41 1.24
N THR B 73 6.52 -23.70 2.32
CA THR B 73 5.23 -23.79 2.96
C THR B 73 4.51 -22.45 3.01
N ILE B 74 3.28 -22.44 2.55
CA ILE B 74 2.47 -21.23 2.58
C ILE B 74 1.27 -21.49 3.46
N SER B 75 1.30 -20.94 4.68
CA SER B 75 0.19 -21.12 5.59
C SER B 75 -0.85 -20.06 5.30
N GLY B 76 -2.12 -20.39 5.51
CA GLY B 76 -3.21 -19.46 5.26
C GLY B 76 -3.20 -18.88 3.86
N THR B 77 -2.91 -19.72 2.87
CA THR B 77 -2.79 -19.28 1.49
C THR B 77 -3.96 -18.39 1.08
N GLN B 78 -3.65 -17.31 0.38
CA GLN B 78 -4.67 -16.43 -0.16
C GLN B 78 -4.58 -16.45 -1.68
N ALA B 79 -5.53 -15.79 -2.32
CA ALA B 79 -5.61 -15.80 -3.78
C ALA B 79 -4.35 -15.21 -4.42
N MET B 80 -3.75 -14.21 -3.76
CA MET B 80 -2.57 -13.54 -4.31
C MET B 80 -1.35 -14.47 -4.29
N ASP B 81 -1.47 -15.62 -3.64
CA ASP B 81 -0.36 -16.56 -3.56
C ASP B 81 -0.34 -17.48 -4.78
N GLU B 82 -1.40 -17.44 -5.58
CA GLU B 82 -1.48 -18.31 -6.76
C GLU B 82 -0.43 -17.86 -7.77
N ALA B 83 0.43 -18.80 -8.17
CA ALA B 83 1.59 -18.52 -9.01
C ALA B 83 2.37 -19.79 -9.27
N ASP B 84 3.40 -19.68 -10.10
CA ASP B 84 4.39 -20.74 -10.25
C ASP B 84 5.52 -20.55 -9.23
N TYR B 85 5.94 -21.64 -8.60
CA TYR B 85 7.03 -21.58 -7.65
C TYR B 85 8.18 -22.45 -8.12
N TYR B 86 9.38 -21.88 -8.08
CA TYR B 86 10.59 -22.57 -8.51
C TYR B 86 11.59 -22.65 -7.36
N CYS B 87 12.13 -23.83 -7.11
CA CYS B 87 13.25 -23.95 -6.19
C CYS B 87 14.55 -23.73 -6.95
N GLN B 88 15.62 -23.42 -6.23
CA GLN B 88 16.90 -23.07 -6.86
C GLN B 88 18.09 -23.44 -5.98
N ALA B 89 19.14 -24.00 -6.57
CA ALA B 89 20.37 -24.32 -5.84
C ALA B 89 21.60 -24.19 -6.74
N TRP B 90 22.77 -24.46 -6.18
CA TRP B 90 24.02 -24.36 -6.95
C TRP B 90 24.73 -25.70 -7.15
N ASP B 91 25.46 -25.79 -8.25
CA ASP B 91 26.37 -26.90 -8.55
C ASP B 91 27.68 -26.29 -9.04
N SER B 92 28.66 -26.21 -8.14
CA SER B 92 29.88 -25.44 -8.40
C SER B 92 29.49 -24.00 -8.75
N SER B 93 29.94 -23.51 -9.89
CA SER B 93 29.57 -22.17 -10.33
C SER B 93 28.22 -22.15 -11.05
N THR B 94 27.63 -23.33 -11.26
CA THR B 94 26.37 -23.47 -11.99
C THR B 94 25.14 -23.31 -11.10
N VAL B 95 24.19 -22.49 -11.55
CA VAL B 95 22.90 -22.34 -10.88
C VAL B 95 21.87 -23.30 -11.48
N VAL B 96 21.11 -23.96 -10.62
CA VAL B 96 20.12 -24.94 -11.05
C VAL B 96 18.71 -24.59 -10.56
N PHE B 97 17.72 -24.70 -11.45
CA PHE B 97 16.33 -24.45 -11.09
C PHE B 97 15.53 -25.74 -11.08
N GLY B 98 14.53 -25.80 -10.20
CA GLY B 98 13.60 -26.92 -10.18
C GLY B 98 12.63 -26.80 -11.35
N THR B 99 11.84 -27.85 -11.57
CA THR B 99 10.94 -27.92 -12.71
C THR B 99 9.78 -26.93 -12.59
N GLY B 100 9.55 -26.41 -11.39
CA GLY B 100 8.46 -25.46 -11.19
C GLY B 100 7.15 -26.11 -10.80
N THR B 101 6.42 -25.45 -9.90
CA THR B 101 5.15 -25.93 -9.40
C THR B 101 4.08 -24.86 -9.56
N LYS B 102 2.99 -25.21 -10.23
CA LYS B 102 1.88 -24.29 -10.35
C LYS B 102 0.96 -24.42 -9.13
N VAL B 103 0.81 -23.33 -8.39
CA VAL B 103 -0.05 -23.37 -7.21
C VAL B 103 -1.39 -22.74 -7.54
N THR B 104 -2.46 -23.51 -7.45
CA THR B 104 -3.78 -22.95 -7.66
C THR B 104 -4.46 -22.76 -6.32
N VAL B 105 -5.03 -21.58 -6.13
CA VAL B 105 -5.89 -21.33 -4.97
C VAL B 105 -7.32 -21.37 -5.47
N LEU B 106 -8.08 -22.38 -5.03
CA LEU B 106 -9.37 -22.70 -5.61
C LEU B 106 -10.37 -21.54 -5.52
N GLY B 107 -11.00 -21.23 -6.65
CA GLY B 107 -11.94 -20.13 -6.75
C GLY B 107 -13.25 -20.53 -7.42
N GLN B 108 -13.35 -21.82 -7.73
CA GLN B 108 -14.58 -22.38 -8.26
C GLN B 108 -14.51 -23.88 -7.98
N PRO B 109 -15.63 -24.60 -8.15
CA PRO B 109 -15.57 -26.05 -7.95
C PRO B 109 -14.54 -26.75 -8.85
N LYS B 110 -13.95 -27.83 -8.35
CA LYS B 110 -13.08 -28.66 -9.17
C LYS B 110 -13.90 -29.29 -10.31
N ALA B 111 -13.24 -29.52 -11.44
CA ALA B 111 -13.92 -30.05 -12.62
C ALA B 111 -12.96 -30.95 -13.39
N ALA B 112 -13.36 -32.20 -13.60
CA ALA B 112 -12.51 -33.18 -14.28
C ALA B 112 -12.59 -32.91 -15.78
N PRO B 113 -11.49 -33.17 -16.49
CA PRO B 113 -11.43 -32.86 -17.93
C PRO B 113 -12.25 -33.80 -18.80
N SER B 114 -12.85 -33.23 -19.85
CA SER B 114 -13.40 -34.03 -20.95
C SER B 114 -12.29 -34.23 -21.97
N VAL B 115 -12.10 -35.48 -22.39
CA VAL B 115 -11.01 -35.78 -23.32
C VAL B 115 -11.54 -36.39 -24.62
N THR B 116 -11.13 -35.83 -25.75
CA THR B 116 -11.45 -36.39 -27.06
C THR B 116 -10.17 -36.66 -27.84
N LEU B 117 -9.98 -37.90 -28.26
CA LEU B 117 -8.80 -38.27 -29.04
C LEU B 117 -9.18 -38.59 -30.49
N PHE B 118 -8.53 -37.92 -31.44
CA PHE B 118 -8.74 -38.20 -32.87
C PHE B 118 -7.52 -38.86 -33.50
N PRO B 119 -7.76 -39.87 -34.36
CA PRO B 119 -6.70 -40.52 -35.15
C PRO B 119 -6.27 -39.69 -36.36
N PRO B 120 -5.15 -40.06 -36.99
CA PRO B 120 -4.78 -39.40 -38.26
C PRO B 120 -5.88 -39.57 -39.30
N SER B 121 -6.19 -38.52 -40.05
CA SER B 121 -7.19 -38.63 -41.12
C SER B 121 -6.58 -39.39 -42.29
N SER B 122 -7.45 -39.92 -43.15
CA SER B 122 -7.02 -40.54 -44.40
C SER B 122 -6.24 -39.53 -45.23
N GLU B 123 -6.83 -38.34 -45.36
CA GLU B 123 -6.25 -37.24 -46.13
C GLU B 123 -4.84 -36.91 -45.69
N GLU B 124 -4.57 -37.00 -44.38
CA GLU B 124 -3.22 -36.71 -43.89
C GLU B 124 -2.29 -37.88 -44.13
N LEU B 125 -2.81 -39.10 -43.97
CA LEU B 125 -2.03 -40.31 -44.18
C LEU B 125 -1.58 -40.41 -45.64
N GLN B 126 -2.38 -39.82 -46.52
CA GLN B 126 -2.04 -39.76 -47.93
C GLN B 126 -0.78 -38.91 -48.13
N ALA B 127 -0.72 -37.78 -47.43
CA ALA B 127 0.39 -36.85 -47.58
C ALA B 127 1.64 -37.33 -46.85
N ASN B 128 1.69 -38.62 -46.53
CA ASN B 128 2.82 -39.23 -45.85
C ASN B 128 3.11 -38.59 -44.48
N LYS B 129 2.05 -38.10 -43.82
CA LYS B 129 2.19 -37.53 -42.47
C LYS B 129 1.07 -38.06 -41.59
N ALA B 130 1.25 -37.97 -40.27
CA ALA B 130 0.25 -38.45 -39.33
C ALA B 130 0.33 -37.71 -37.99
N THR B 131 -0.81 -37.25 -37.50
CA THR B 131 -0.88 -36.60 -36.20
C THR B 131 -2.06 -37.11 -35.38
N LEU B 132 -1.79 -37.40 -34.12
CA LEU B 132 -2.86 -37.70 -33.17
C LEU B 132 -3.26 -36.40 -32.47
N VAL B 133 -4.56 -36.21 -32.28
CA VAL B 133 -5.09 -34.96 -31.71
C VAL B 133 -5.87 -35.25 -30.43
N CYS B 134 -5.30 -34.89 -29.29
CA CYS B 134 -5.93 -35.08 -27.98
C CYS B 134 -6.42 -33.74 -27.42
N LEU B 135 -7.73 -33.58 -27.33
CA LEU B 135 -8.34 -32.33 -26.90
C LEU B 135 -8.92 -32.43 -25.51
N ILE B 136 -8.55 -31.49 -24.65
CA ILE B 136 -8.86 -31.55 -23.23
C ILE B 136 -9.63 -30.29 -22.82
N SER B 137 -10.83 -30.48 -22.29
N SER B 137 -10.82 -30.47 -22.29
CA SER B 137 -11.73 -29.36 -22.06
CA SER B 137 -11.70 -29.32 -22.03
C SER B 137 -12.42 -29.38 -20.69
C SER B 137 -12.39 -29.38 -20.68
N ASP B 138 -12.91 -28.22 -20.29
CA ASP B 138 -13.76 -28.08 -19.10
C ASP B 138 -13.14 -28.54 -17.78
N PHE B 139 -11.84 -28.29 -17.58
CA PHE B 139 -11.25 -28.70 -16.32
C PHE B 139 -10.82 -27.53 -15.44
N TYR B 140 -10.80 -27.79 -14.14
CA TYR B 140 -10.33 -26.83 -13.15
C TYR B 140 -9.87 -27.59 -11.91
N PRO B 141 -8.71 -27.23 -11.34
CA PRO B 141 -7.75 -26.20 -11.74
C PRO B 141 -7.15 -26.38 -13.14
N GLY B 142 -6.59 -25.30 -13.67
CA GLY B 142 -6.00 -25.31 -14.99
C GLY B 142 -4.60 -25.88 -14.99
N ALA B 143 -4.51 -27.16 -14.64
CA ALA B 143 -3.23 -27.86 -14.61
C ALA B 143 -3.44 -29.31 -14.97
N VAL B 144 -2.73 -29.76 -16.00
CA VAL B 144 -2.88 -31.12 -16.49
C VAL B 144 -1.50 -31.65 -16.88
N THR B 145 -1.30 -32.95 -16.79
CA THR B 145 -0.14 -33.58 -17.43
C THR B 145 -0.60 -34.65 -18.41
N VAL B 146 0.00 -34.65 -19.59
CA VAL B 146 -0.39 -35.55 -20.67
C VAL B 146 0.68 -36.57 -20.98
N ALA B 147 0.29 -37.84 -21.08
CA ALA B 147 1.23 -38.89 -21.41
C ALA B 147 0.71 -39.68 -22.61
N TRP B 148 1.56 -39.86 -23.61
CA TRP B 148 1.20 -40.64 -24.78
C TRP B 148 1.77 -42.04 -24.70
N LYS B 149 1.02 -43.02 -25.20
CA LYS B 149 1.51 -44.39 -25.23
C LYS B 149 1.20 -45.08 -26.55
N ALA B 150 2.23 -45.70 -27.13
CA ALA B 150 2.06 -46.59 -28.27
C ALA B 150 1.92 -48.01 -27.75
N ASP B 151 0.76 -48.61 -27.97
CA ASP B 151 0.36 -49.84 -27.29
C ASP B 151 0.46 -49.66 -25.78
N SER B 152 1.57 -50.10 -25.20
CA SER B 152 1.76 -50.07 -23.76
C SER B 152 3.00 -49.26 -23.38
N SER B 153 3.74 -48.82 -24.37
CA SER B 153 5.02 -48.13 -24.16
C SER B 153 4.87 -46.62 -24.23
N PRO B 154 5.46 -45.91 -23.27
CA PRO B 154 5.41 -44.44 -23.27
C PRO B 154 6.18 -43.84 -24.44
N VAL B 155 5.57 -42.84 -25.09
CA VAL B 155 6.22 -42.11 -26.17
C VAL B 155 6.48 -40.68 -25.72
N LYS B 156 7.65 -40.14 -26.05
CA LYS B 156 7.95 -38.76 -25.70
C LYS B 156 8.34 -37.93 -26.92
N ALA B 157 8.78 -38.59 -27.98
CA ALA B 157 9.19 -37.90 -29.20
C ALA B 157 7.98 -37.49 -30.03
N GLY B 158 7.99 -36.27 -30.54
CA GLY B 158 6.95 -35.79 -31.41
C GLY B 158 5.73 -35.32 -30.66
N VAL B 159 5.88 -35.10 -29.37
CA VAL B 159 4.76 -34.64 -28.55
C VAL B 159 4.80 -33.13 -28.36
N GLU B 160 3.69 -32.47 -28.65
CA GLU B 160 3.60 -31.04 -28.41
C GLU B 160 2.27 -30.75 -27.70
N THR B 161 2.36 -30.08 -26.56
CA THR B 161 1.21 -29.86 -25.70
C THR B 161 1.08 -28.39 -25.33
N THR B 162 -0.13 -27.84 -25.38
CA THR B 162 -0.32 -26.44 -25.04
C THR B 162 -0.35 -26.23 -23.52
N THR B 163 -0.17 -24.97 -23.12
CA THR B 163 -0.44 -24.58 -21.75
C THR B 163 -1.94 -24.40 -21.63
N PRO B 164 -2.52 -24.78 -20.49
CA PRO B 164 -3.97 -24.61 -20.33
C PRO B 164 -4.37 -23.14 -20.44
N SER B 165 -5.55 -22.85 -20.98
CA SER B 165 -6.03 -21.48 -21.00
C SER B 165 -7.53 -21.44 -20.78
N LYS B 166 -8.02 -20.32 -20.27
CA LYS B 166 -9.43 -20.20 -19.90
C LYS B 166 -10.39 -20.24 -21.09
N GLN B 167 -11.49 -20.97 -20.92
CA GLN B 167 -12.57 -20.97 -21.91
C GLN B 167 -13.57 -19.89 -21.55
N SER B 168 -14.62 -19.74 -22.34
CA SER B 168 -15.62 -18.72 -22.07
C SER B 168 -16.61 -19.17 -20.99
N ASN B 169 -16.30 -20.27 -20.30
CA ASN B 169 -17.07 -20.66 -19.12
C ASN B 169 -16.21 -20.73 -17.87
N ASN B 170 -15.02 -20.12 -17.96
CA ASN B 170 -14.07 -19.99 -16.85
C ASN B 170 -13.36 -21.28 -16.41
N LYS B 171 -13.63 -22.38 -17.12
CA LYS B 171 -12.84 -23.58 -16.93
C LYS B 171 -11.67 -23.53 -17.93
N TYR B 172 -10.81 -24.55 -17.95
CA TYR B 172 -9.64 -24.50 -18.82
C TYR B 172 -9.66 -25.50 -19.96
N ALA B 173 -8.94 -25.19 -21.02
CA ALA B 173 -8.77 -26.10 -22.15
C ALA B 173 -7.29 -26.25 -22.49
N ALA B 174 -6.92 -27.43 -22.97
CA ALA B 174 -5.59 -27.65 -23.51
C ALA B 174 -5.67 -28.69 -24.61
N SER B 175 -4.62 -28.82 -25.40
CA SER B 175 -4.57 -29.86 -26.39
C SER B 175 -3.15 -30.38 -26.54
N SER B 176 -3.05 -31.63 -26.96
CA SER B 176 -1.76 -32.26 -27.16
C SER B 176 -1.75 -32.92 -28.53
N TYR B 177 -0.62 -32.81 -29.20
CA TYR B 177 -0.45 -33.38 -30.53
C TYR B 177 0.70 -34.37 -30.53
N LEU B 178 0.48 -35.53 -31.11
CA LEU B 178 1.54 -36.51 -31.30
C LEU B 178 1.83 -36.69 -32.78
N SER B 179 3.02 -36.29 -33.20
CA SER B 179 3.43 -36.42 -34.60
C SER B 179 4.09 -37.77 -34.87
N LEU B 180 3.62 -38.45 -35.91
CA LEU B 180 4.12 -39.77 -36.27
C LEU B 180 4.23 -39.91 -37.79
N THR B 181 5.00 -40.91 -38.22
CA THR B 181 4.98 -41.31 -39.63
C THR B 181 3.84 -42.30 -39.84
N PRO B 182 3.25 -42.34 -41.05
CA PRO B 182 2.18 -43.30 -41.35
C PRO B 182 2.58 -44.74 -41.03
N GLU B 183 3.87 -45.03 -41.13
CA GLU B 183 4.40 -46.35 -40.81
C GLU B 183 4.32 -46.64 -39.31
N GLN B 184 4.80 -45.68 -38.51
CA GLN B 184 4.74 -45.80 -37.05
C GLN B 184 3.30 -46.01 -36.57
N TRP B 185 2.36 -45.34 -37.23
CA TRP B 185 0.95 -45.42 -36.91
C TRP B 185 0.40 -46.83 -37.16
N LYS B 186 0.79 -47.42 -38.27
CA LYS B 186 0.35 -48.77 -38.64
C LYS B 186 1.13 -49.84 -37.89
N SER B 187 2.31 -49.50 -37.40
CA SER B 187 3.21 -50.46 -36.75
C SER B 187 2.75 -50.88 -35.35
N HIS B 188 1.77 -50.18 -34.80
CA HIS B 188 1.27 -50.51 -33.46
C HIS B 188 -0.21 -50.83 -33.50
N ARG B 189 -0.70 -51.49 -32.46
CA ARG B 189 -2.10 -51.90 -32.44
C ARG B 189 -2.99 -50.80 -31.86
N SER B 190 -2.37 -49.90 -31.10
CA SER B 190 -3.12 -48.94 -30.32
C SER B 190 -2.29 -47.70 -29.93
N TYR B 191 -2.96 -46.57 -29.86
CA TYR B 191 -2.37 -45.35 -29.31
C TYR B 191 -3.30 -44.75 -28.26
N SER B 192 -2.72 -44.28 -27.16
CA SER B 192 -3.53 -43.74 -26.08
C SER B 192 -3.07 -42.36 -25.66
N CYS B 193 -4.04 -41.52 -25.30
CA CYS B 193 -3.76 -40.23 -24.67
C CYS B 193 -4.21 -40.30 -23.21
N GLN B 194 -3.28 -40.11 -22.28
CA GLN B 194 -3.59 -40.17 -20.86
C GLN B 194 -3.45 -38.81 -20.20
N VAL B 195 -4.55 -38.31 -19.66
CA VAL B 195 -4.60 -36.97 -19.09
C VAL B 195 -4.77 -37.06 -17.57
N THR B 196 -3.79 -36.53 -16.84
CA THR B 196 -3.83 -36.54 -15.39
C THR B 196 -4.25 -35.18 -14.88
N HIS B 197 -5.18 -35.17 -13.93
CA HIS B 197 -5.73 -33.95 -13.36
C HIS B 197 -6.11 -34.18 -11.89
N GLU B 198 -5.46 -33.44 -10.99
CA GLU B 198 -5.73 -33.56 -9.55
C GLU B 198 -5.77 -35.00 -9.07
N GLY B 199 -4.74 -35.78 -9.41
CA GLY B 199 -4.65 -37.16 -8.96
C GLY B 199 -5.43 -38.17 -9.78
N SER B 200 -6.32 -37.71 -10.66
CA SER B 200 -7.08 -38.63 -11.52
C SER B 200 -6.51 -38.65 -12.93
N THR B 201 -6.35 -39.85 -13.47
CA THR B 201 -5.88 -40.01 -14.84
C THR B 201 -6.95 -40.69 -15.68
N VAL B 202 -7.35 -40.05 -16.76
CA VAL B 202 -8.29 -40.63 -17.71
C VAL B 202 -7.62 -40.80 -19.07
N GLU B 203 -8.07 -41.81 -19.80
CA GLU B 203 -7.41 -42.21 -21.03
C GLU B 203 -8.40 -42.35 -22.17
N LYS B 204 -7.99 -41.91 -23.36
CA LYS B 204 -8.74 -42.21 -24.58
C LYS B 204 -7.82 -42.99 -25.50
N THR B 205 -8.39 -43.81 -26.35
CA THR B 205 -7.61 -44.73 -27.17
C THR B 205 -8.15 -44.80 -28.60
N VAL B 206 -7.23 -44.79 -29.57
CA VAL B 206 -7.61 -45.00 -30.97
C VAL B 206 -6.67 -46.02 -31.59
N ALA B 207 -7.14 -46.69 -32.64
CA ALA B 207 -6.36 -47.73 -33.28
C ALA B 207 -6.42 -47.60 -34.80
N PRO B 208 -5.37 -48.05 -35.49
CA PRO B 208 -5.40 -48.04 -36.95
C PRO B 208 -6.37 -49.07 -37.51
N THR B 209 -7.66 -48.92 -37.18
CA THR B 209 -8.69 -49.85 -37.62
C THR B 209 -10.08 -49.25 -37.40
N GLN C 1 4.27 11.12 -6.81
CA GLN C 1 3.03 11.81 -6.44
C GLN C 1 3.33 13.07 -5.64
N VAL C 2 2.34 13.95 -5.57
CA VAL C 2 2.43 15.25 -4.89
C VAL C 2 2.82 15.12 -3.41
N GLN C 3 3.69 16.02 -2.95
CA GLN C 3 4.01 16.09 -1.53
C GLN C 3 4.46 17.50 -1.13
N LEU C 4 4.11 17.91 0.08
CA LEU C 4 4.55 19.16 0.68
C LEU C 4 5.35 18.83 1.93
N VAL C 5 6.56 19.37 2.03
CA VAL C 5 7.43 19.09 3.17
C VAL C 5 7.90 20.36 3.82
N GLU C 6 7.35 20.69 4.99
CA GLU C 6 7.81 21.89 5.67
C GLU C 6 8.85 21.59 6.75
N SER C 7 9.70 22.59 6.99
CA SER C 7 10.80 22.50 7.92
C SER C 7 11.07 23.89 8.46
N GLY C 8 12.02 23.98 9.39
CA GLY C 8 12.29 25.24 10.05
C GLY C 8 11.56 25.28 11.37
N GLY C 9 11.76 26.34 12.14
CA GLY C 9 11.09 26.42 13.42
C GLY C 9 11.86 25.66 14.49
N GLY C 10 11.19 25.41 15.60
CA GLY C 10 11.86 24.88 16.78
C GLY C 10 11.41 25.70 17.97
N VAL C 11 12.18 25.65 19.05
CA VAL C 11 11.87 26.40 20.26
C VAL C 11 12.71 27.67 20.31
N VAL C 12 12.06 28.83 20.19
CA VAL C 12 12.78 30.10 20.10
C VAL C 12 12.21 31.15 21.05
N GLN C 13 13.02 32.17 21.33
CA GLN C 13 12.63 33.27 22.20
C GLN C 13 11.68 34.21 21.50
N PRO C 14 10.81 34.91 22.27
CA PRO C 14 9.98 35.96 21.66
C PRO C 14 10.84 37.05 21.06
N GLY C 15 10.43 37.62 19.93
CA GLY C 15 11.19 38.67 19.28
C GLY C 15 12.19 38.13 18.28
N THR C 16 12.30 36.81 18.21
CA THR C 16 13.17 36.14 17.25
C THR C 16 12.60 36.22 15.83
N SER C 17 13.47 36.25 14.83
CA SER C 17 13.03 36.16 13.44
C SER C 17 13.40 34.80 12.84
N LEU C 18 12.42 34.16 12.21
CA LEU C 18 12.55 32.79 11.73
C LEU C 18 12.05 32.65 10.31
N ARG C 19 12.65 31.75 9.54
CA ARG C 19 12.12 31.41 8.22
C ARG C 19 11.67 29.96 8.14
N LEU C 20 10.42 29.76 7.76
CA LEU C 20 9.93 28.42 7.46
C LEU C 20 10.03 28.16 5.96
N SER C 21 10.17 26.89 5.61
CA SER C 21 10.22 26.49 4.22
C SER C 21 9.24 25.36 3.96
N CYS C 22 8.73 25.31 2.75
CA CYS C 22 7.84 24.25 2.31
C CYS C 22 8.31 23.74 0.95
N GLU C 23 8.91 22.56 0.93
CA GLU C 23 9.44 22.00 -0.31
C GLU C 23 8.37 21.21 -1.06
N ALA C 24 8.06 21.64 -2.27
CA ALA C 24 7.08 20.95 -3.09
C ALA C 24 7.76 19.90 -3.97
N SER C 25 7.04 18.82 -4.23
CA SER C 25 7.54 17.77 -5.12
C SER C 25 6.38 17.09 -5.82
N GLY C 26 6.61 16.64 -7.05
CA GLY C 26 5.58 15.95 -7.82
C GLY C 26 4.58 16.91 -8.44
N PHE C 27 4.91 18.20 -8.41
CA PHE C 27 4.10 19.24 -9.04
C PHE C 27 4.89 20.55 -8.99
N THR C 28 4.49 21.49 -9.83
CA THR C 28 5.15 22.80 -9.88
C THR C 28 4.35 23.81 -9.05
N SER C 29 4.96 24.37 -8.01
CA SER C 29 4.26 25.28 -7.11
C SER C 29 3.98 26.62 -7.79
N SER C 30 4.70 26.89 -8.86
CA SER C 30 4.47 28.10 -9.66
C SER C 30 3.13 28.05 -10.36
N ALA C 31 2.52 26.87 -10.41
CA ALA C 31 1.26 26.69 -11.13
C ALA C 31 0.06 26.73 -10.20
N TYR C 32 0.33 26.81 -8.90
CA TYR C 32 -0.72 26.75 -7.89
C TYR C 32 -0.64 27.92 -6.93
N ALA C 33 -1.77 28.30 -6.36
CA ALA C 33 -1.77 29.24 -5.24
C ALA C 33 -1.51 28.44 -3.96
N MET C 34 -0.73 29.05 -3.06
CA MET C 34 -0.23 28.31 -1.90
C MET C 34 -0.51 29.04 -0.60
N HIS C 35 -0.84 28.28 0.43
CA HIS C 35 -1.20 28.86 1.73
C HIS C 35 -0.35 28.33 2.88
N TRP C 36 -0.20 29.17 3.90
CA TRP C 36 0.25 28.73 5.21
C TRP C 36 -0.93 28.76 6.17
N VAL C 37 -1.10 27.66 6.90
CA VAL C 37 -2.14 27.50 7.90
C VAL C 37 -1.47 27.01 9.19
N ARG C 38 -1.85 27.57 10.34
CA ARG C 38 -1.24 27.14 11.60
C ARG C 38 -2.30 26.68 12.58
N GLN C 39 -1.85 25.95 13.60
CA GLN C 39 -2.75 25.42 14.62
C GLN C 39 -2.04 25.38 15.97
N ALA C 40 -2.52 26.20 16.89
CA ALA C 40 -2.02 26.23 18.26
C ALA C 40 -2.46 24.98 19.01
N PRO C 41 -1.64 24.52 19.99
CA PRO C 41 -1.95 23.29 20.73
C PRO C 41 -3.38 23.23 21.24
N GLY C 42 -4.09 22.17 20.87
CA GLY C 42 -5.47 21.99 21.27
C GLY C 42 -6.45 23.00 20.67
N LYS C 43 -5.98 23.84 19.76
CA LYS C 43 -6.83 24.87 19.19
C LYS C 43 -7.24 24.53 17.76
N GLY C 44 -8.00 25.43 17.13
CA GLY C 44 -8.50 25.21 15.78
C GLY C 44 -7.58 25.72 14.69
N LEU C 45 -7.90 25.40 13.44
CA LEU C 45 -7.09 25.85 12.32
C LEU C 45 -7.18 27.37 12.14
N GLU C 46 -6.04 28.00 11.90
CA GLU C 46 -6.00 29.44 11.64
C GLU C 46 -5.21 29.74 10.38
N TRP C 47 -5.90 30.25 9.36
CA TRP C 47 -5.27 30.63 8.10
C TRP C 47 -4.30 31.78 8.32
N VAL C 48 -3.11 31.68 7.73
CA VAL C 48 -2.09 32.68 7.96
C VAL C 48 -1.84 33.53 6.71
N ALA C 49 -1.57 32.88 5.59
CA ALA C 49 -1.19 33.63 4.40
C ALA C 49 -1.51 32.89 3.12
N VAL C 50 -1.55 33.65 2.02
CA VAL C 50 -1.69 33.08 0.69
C VAL C 50 -0.82 33.84 -0.30
N ILE C 51 -0.15 33.10 -1.18
CA ILE C 51 0.49 33.67 -2.35
C ILE C 51 -0.13 32.98 -3.58
N THR C 52 -0.32 33.71 -4.67
CA THR C 52 -0.89 33.11 -5.87
C THR C 52 0.21 32.48 -6.73
N PHE C 53 -0.18 31.79 -7.79
CA PHE C 53 0.77 31.03 -8.61
C PHE C 53 1.80 31.94 -9.30
N ASP C 54 1.46 33.21 -9.45
CA ASP C 54 2.39 34.20 -9.99
C ASP C 54 3.27 34.77 -8.90
N GLY C 55 2.70 34.84 -7.71
CA GLY C 55 3.02 35.91 -6.79
C GLY C 55 2.00 36.93 -7.25
N GLY C 56 2.32 38.21 -7.20
CA GLY C 56 1.40 39.19 -7.75
C GLY C 56 0.41 39.71 -6.73
N TYR C 57 -0.22 38.81 -5.99
CA TYR C 57 -0.95 39.23 -4.81
C TYR C 57 -0.63 38.35 -3.61
N GLN C 58 0.07 38.95 -2.66
CA GLN C 58 0.40 38.35 -1.39
C GLN C 58 -0.69 38.76 -0.42
N TYR C 59 -1.18 37.85 0.41
CA TYR C 59 -2.14 38.28 1.41
C TYR C 59 -2.03 37.56 2.76
N TYR C 60 -2.27 38.31 3.83
CA TYR C 60 -2.01 37.84 5.18
C TYR C 60 -3.21 38.04 6.12
N ALA C 61 -3.33 37.18 7.12
CA ALA C 61 -4.36 37.36 8.14
C ALA C 61 -4.00 38.54 9.04
N ASP C 62 -5.01 39.15 9.64
CA ASP C 62 -4.81 40.34 10.46
C ASP C 62 -3.79 40.16 11.59
N SER C 63 -3.75 38.96 12.15
CA SER C 63 -2.90 38.69 13.31
C SER C 63 -1.41 38.62 12.98
N VAL C 64 -1.07 38.54 11.69
CA VAL C 64 0.33 38.40 11.30
C VAL C 64 0.80 39.47 10.31
N LYS C 65 -0.07 40.41 9.99
CA LYS C 65 0.27 41.42 8.99
C LYS C 65 1.32 42.39 9.54
N GLY C 66 2.32 42.70 8.72
CA GLY C 66 3.41 43.56 9.12
C GLY C 66 4.50 42.78 9.81
N ARG C 67 4.27 41.49 9.99
CA ARG C 67 5.19 40.63 10.73
C ARG C 67 5.65 39.43 9.91
N PHE C 68 4.71 38.85 9.15
CA PHE C 68 5.00 37.68 8.33
C PHE C 68 4.94 38.04 6.85
N THR C 69 5.86 37.46 6.07
CA THR C 69 5.78 37.58 4.62
C THR C 69 5.89 36.20 3.97
N ILE C 70 5.04 35.93 3.00
CA ILE C 70 5.09 34.68 2.26
C ILE C 70 5.79 34.90 0.91
N SER C 71 6.67 33.97 0.53
CA SER C 71 7.42 34.11 -0.72
C SER C 71 7.68 32.74 -1.35
N ARG C 72 8.14 32.74 -2.60
CA ARG C 72 8.43 31.49 -3.30
C ARG C 72 9.81 31.52 -3.98
N ASP C 73 10.49 30.37 -3.95
CA ASP C 73 11.73 30.20 -4.69
C ASP C 73 11.50 29.16 -5.79
N ILE C 74 11.37 29.65 -7.02
CA ILE C 74 11.08 28.77 -8.15
C ILE C 74 12.30 27.90 -8.47
N SER C 75 13.48 28.47 -8.26
CA SER C 75 14.75 27.73 -8.34
C SER C 75 14.72 26.42 -7.55
N ARG C 76 13.98 26.41 -6.44
CA ARG C 76 13.93 25.27 -5.56
C ARG C 76 12.54 24.64 -5.50
N ASN C 77 11.59 25.23 -6.23
CA ASN C 77 10.17 24.86 -6.15
C ASN C 77 9.74 24.86 -4.69
N THR C 78 10.12 25.91 -3.97
CA THR C 78 9.99 25.97 -2.52
C THR C 78 9.26 27.24 -2.06
N LEU C 79 8.37 27.06 -1.10
CA LEU C 79 7.68 28.16 -0.44
C LEU C 79 8.36 28.57 0.85
N HIS C 80 8.22 29.83 1.22
CA HIS C 80 8.81 30.33 2.45
C HIS C 80 7.81 31.16 3.25
N LEU C 81 7.95 31.10 4.57
CA LEU C 81 7.24 32.00 5.46
C LEU C 81 8.26 32.70 6.34
N HIS C 82 8.52 33.97 6.06
CA HIS C 82 9.44 34.76 6.85
C HIS C 82 8.70 35.35 8.03
N MET C 83 9.07 34.92 9.22
CA MET C 83 8.40 35.36 10.44
C MET C 83 9.31 36.29 11.22
N ASN C 84 8.84 37.51 11.45
CA ASN C 84 9.60 38.50 12.19
C ASN C 84 8.87 38.88 13.48
N SER C 85 9.64 39.22 14.52
CA SER C 85 9.07 39.67 15.79
C SER C 85 8.09 38.65 16.37
N LEU C 86 8.49 37.39 16.39
CA LEU C 86 7.64 36.30 16.88
C LEU C 86 7.12 36.55 18.29
N ARG C 87 5.84 36.24 18.50
CA ARG C 87 5.20 36.40 19.80
C ARG C 87 4.80 35.03 20.34
N ALA C 88 4.57 34.96 21.65
CA ALA C 88 4.16 33.71 22.29
C ALA C 88 2.93 33.09 21.63
N GLU C 89 1.99 33.92 21.20
CA GLU C 89 0.76 33.41 20.58
C GLU C 89 0.99 32.94 19.14
N ASP C 90 2.20 33.09 18.64
CA ASP C 90 2.54 32.54 17.32
C ASP C 90 2.92 31.08 17.42
N THR C 91 2.94 30.57 18.66
CA THR C 91 3.26 29.17 18.88
C THR C 91 2.19 28.28 18.25
N ALA C 92 2.63 27.38 17.38
CA ALA C 92 1.71 26.52 16.64
C ALA C 92 2.46 25.55 15.75
N VAL C 93 1.78 24.49 15.34
CA VAL C 93 2.26 23.73 14.21
C VAL C 93 1.93 24.53 12.94
N TYR C 94 2.90 24.68 12.04
CA TYR C 94 2.64 25.41 10.80
C TYR C 94 2.57 24.47 9.61
N TYR C 95 1.47 24.54 8.87
CA TYR C 95 1.25 23.70 7.71
C TYR C 95 1.34 24.45 6.40
N CYS C 96 1.94 23.81 5.41
CA CYS C 96 1.91 24.29 4.03
C CYS C 96 0.75 23.60 3.30
N ALA C 97 -0.02 24.35 2.50
CA ALA C 97 -1.17 23.76 1.81
C ALA C 97 -1.37 24.27 0.37
N ARG C 98 -1.74 23.37 -0.53
CA ARG C 98 -1.93 23.70 -1.93
C ARG C 98 -3.39 24.01 -2.29
N ASP C 99 -3.59 24.99 -3.17
CA ASP C 99 -4.93 25.38 -3.60
C ASP C 99 -5.00 25.32 -5.13
N PRO C 100 -5.70 24.29 -5.66
CA PRO C 100 -5.75 23.99 -7.10
C PRO C 100 -6.75 24.83 -7.90
N LEU C 101 -7.42 25.79 -7.26
CA LEU C 101 -8.45 26.57 -7.94
C LEU C 101 -8.02 28.01 -8.19
N THR C 102 -7.64 28.69 -7.12
CA THR C 102 -7.25 30.10 -7.20
C THR C 102 -6.01 30.33 -8.08
N VAL C 110 -16.76 34.58 -7.32
CA VAL C 110 -15.82 34.62 -6.21
C VAL C 110 -15.54 33.21 -5.65
N SER C 111 -14.66 33.16 -4.65
CA SER C 111 -13.83 31.98 -4.35
C SER C 111 -14.51 30.66 -4.03
N GLY C 112 -14.02 29.59 -4.67
CA GLY C 112 -14.32 28.24 -4.29
C GLY C 112 -13.04 27.52 -3.87
N GLY C 113 -12.02 28.30 -3.55
CA GLY C 113 -10.70 27.78 -3.23
C GLY C 113 -10.65 26.82 -2.06
N TYR C 114 -9.85 25.78 -2.20
CA TYR C 114 -9.71 24.76 -1.16
C TYR C 114 -8.30 24.17 -1.12
N PHE C 115 -8.02 23.46 -0.02
CA PHE C 115 -6.70 22.86 0.21
C PHE C 115 -6.75 21.36 -0.03
N ASP C 116 -6.19 20.91 -1.15
CA ASP C 116 -6.28 19.51 -1.52
C ASP C 116 -5.10 18.70 -1.01
N TYR C 117 -3.98 19.36 -0.76
CA TYR C 117 -2.81 18.71 -0.18
C TYR C 117 -2.21 19.52 0.97
N TRP C 118 -1.81 18.82 2.03
CA TRP C 118 -1.17 19.46 3.17
C TRP C 118 0.17 18.79 3.48
N GLY C 119 1.13 19.57 3.97
CA GLY C 119 2.38 18.98 4.44
C GLY C 119 2.17 18.33 5.79
N GLN C 120 3.25 17.82 6.40
CA GLN C 120 3.13 17.15 7.69
C GLN C 120 3.15 18.16 8.84
N GLY C 121 3.56 19.38 8.55
CA GLY C 121 3.61 20.43 9.55
C GLY C 121 4.98 20.55 10.18
N THR C 122 5.35 21.76 10.56
CA THR C 122 6.56 21.99 11.32
C THR C 122 6.21 22.82 12.54
N LEU C 123 6.83 22.49 13.66
CA LEU C 123 6.45 23.06 14.93
C LEU C 123 7.29 24.27 15.32
N VAL C 124 6.61 25.30 15.80
CA VAL C 124 7.26 26.53 16.22
C VAL C 124 6.80 26.86 17.62
N THR C 125 7.73 26.84 18.56
CA THR C 125 7.41 27.16 19.93
C THR C 125 8.12 28.44 20.34
N VAL C 126 7.32 29.45 20.69
CA VAL C 126 7.87 30.74 21.09
C VAL C 126 7.63 30.95 22.57
N SER C 127 8.70 30.96 23.36
CA SER C 127 8.59 31.10 24.80
C SER C 127 9.89 31.59 25.43
N SER C 128 9.76 32.44 26.45
CA SER C 128 10.92 32.90 27.22
C SER C 128 11.00 32.14 28.55
N ALA C 129 10.17 31.12 28.68
CA ALA C 129 10.14 30.33 29.91
C ALA C 129 11.44 29.57 30.13
N SER C 130 11.88 29.53 31.37
CA SER C 130 13.07 28.78 31.75
C SER C 130 12.79 28.07 33.08
N THR C 131 13.63 27.07 33.39
CA THR C 131 13.44 26.22 34.57
C THR C 131 13.05 27.03 35.80
N LYS C 132 11.96 26.65 36.45
CA LYS C 132 11.39 27.41 37.53
C LYS C 132 10.50 26.53 38.41
N GLY C 133 10.67 26.62 39.72
CA GLY C 133 9.86 25.86 40.65
C GLY C 133 8.53 26.53 40.90
N PRO C 134 7.52 25.73 41.32
CA PRO C 134 6.15 26.20 41.53
C PRO C 134 5.89 26.88 42.87
N SER C 135 4.87 27.75 42.90
CA SER C 135 4.28 28.18 44.16
C SER C 135 3.14 27.24 44.47
N VAL C 136 2.98 26.89 45.74
CA VAL C 136 1.94 25.94 46.13
C VAL C 136 0.98 26.57 47.12
N PHE C 137 -0.31 26.47 46.82
CA PHE C 137 -1.35 27.03 47.67
C PHE C 137 -2.35 25.95 48.05
N PRO C 138 -2.90 26.02 49.25
CA PRO C 138 -3.90 25.03 49.68
C PRO C 138 -5.28 25.34 49.11
N LEU C 139 -6.08 24.30 48.83
CA LEU C 139 -7.45 24.50 48.41
C LEU C 139 -8.37 24.00 49.52
N ALA C 140 -8.81 24.93 50.37
CA ALA C 140 -9.54 24.59 51.59
C ALA C 140 -10.88 23.90 51.31
N PRO C 141 -11.20 22.88 52.12
CA PRO C 141 -12.46 22.13 52.06
C PRO C 141 -13.61 22.86 52.76
N SER C 142 -14.76 22.20 52.86
CA SER C 142 -15.94 22.77 53.50
C SER C 142 -16.16 22.19 54.89
N GLY C 149 -21.76 13.29 52.35
CA GLY C 149 -20.99 13.23 53.58
C GLY C 149 -19.50 13.25 53.33
N THR C 150 -19.10 13.82 52.20
CA THR C 150 -17.69 13.92 51.84
C THR C 150 -17.33 15.31 51.31
N ALA C 151 -16.10 15.73 51.58
CA ALA C 151 -15.62 17.04 51.14
C ALA C 151 -14.46 16.90 50.17
N ALA C 152 -14.16 17.97 49.45
CA ALA C 152 -13.06 17.97 48.50
C ALA C 152 -12.07 19.06 48.83
N LEU C 153 -10.80 18.68 48.90
CA LEU C 153 -9.73 19.62 49.19
C LEU C 153 -8.55 19.32 48.29
N GLY C 154 -7.68 20.30 48.09
CA GLY C 154 -6.52 20.07 47.26
C GLY C 154 -5.40 21.08 47.35
N CYS C 155 -4.58 21.09 46.30
CA CYS C 155 -3.44 22.00 46.22
C CYS C 155 -3.31 22.56 44.81
N LEU C 156 -3.16 23.87 44.74
CA LEU C 156 -2.89 24.54 43.48
C LEU C 156 -1.38 24.64 43.27
N VAL C 157 -0.89 24.10 42.17
CA VAL C 157 0.54 24.11 41.87
C VAL C 157 0.81 25.11 40.75
N LYS C 158 1.25 26.31 41.13
CA LYS C 158 1.26 27.46 40.23
C LYS C 158 2.62 27.79 39.58
N ASP C 159 2.59 28.07 38.28
CA ASP C 159 3.73 28.68 37.57
C ASP C 159 5.06 27.95 37.68
N TYR C 160 5.14 26.77 37.10
CA TYR C 160 6.41 26.03 37.07
C TYR C 160 6.83 25.71 35.64
N PHE C 161 8.10 25.42 35.45
CA PHE C 161 8.61 25.03 34.14
C PHE C 161 9.92 24.26 34.29
N PRO C 162 10.07 23.16 33.54
CA PRO C 162 9.07 22.57 32.65
C PRO C 162 8.31 21.43 33.30
N GLU C 163 7.63 20.64 32.47
CA GLU C 163 7.00 19.40 32.91
C GLU C 163 8.05 18.34 33.15
N PRO C 164 7.77 17.36 34.01
CA PRO C 164 6.58 17.18 34.85
C PRO C 164 6.80 17.52 36.32
N VAL C 165 5.75 17.42 37.13
CA VAL C 165 5.87 17.51 38.60
C VAL C 165 5.21 16.29 39.22
N THR C 166 5.74 15.84 40.36
CA THR C 166 5.09 14.76 41.09
C THR C 166 4.34 15.32 42.29
N VAL C 167 3.06 14.99 42.39
CA VAL C 167 2.26 15.40 43.53
C VAL C 167 1.82 14.18 44.30
N SER C 168 1.92 14.25 45.61
CA SER C 168 1.45 13.16 46.47
C SER C 168 0.72 13.75 47.66
N TRP C 169 0.05 12.89 48.43
CA TRP C 169 -0.63 13.33 49.63
C TRP C 169 -0.13 12.54 50.84
N ASN C 170 0.29 13.26 51.88
CA ASN C 170 0.91 12.64 53.05
C ASN C 170 2.02 11.68 52.67
N SER C 171 2.88 12.13 51.75
CA SER C 171 4.07 11.40 51.29
C SER C 171 3.73 10.22 50.41
N GLY C 172 2.44 10.02 50.13
CA GLY C 172 2.01 8.87 49.37
C GLY C 172 1.18 7.90 50.18
N ALA C 173 1.06 8.15 51.49
CA ALA C 173 0.30 7.27 52.36
C ALA C 173 -1.18 7.34 52.04
N LEU C 174 -1.61 8.49 51.55
CA LEU C 174 -3.00 8.70 51.15
C LEU C 174 -3.13 8.71 49.62
N THR C 175 -3.76 7.67 49.08
CA THR C 175 -3.94 7.53 47.64
C THR C 175 -5.40 7.49 47.22
N SER C 176 -6.25 6.91 48.07
CA SER C 176 -7.66 6.78 47.76
C SER C 176 -8.34 8.14 47.62
N GLY C 177 -9.05 8.33 46.52
CA GLY C 177 -9.79 9.55 46.29
C GLY C 177 -8.95 10.70 45.78
N VAL C 178 -7.70 10.42 45.42
CA VAL C 178 -6.78 11.45 44.94
C VAL C 178 -6.88 11.59 43.43
N HIS C 179 -7.01 12.82 42.96
CA HIS C 179 -7.07 13.08 41.53
C HIS C 179 -6.25 14.32 41.21
N THR C 180 -5.09 14.10 40.59
CA THR C 180 -4.19 15.17 40.19
C THR C 180 -4.39 15.45 38.71
N PHE C 181 -4.79 16.67 38.37
CA PHE C 181 -5.20 17.00 37.00
C PHE C 181 -4.02 17.22 36.09
N PRO C 182 -4.21 17.02 34.77
CA PRO C 182 -3.22 17.47 33.80
C PRO C 182 -3.00 18.96 33.95
N ALA C 183 -1.77 19.41 33.74
CA ALA C 183 -1.45 20.81 33.91
C ALA C 183 -1.94 21.63 32.73
N VAL C 184 -2.14 22.93 32.94
CA VAL C 184 -2.45 23.83 31.85
C VAL C 184 -1.16 24.55 31.44
N LEU C 185 -0.95 24.69 30.14
CA LEU C 185 0.19 25.45 29.64
C LEU C 185 -0.28 26.85 29.30
N GLN C 186 -0.07 27.79 30.23
CA GLN C 186 -0.58 29.14 30.09
C GLN C 186 0.08 29.90 28.94
N SER C 187 -0.34 31.16 28.77
CA SER C 187 0.23 31.99 27.72
C SER C 187 1.68 32.33 28.01
N SER C 188 2.03 32.37 29.30
CA SER C 188 3.38 32.72 29.74
C SER C 188 4.43 31.69 29.29
N GLY C 189 3.98 30.46 29.08
CA GLY C 189 4.90 29.38 28.79
C GLY C 189 5.10 28.53 30.03
N LEU C 190 4.58 29.01 31.16
CA LEU C 190 4.64 28.29 32.44
C LEU C 190 3.44 27.39 32.64
N TYR C 191 3.63 26.32 33.41
CA TYR C 191 2.54 25.39 33.70
C TYR C 191 1.88 25.63 35.04
N SER C 192 0.64 25.19 35.18
CA SER C 192 -0.01 25.12 36.49
C SER C 192 -0.95 23.93 36.50
N LEU C 193 -1.08 23.30 37.66
CA LEU C 193 -2.03 22.22 37.83
C LEU C 193 -2.63 22.26 39.23
N SER C 194 -3.63 21.43 39.45
CA SER C 194 -4.21 21.26 40.77
C SER C 194 -4.32 19.79 41.05
N SER C 195 -4.22 19.43 42.33
CA SER C 195 -4.49 18.08 42.77
C SER C 195 -5.59 18.11 43.81
N VAL C 196 -6.58 17.24 43.70
CA VAL C 196 -7.61 17.19 44.72
C VAL C 196 -7.82 15.80 45.28
N VAL C 197 -8.17 15.75 46.56
CA VAL C 197 -8.51 14.50 47.21
C VAL C 197 -9.89 14.63 47.84
N THR C 198 -10.68 13.57 47.74
CA THR C 198 -12.02 13.57 48.31
C THR C 198 -12.03 12.74 49.57
N VAL C 199 -12.52 13.35 50.65
CA VAL C 199 -12.38 12.83 52.00
C VAL C 199 -13.73 12.71 52.69
N PRO C 200 -13.86 11.78 53.65
CA PRO C 200 -15.04 11.86 54.53
C PRO C 200 -15.02 13.19 55.28
N SER C 201 -16.17 13.85 55.40
CA SER C 201 -16.25 15.13 56.09
C SER C 201 -16.05 14.97 57.60
N SER C 202 -16.20 13.74 58.08
CA SER C 202 -16.10 13.46 59.51
C SER C 202 -14.66 13.28 59.98
N SER C 203 -13.72 13.34 59.04
CA SER C 203 -12.30 13.19 59.39
C SER C 203 -11.57 14.51 59.31
N LEU C 204 -12.29 15.57 58.92
CA LEU C 204 -11.71 16.89 58.72
C LEU C 204 -11.20 17.55 60.01
N GLY C 205 -11.51 16.94 61.15
CA GLY C 205 -11.06 17.45 62.42
C GLY C 205 -9.90 16.65 62.96
N THR C 206 -9.90 15.35 62.69
CA THR C 206 -8.87 14.45 63.20
C THR C 206 -7.71 14.24 62.22
N GLN C 207 -8.05 13.85 60.99
CA GLN C 207 -7.04 13.50 59.99
C GLN C 207 -6.35 14.72 59.38
N THR C 208 -5.02 14.67 59.33
CA THR C 208 -4.22 15.74 58.75
C THR C 208 -3.97 15.47 57.27
N TYR C 209 -4.07 16.51 56.45
CA TYR C 209 -3.87 16.36 55.01
C TYR C 209 -2.78 17.31 54.51
N ILE C 210 -1.70 16.72 53.99
CA ILE C 210 -0.58 17.49 53.48
C ILE C 210 -0.26 17.10 52.03
N CYS C 211 -0.17 18.08 51.15
CA CYS C 211 0.18 17.79 49.76
C CYS C 211 1.68 17.98 49.54
N ASN C 212 2.31 17.00 48.91
CA ASN C 212 3.73 17.05 48.61
C ASN C 212 3.98 17.33 47.14
N VAL C 213 4.66 18.44 46.85
CA VAL C 213 4.94 18.83 45.49
C VAL C 213 6.42 18.74 45.21
N ASN C 214 6.80 17.85 44.30
CA ASN C 214 8.21 17.67 43.96
C ASN C 214 8.48 17.93 42.47
N HIS C 215 9.03 19.10 42.17
CA HIS C 215 9.40 19.48 40.81
C HIS C 215 10.87 19.20 40.58
N LYS C 216 11.17 17.95 40.22
CA LYS C 216 12.56 17.51 40.07
C LYS C 216 13.40 18.29 39.04
N PRO C 217 12.77 18.82 37.97
CA PRO C 217 13.57 19.66 37.06
C PRO C 217 14.20 20.90 37.73
N SER C 218 13.56 21.44 38.76
CA SER C 218 14.12 22.61 39.42
C SER C 218 14.63 22.26 40.82
N ASN C 219 14.76 20.96 41.09
CA ASN C 219 15.07 20.44 42.42
C ASN C 219 14.27 21.16 43.51
N THR C 220 12.96 21.29 43.31
CA THR C 220 12.10 21.96 44.27
C THR C 220 11.15 21.00 44.96
N LYS C 221 11.13 21.03 46.29
CA LYS C 221 10.18 20.21 47.05
C LYS C 221 9.43 21.06 48.07
N VAL C 222 8.11 21.08 47.98
CA VAL C 222 7.29 21.92 48.84
C VAL C 222 6.13 21.11 49.41
N ASP C 223 5.92 21.27 50.72
CA ASP C 223 4.78 20.65 51.40
C ASP C 223 3.75 21.73 51.73
N LYS C 224 2.47 21.36 51.68
CA LYS C 224 1.42 22.30 52.06
C LYS C 224 0.31 21.58 52.81
N ARG C 225 0.17 21.93 54.09
CA ARG C 225 -0.90 21.41 54.91
C ARG C 225 -2.22 22.05 54.49
N VAL C 226 -3.26 21.24 54.34
CA VAL C 226 -4.57 21.78 53.96
C VAL C 226 -5.57 21.58 55.09
N GLU C 227 -6.07 22.69 55.64
CA GLU C 227 -7.01 22.66 56.75
C GLU C 227 -8.35 23.31 56.40
N PRO C 228 -9.44 22.87 57.04
CA PRO C 228 -10.77 23.46 56.82
C PRO C 228 -10.81 24.95 57.12
N LYS C 229 -11.76 25.66 56.50
CA LYS C 229 -11.88 27.11 56.60
C LYS C 229 -10.54 27.82 56.43
N TYR D 2 -15.20 38.57 9.03
CA TYR D 2 -16.15 37.47 8.87
C TYR D 2 -15.89 36.38 9.90
N GLU D 3 -16.94 35.67 10.28
CA GLU D 3 -16.84 34.67 11.33
C GLU D 3 -17.75 33.47 11.08
N LEU D 4 -17.13 32.31 10.95
CA LEU D 4 -17.86 31.05 10.81
C LEU D 4 -17.82 30.30 12.12
N THR D 5 -18.99 30.01 12.68
CA THR D 5 -19.05 29.31 13.96
C THR D 5 -19.59 27.90 13.75
N GLN D 6 -19.10 26.97 14.57
CA GLN D 6 -19.55 25.59 14.53
C GLN D 6 -19.91 25.13 15.93
N PRO D 7 -20.69 24.05 16.03
CA PRO D 7 -20.88 23.44 17.35
C PRO D 7 -19.57 22.84 17.83
N PRO D 8 -19.22 23.05 19.11
CA PRO D 8 -18.00 22.48 19.68
C PRO D 8 -17.96 20.96 19.58
N SER D 9 -19.08 20.33 19.88
CA SER D 9 -19.13 18.88 19.99
C SER D 9 -20.39 18.27 19.37
N VAL D 10 -20.20 17.21 18.62
CA VAL D 10 -21.31 16.43 18.09
C VAL D 10 -21.02 14.95 18.37
N SER D 11 -21.96 14.27 19.01
CA SER D 11 -21.75 12.87 19.35
C SER D 11 -22.88 12.02 18.83
N VAL D 12 -22.52 10.82 18.39
CA VAL D 12 -23.40 9.98 17.59
C VAL D 12 -23.06 8.51 17.83
N SER D 13 -24.08 7.69 18.01
CA SER D 13 -23.90 6.25 18.18
C SER D 13 -23.53 5.62 16.83
N PRO D 14 -22.85 4.47 16.86
CA PRO D 14 -22.48 3.83 15.58
C PRO D 14 -23.74 3.50 14.77
N GLY D 15 -23.74 3.85 13.49
CA GLY D 15 -24.88 3.66 12.61
C GLY D 15 -25.68 4.92 12.33
N GLN D 16 -25.61 5.86 13.27
CA GLN D 16 -26.38 7.10 13.20
C GLN D 16 -25.72 8.13 12.27
N THR D 17 -26.51 9.11 11.82
CA THR D 17 -26.01 10.14 10.92
C THR D 17 -25.59 11.40 11.69
N ALA D 18 -24.34 11.82 11.49
CA ALA D 18 -23.83 13.02 12.14
C ALA D 18 -24.08 14.25 11.29
N SER D 19 -24.52 15.33 11.93
CA SER D 19 -24.79 16.57 11.22
C SER D 19 -23.97 17.70 11.84
N ILE D 20 -23.15 18.34 11.01
CA ILE D 20 -22.23 19.38 11.47
C ILE D 20 -22.49 20.69 10.74
N THR D 21 -22.99 21.68 11.46
CA THR D 21 -23.33 22.96 10.83
C THR D 21 -22.20 23.97 10.89
N CYS D 22 -22.23 24.89 9.93
CA CYS D 22 -21.30 26.01 9.88
C CYS D 22 -22.14 27.27 9.62
N SER D 23 -22.07 28.22 10.53
CA SER D 23 -22.90 29.42 10.42
C SER D 23 -22.10 30.68 10.07
N GLY D 24 -22.55 31.38 9.05
CA GLY D 24 -21.94 32.63 8.63
C GLY D 24 -22.98 33.57 8.05
N ASP D 25 -22.59 34.81 7.77
CA ASP D 25 -23.56 35.82 7.31
C ASP D 25 -24.07 35.47 5.91
N LYS D 26 -23.19 35.47 4.92
CA LYS D 26 -23.58 35.23 3.53
C LYS D 26 -23.18 33.84 3.05
N LEU D 27 -23.26 32.83 3.91
CA LEU D 27 -22.60 31.55 3.62
C LEU D 27 -23.13 30.86 2.36
N GLY D 28 -24.42 31.04 2.07
CA GLY D 28 -25.00 30.49 0.85
C GLY D 28 -24.37 31.08 -0.40
N ASP D 29 -23.94 32.34 -0.31
CA ASP D 29 -23.34 33.03 -1.44
C ASP D 29 -21.86 32.70 -1.62
N LYS D 30 -21.31 31.91 -0.71
CA LYS D 30 -19.92 31.52 -0.82
C LYS D 30 -19.79 30.01 -0.95
N TYR D 31 -18.68 29.55 -1.52
CA TYR D 31 -18.40 28.12 -1.58
C TYR D 31 -17.73 27.67 -0.29
N ALA D 32 -18.15 26.53 0.24
CA ALA D 32 -17.66 26.06 1.52
C ALA D 32 -16.91 24.73 1.39
N CYS D 33 -15.92 24.54 2.25
CA CYS D 33 -15.10 23.33 2.26
C CYS D 33 -15.08 22.68 3.64
N TRP D 34 -14.78 21.40 3.69
CA TRP D 34 -14.71 20.67 4.94
C TRP D 34 -13.44 19.82 5.02
N TYR D 35 -12.82 19.85 6.20
CA TYR D 35 -11.59 19.10 6.46
C TYR D 35 -11.74 18.19 7.68
N GLN D 36 -11.18 17.00 7.56
CA GLN D 36 -11.15 16.04 8.64
C GLN D 36 -9.75 16.00 9.25
N GLN D 37 -9.64 16.10 10.58
CA GLN D 37 -8.33 16.02 11.22
C GLN D 37 -8.33 15.16 12.47
N LYS D 38 -7.64 14.03 12.38
CA LYS D 38 -7.46 13.11 13.50
C LYS D 38 -6.28 13.57 14.35
N PRO D 39 -6.20 13.12 15.62
CA PRO D 39 -5.11 13.55 16.51
C PRO D 39 -3.71 13.21 15.98
N GLY D 40 -2.84 14.21 15.93
CA GLY D 40 -1.48 14.01 15.45
C GLY D 40 -1.31 13.92 13.94
N GLN D 41 -2.32 14.33 13.18
CA GLN D 41 -2.22 14.26 11.72
C GLN D 41 -2.62 15.57 11.03
N SER D 42 -2.15 15.73 9.80
CA SER D 42 -2.56 16.85 8.95
C SER D 42 -4.05 16.77 8.63
N PRO D 43 -4.70 17.92 8.43
CA PRO D 43 -6.10 17.96 7.98
C PRO D 43 -6.27 17.31 6.61
N VAL D 44 -7.42 16.67 6.38
CA VAL D 44 -7.70 16.01 5.11
C VAL D 44 -9.01 16.53 4.50
N LEU D 45 -8.93 17.05 3.28
CA LEU D 45 -10.11 17.53 2.58
C LEU D 45 -11.12 16.41 2.34
N VAL D 46 -12.37 16.64 2.74
CA VAL D 46 -13.41 15.63 2.53
C VAL D 46 -14.57 16.13 1.64
N ILE D 47 -14.72 17.44 1.57
CA ILE D 47 -15.82 18.08 0.83
C ILE D 47 -15.40 19.48 0.35
N TYR D 48 -15.61 19.78 -0.93
CA TYR D 48 -15.37 21.14 -1.40
C TYR D 48 -16.46 21.69 -2.32
N GLN D 49 -16.54 22.99 -2.49
CA GLN D 49 -17.57 23.49 -3.36
C GLN D 49 -18.99 23.32 -2.80
N ASP D 50 -19.18 23.39 -1.50
CA ASP D 50 -20.49 23.04 -0.93
C ASP D 50 -20.95 21.58 -0.93
N SER D 51 -20.46 20.76 -1.87
CA SER D 51 -20.94 19.38 -1.87
C SER D 51 -20.17 18.38 -2.69
N LYS D 52 -19.07 18.79 -3.31
CA LYS D 52 -18.37 17.85 -4.16
C LYS D 52 -17.37 17.06 -3.32
N ARG D 53 -17.13 15.81 -3.68
CA ARG D 53 -16.33 14.89 -2.88
C ARG D 53 -15.09 14.39 -3.63
N PRO D 54 -13.90 14.59 -3.04
CA PRO D 54 -12.66 14.08 -3.64
C PRO D 54 -12.67 12.56 -3.75
N SER D 55 -11.87 12.03 -4.66
CA SER D 55 -11.72 10.58 -4.75
C SER D 55 -10.90 10.06 -3.58
N GLY D 56 -11.37 8.96 -3.00
CA GLY D 56 -10.77 8.42 -1.79
C GLY D 56 -11.79 8.52 -0.66
N ILE D 57 -12.46 9.67 -0.61
CA ILE D 57 -13.47 9.93 0.40
C ILE D 57 -14.72 9.08 0.16
N PRO D 58 -15.16 8.35 1.20
CA PRO D 58 -16.37 7.51 1.15
C PRO D 58 -17.62 8.33 0.85
N GLU D 59 -18.60 7.71 0.22
CA GLU D 59 -19.79 8.43 -0.26
C GLU D 59 -20.72 8.86 0.87
N ARG D 60 -20.51 8.34 2.07
CA ARG D 60 -21.35 8.70 3.21
C ARG D 60 -21.10 10.14 3.64
N PHE D 61 -20.01 10.72 3.17
CA PHE D 61 -19.75 12.15 3.39
C PHE D 61 -20.45 12.98 2.32
N SER D 62 -21.29 13.92 2.75
CA SER D 62 -21.98 14.81 1.83
C SER D 62 -22.15 16.20 2.42
N GLY D 63 -22.38 17.19 1.56
CA GLY D 63 -22.48 18.57 2.01
C GLY D 63 -23.63 19.36 1.42
N SER D 64 -24.03 20.43 2.11
CA SER D 64 -25.01 21.36 1.60
C SER D 64 -24.74 22.75 2.17
N ASN D 65 -25.07 23.78 1.39
CA ASN D 65 -24.83 25.16 1.79
C ASN D 65 -25.95 26.08 1.30
N SER D 66 -26.67 26.69 2.24
CA SER D 66 -27.79 27.57 1.89
C SER D 66 -27.99 28.66 2.93
N GLY D 67 -28.06 29.90 2.47
CA GLY D 67 -28.35 31.03 3.33
C GLY D 67 -27.23 31.36 4.31
N ASN D 68 -27.47 31.03 5.57
CA ASN D 68 -26.49 31.29 6.62
C ASN D 68 -25.76 30.01 7.05
N THR D 69 -26.19 28.88 6.50
CA THR D 69 -25.78 27.58 7.04
C THR D 69 -25.21 26.61 6.00
N ALA D 70 -23.97 26.16 6.24
CA ALA D 70 -23.43 25.01 5.53
C ALA D 70 -23.43 23.81 6.45
N THR D 71 -23.78 22.65 5.91
CA THR D 71 -23.94 21.44 6.70
C THR D 71 -23.12 20.27 6.15
N LEU D 72 -22.21 19.75 6.97
CA LEU D 72 -21.52 18.52 6.63
C LEU D 72 -22.28 17.34 7.23
N THR D 73 -22.57 16.33 6.41
CA THR D 73 -23.35 15.19 6.88
C THR D 73 -22.62 13.88 6.63
N ILE D 74 -22.53 13.07 7.69
CA ILE D 74 -21.96 11.73 7.60
C ILE D 74 -23.05 10.72 7.88
N SER D 75 -23.51 10.03 6.85
CA SER D 75 -24.51 8.98 7.02
C SER D 75 -23.81 7.70 7.46
N GLY D 76 -24.45 6.96 8.37
CA GLY D 76 -23.86 5.73 8.87
C GLY D 76 -22.43 5.90 9.34
N THR D 77 -22.22 6.91 10.18
CA THR D 77 -20.91 7.24 10.76
C THR D 77 -20.29 6.00 11.39
N GLN D 78 -19.05 5.69 11.01
CA GLN D 78 -18.33 4.59 11.63
C GLN D 78 -17.29 5.15 12.60
N ALA D 79 -16.48 4.26 13.16
CA ALA D 79 -15.47 4.64 14.14
C ALA D 79 -14.37 5.50 13.54
N MET D 80 -13.97 5.16 12.31
CA MET D 80 -12.89 5.88 11.63
C MET D 80 -13.23 7.33 11.32
N ASP D 81 -14.51 7.70 11.47
CA ASP D 81 -14.95 9.06 11.17
C ASP D 81 -14.74 9.97 12.37
N GLU D 82 -14.41 9.38 13.52
CA GLU D 82 -14.18 10.15 14.74
C GLU D 82 -12.94 11.02 14.57
N ALA D 83 -13.13 12.33 14.71
CA ALA D 83 -12.06 13.32 14.49
C ALA D 83 -12.60 14.73 14.68
N ASP D 84 -11.72 15.71 14.51
CA ASP D 84 -12.12 17.11 14.45
C ASP D 84 -12.47 17.50 13.01
N TYR D 85 -13.58 18.22 12.84
CA TYR D 85 -14.00 18.66 11.52
C TYR D 85 -14.07 20.18 11.43
N TYR D 86 -13.48 20.72 10.38
CA TYR D 86 -13.46 22.16 10.18
C TYR D 86 -14.12 22.54 8.85
N CYS D 87 -14.99 23.53 8.88
CA CYS D 87 -15.51 24.11 7.65
C CYS D 87 -14.62 25.28 7.26
N GLN D 88 -14.78 25.76 6.03
CA GLN D 88 -13.88 26.77 5.50
C GLN D 88 -14.47 27.52 4.30
N ALA D 89 -14.31 28.83 4.30
CA ALA D 89 -14.76 29.68 3.21
C ALA D 89 -13.86 30.90 3.11
N TRP D 90 -14.15 31.78 2.17
CA TRP D 90 -13.34 32.97 1.98
C TRP D 90 -14.06 34.24 2.41
N ASP D 91 -13.31 35.33 2.49
CA ASP D 91 -13.85 36.68 2.57
C ASP D 91 -12.77 37.62 2.04
N SER D 92 -13.06 38.26 0.91
CA SER D 92 -12.03 38.96 0.16
C SER D 92 -10.94 37.97 -0.21
N SER D 93 -9.68 38.33 0.01
CA SER D 93 -8.58 37.42 -0.27
C SER D 93 -8.32 36.53 0.95
N THR D 94 -9.05 36.79 2.03
CA THR D 94 -8.85 36.08 3.29
C THR D 94 -9.63 34.77 3.38
N VAL D 95 -8.94 33.71 3.80
CA VAL D 95 -9.57 32.42 4.07
C VAL D 95 -10.01 32.36 5.54
N VAL D 96 -11.19 31.81 5.77
CA VAL D 96 -11.70 31.70 7.13
C VAL D 96 -12.08 30.26 7.44
N PHE D 97 -11.56 29.76 8.56
CA PHE D 97 -11.97 28.46 9.09
C PHE D 97 -13.05 28.66 10.13
N GLY D 98 -13.92 27.66 10.27
CA GLY D 98 -14.91 27.69 11.32
C GLY D 98 -14.28 27.37 12.66
N THR D 99 -15.05 27.54 13.72
CA THR D 99 -14.66 27.21 15.08
C THR D 99 -14.13 25.78 15.22
N GLY D 100 -14.73 24.84 14.49
CA GLY D 100 -14.30 23.46 14.56
C GLY D 100 -15.21 22.61 15.43
N THR D 101 -15.39 21.36 15.00
CA THR D 101 -16.33 20.46 15.66
C THR D 101 -15.67 19.13 15.93
N LYS D 102 -15.74 18.67 17.17
CA LYS D 102 -15.21 17.37 17.52
C LYS D 102 -16.32 16.34 17.37
N VAL D 103 -16.14 15.41 16.44
CA VAL D 103 -17.11 14.36 16.23
C VAL D 103 -16.68 13.12 17.00
N THR D 104 -17.50 12.72 17.97
CA THR D 104 -17.25 11.52 18.75
C THR D 104 -18.27 10.44 18.41
N VAL D 105 -17.80 9.21 18.24
CA VAL D 105 -18.68 8.06 18.11
C VAL D 105 -18.74 7.30 19.44
N LEU D 106 -19.89 7.35 20.10
CA LEU D 106 -20.05 6.83 21.45
C LEU D 106 -19.69 5.36 21.60
N GLY D 107 -18.86 5.06 22.60
CA GLY D 107 -18.44 3.70 22.88
C GLY D 107 -18.77 3.34 24.32
N GLN D 108 -19.39 4.28 25.01
CA GLN D 108 -19.78 4.08 26.39
C GLN D 108 -20.95 5.00 26.67
N PRO D 109 -21.69 4.75 27.76
CA PRO D 109 -22.78 5.66 28.12
C PRO D 109 -22.29 7.09 28.30
N LYS D 110 -23.08 8.05 27.81
CA LYS D 110 -22.75 9.46 28.02
C LYS D 110 -22.77 9.80 29.52
N ALA D 111 -21.75 10.54 29.96
CA ALA D 111 -21.65 10.93 31.37
C ALA D 111 -21.41 12.43 31.50
N ALA D 112 -22.23 13.09 32.31
CA ALA D 112 -22.10 14.53 32.51
C ALA D 112 -20.90 14.83 33.42
N PRO D 113 -20.35 16.05 33.33
CA PRO D 113 -19.18 16.42 34.13
C PRO D 113 -19.46 16.76 35.59
N SER D 114 -18.62 16.26 36.48
CA SER D 114 -18.59 16.74 37.86
C SER D 114 -17.69 17.97 37.92
N VAL D 115 -18.19 19.04 38.51
CA VAL D 115 -17.46 20.30 38.55
C VAL D 115 -17.20 20.75 40.00
N THR D 116 -15.93 20.83 40.35
CA THR D 116 -15.52 21.34 41.65
C THR D 116 -14.87 22.70 41.47
N LEU D 117 -15.41 23.71 42.14
CA LEU D 117 -14.87 25.05 42.01
C LEU D 117 -14.23 25.51 43.32
N PHE D 118 -12.99 25.99 43.21
CA PHE D 118 -12.26 26.51 44.36
C PHE D 118 -12.03 28.01 44.24
N PRO D 119 -12.22 28.73 45.35
CA PRO D 119 -11.88 30.14 45.47
C PRO D 119 -10.40 30.32 45.75
N PRO D 120 -9.84 31.50 45.41
CA PRO D 120 -8.45 31.79 45.77
C PRO D 120 -8.24 31.68 47.28
N SER D 121 -7.16 31.02 47.69
CA SER D 121 -6.89 30.79 49.11
C SER D 121 -6.40 32.04 49.82
N SER D 122 -6.32 31.98 51.14
CA SER D 122 -5.82 33.10 51.93
C SER D 122 -4.36 33.43 51.59
N GLU D 123 -3.53 32.40 51.51
CA GLU D 123 -2.12 32.56 51.17
C GLU D 123 -1.95 33.30 49.87
N GLU D 124 -2.67 32.85 48.85
CA GLU D 124 -2.60 33.49 47.55
C GLU D 124 -3.12 34.92 47.61
N LEU D 125 -4.03 35.19 48.55
CA LEU D 125 -4.63 36.51 48.69
C LEU D 125 -3.72 37.48 49.46
N GLN D 126 -2.76 36.96 50.22
CA GLN D 126 -1.79 37.80 50.91
C GLN D 126 -0.73 38.29 49.92
N ALA D 127 -0.28 37.39 49.05
CA ALA D 127 0.31 37.85 47.80
C ALA D 127 -0.85 38.51 47.09
N ASN D 128 -0.63 39.53 46.30
CA ASN D 128 -1.81 40.15 45.74
C ASN D 128 -2.12 39.68 44.31
N LYS D 129 -1.96 38.37 44.09
CA LYS D 129 -2.56 37.70 42.92
C LYS D 129 -3.71 36.80 43.40
N ALA D 130 -4.49 36.24 42.46
CA ALA D 130 -5.57 35.32 42.81
C ALA D 130 -6.09 34.52 41.61
N THR D 131 -6.42 33.25 41.83
CA THR D 131 -6.95 32.40 40.76
C THR D 131 -8.12 31.56 41.24
N LEU D 132 -9.16 31.52 40.42
CA LEU D 132 -10.26 30.59 40.63
C LEU D 132 -9.94 29.29 39.92
N VAL D 133 -10.26 28.17 40.55
CA VAL D 133 -9.89 26.87 40.00
C VAL D 133 -11.13 26.03 39.74
N CYS D 134 -11.45 25.86 38.46
CA CYS D 134 -12.58 25.06 38.04
C CYS D 134 -12.11 23.69 37.55
N LEU D 135 -12.43 22.65 38.32
CA LEU D 135 -11.96 21.31 38.03
C LEU D 135 -13.08 20.43 37.50
N ILE D 136 -12.90 19.96 36.27
CA ILE D 136 -13.95 19.23 35.55
C ILE D 136 -13.60 17.76 35.36
N SER D 137 -14.45 16.88 35.88
CA SER D 137 -14.12 15.47 35.97
C SER D 137 -15.19 14.54 35.42
N ASP D 138 -14.78 13.32 35.07
CA ASP D 138 -15.66 12.21 34.73
C ASP D 138 -16.68 12.48 33.61
N PHE D 139 -16.31 13.29 32.60
CA PHE D 139 -17.27 13.57 31.54
C PHE D 139 -16.96 12.84 30.24
N TYR D 140 -18.01 12.52 29.50
CA TYR D 140 -17.91 11.87 28.21
C TYR D 140 -19.11 12.27 27.34
N PRO D 141 -18.88 12.60 26.06
CA PRO D 141 -17.59 12.60 25.33
C PRO D 141 -16.59 13.67 25.77
N GLY D 142 -15.34 13.50 25.33
CA GLY D 142 -14.25 14.36 25.74
C GLY D 142 -14.27 15.72 25.10
N ALA D 143 -15.31 16.48 25.39
CA ALA D 143 -15.42 17.84 24.89
C ALA D 143 -16.23 18.67 25.85
N VAL D 144 -15.77 19.88 26.13
CA VAL D 144 -16.42 20.71 27.11
C VAL D 144 -16.20 22.18 26.81
N THR D 145 -17.21 22.98 27.13
CA THR D 145 -17.14 24.44 27.05
C THR D 145 -17.01 25.01 28.44
N VAL D 146 -16.16 26.02 28.61
CA VAL D 146 -16.03 26.62 29.92
C VAL D 146 -16.39 28.10 29.89
N ALA D 147 -17.40 28.45 30.69
CA ALA D 147 -17.85 29.83 30.82
C ALA D 147 -17.70 30.36 32.25
N TRP D 148 -16.96 31.47 32.35
CA TRP D 148 -16.77 32.25 33.58
C TRP D 148 -17.51 33.58 33.59
N LYS D 149 -18.25 33.94 34.65
CA LYS D 149 -18.74 35.32 34.74
C LYS D 149 -18.66 35.94 36.15
N ALA D 150 -18.57 37.27 36.18
CA ALA D 150 -18.60 38.03 37.42
C ALA D 150 -19.64 37.47 38.40
N ASP D 151 -20.90 37.70 38.10
CA ASP D 151 -22.00 37.20 38.92
C ASP D 151 -23.01 37.07 37.82
N SER D 152 -22.67 37.77 36.75
CA SER D 152 -23.37 37.65 35.46
C SER D 152 -22.99 38.73 34.40
N SER D 153 -22.10 38.37 33.45
CA SER D 153 -21.76 39.09 32.19
C SER D 153 -20.35 38.73 31.64
N PRO D 154 -20.21 38.60 30.30
CA PRO D 154 -19.06 38.06 29.54
C PRO D 154 -17.64 38.51 30.03
N VAL D 155 -16.92 37.62 30.72
CA VAL D 155 -15.52 37.84 31.11
C VAL D 155 -14.59 37.06 30.18
N LYS D 156 -13.65 37.78 29.60
CA LYS D 156 -12.60 37.25 28.72
C LYS D 156 -11.28 37.49 29.45
N ALA D 157 -11.40 38.16 30.60
CA ALA D 157 -10.27 38.68 31.35
C ALA D 157 -9.32 37.63 31.92
N GLY D 158 -8.52 37.01 31.05
CA GLY D 158 -7.49 36.10 31.49
C GLY D 158 -7.98 34.74 31.95
N VAL D 159 -8.54 33.98 31.01
CA VAL D 159 -8.99 32.62 31.30
C VAL D 159 -8.02 31.62 30.67
N GLU D 160 -7.74 30.54 31.39
CA GLU D 160 -6.87 29.49 30.91
C GLU D 160 -7.54 28.14 31.08
N THR D 161 -7.70 27.40 29.99
CA THR D 161 -8.41 26.12 30.06
C THR D 161 -7.69 25.02 29.29
N THR D 162 -7.59 23.84 29.90
CA THR D 162 -6.92 22.70 29.28
C THR D 162 -7.80 22.03 28.24
N THR D 163 -7.18 21.27 27.35
CA THR D 163 -7.91 20.36 26.48
C THR D 163 -8.32 19.18 27.34
N PRO D 164 -9.46 18.55 27.01
CA PRO D 164 -9.86 17.37 27.79
C PRO D 164 -8.83 16.25 27.69
N SER D 165 -8.55 15.60 28.81
CA SER D 165 -7.64 14.45 28.78
C SER D 165 -8.31 13.21 29.35
N LYS D 166 -7.96 12.05 28.80
CA LYS D 166 -8.59 10.80 29.18
C LYS D 166 -8.07 10.25 30.50
N GLN D 167 -8.96 10.15 31.49
CA GLN D 167 -8.64 9.57 32.78
C GLN D 167 -8.46 8.06 32.66
N SER D 168 -8.19 7.41 33.79
CA SER D 168 -8.10 5.95 33.82
C SER D 168 -9.51 5.34 33.84
N ASN D 169 -10.52 6.19 33.94
CA ASN D 169 -11.92 5.81 33.83
C ASN D 169 -12.37 5.61 32.39
N ASN D 170 -11.50 5.97 31.45
CA ASN D 170 -11.84 6.15 30.05
C ASN D 170 -12.87 7.27 29.85
N LYS D 171 -13.14 8.00 30.93
CA LYS D 171 -13.86 9.27 30.85
C LYS D 171 -12.81 10.36 30.71
N TYR D 172 -13.23 11.62 30.73
CA TYR D 172 -12.29 12.71 30.52
C TYR D 172 -12.24 13.72 31.67
N ALA D 173 -11.10 14.41 31.78
CA ALA D 173 -10.95 15.48 32.75
C ALA D 173 -10.38 16.73 32.09
N ALA D 174 -10.65 17.86 32.71
CA ALA D 174 -10.09 19.13 32.28
C ALA D 174 -10.18 20.11 33.42
N SER D 175 -9.52 21.25 33.26
CA SER D 175 -9.58 22.28 34.28
C SER D 175 -9.52 23.66 33.65
N SER D 176 -10.02 24.65 34.37
CA SER D 176 -10.02 26.02 33.88
C SER D 176 -9.61 26.98 34.98
N TYR D 177 -8.73 27.91 34.66
CA TYR D 177 -8.20 28.85 35.65
C TYR D 177 -8.53 30.30 35.28
N LEU D 178 -8.99 31.07 36.25
CA LEU D 178 -9.31 32.48 36.03
C LEU D 178 -8.39 33.40 36.83
N SER D 179 -7.53 34.15 36.13
CA SER D 179 -6.61 35.07 36.77
C SER D 179 -7.28 36.37 37.18
N LEU D 180 -7.49 36.54 38.49
CA LEU D 180 -8.03 37.77 39.04
C LEU D 180 -7.04 38.42 39.99
N THR D 181 -7.16 39.72 40.18
CA THR D 181 -6.31 40.42 41.13
C THR D 181 -7.24 40.74 42.29
N PRO D 182 -6.79 40.52 43.54
CA PRO D 182 -7.70 40.46 44.70
C PRO D 182 -8.69 41.60 44.78
N GLU D 183 -8.33 42.71 44.15
CA GLU D 183 -9.23 43.83 43.87
C GLU D 183 -10.59 43.28 43.49
N GLN D 184 -10.54 42.36 42.53
CA GLN D 184 -11.70 41.99 41.73
C GLN D 184 -12.57 40.92 42.39
N TRP D 185 -12.03 40.13 43.31
CA TRP D 185 -12.84 39.02 43.77
C TRP D 185 -13.81 39.39 44.89
N LYS D 186 -13.37 40.21 45.85
CA LYS D 186 -14.28 40.59 46.91
C LYS D 186 -15.17 41.73 46.41
N SER D 187 -14.78 42.32 45.28
CA SER D 187 -15.59 43.32 44.59
C SER D 187 -17.06 42.90 44.51
N HIS D 188 -17.36 41.98 43.60
CA HIS D 188 -18.72 41.47 43.50
C HIS D 188 -18.79 40.05 44.05
N ARG D 189 -19.85 39.81 44.82
CA ARG D 189 -19.90 38.70 45.77
C ARG D 189 -20.47 37.39 45.23
N SER D 190 -20.27 37.15 43.93
CA SER D 190 -20.54 35.85 43.34
C SER D 190 -19.57 35.63 42.20
N TYR D 191 -19.24 34.37 41.93
CA TYR D 191 -18.44 34.03 40.77
C TYR D 191 -18.76 32.60 40.40
N SER D 192 -19.04 32.38 39.11
CA SER D 192 -19.54 31.11 38.64
C SER D 192 -18.67 30.57 37.51
N CYS D 193 -18.35 29.28 37.57
CA CYS D 193 -17.70 28.59 36.46
C CYS D 193 -18.75 27.72 35.79
N GLN D 194 -19.08 28.04 34.55
CA GLN D 194 -20.13 27.31 33.86
C GLN D 194 -19.56 26.41 32.76
N VAL D 195 -19.84 25.12 32.89
CA VAL D 195 -19.30 24.12 31.99
C VAL D 195 -20.41 23.51 31.13
N THR D 196 -20.32 23.72 29.82
CA THR D 196 -21.33 23.23 28.90
C THR D 196 -20.89 21.94 28.21
N HIS D 197 -21.69 20.89 28.35
CA HIS D 197 -21.37 19.58 27.82
C HIS D 197 -22.62 18.90 27.22
N GLU D 198 -22.61 18.69 25.90
CA GLU D 198 -23.74 18.08 25.18
C GLU D 198 -25.03 18.84 25.41
N GLY D 199 -24.99 20.16 25.28
CA GLY D 199 -26.14 20.98 25.60
C GLY D 199 -26.23 21.34 27.08
N SER D 200 -25.98 20.36 27.94
CA SER D 200 -26.09 20.54 29.39
C SER D 200 -25.03 21.49 29.94
N THR D 201 -25.49 22.52 30.66
CA THR D 201 -24.60 23.48 31.28
C THR D 201 -24.62 23.32 32.79
N VAL D 202 -23.50 22.86 33.36
CA VAL D 202 -23.36 22.71 34.80
C VAL D 202 -22.68 23.95 35.38
N GLU D 203 -23.21 24.47 36.49
CA GLU D 203 -22.60 25.65 37.11
C GLU D 203 -22.38 25.47 38.61
N LYS D 204 -21.22 25.96 39.06
CA LYS D 204 -20.91 26.01 40.47
C LYS D 204 -20.58 27.45 40.84
N THR D 205 -20.79 27.79 42.11
CA THR D 205 -20.71 29.17 42.56
C THR D 205 -19.84 29.31 43.80
N VAL D 206 -18.93 30.28 43.79
CA VAL D 206 -18.19 30.60 45.00
C VAL D 206 -18.17 32.10 45.27
N ALA D 207 -18.34 32.46 46.53
CA ALA D 207 -18.39 33.85 46.95
C ALA D 207 -17.33 34.12 48.01
N PRO D 208 -16.87 35.38 48.12
CA PRO D 208 -15.88 35.76 49.13
C PRO D 208 -16.33 35.55 50.59
N THR D 209 -17.01 34.43 50.85
CA THR D 209 -17.50 34.09 52.19
C THR D 209 -17.93 32.63 52.26
N GLN E 1 -2.46 3.52 13.47
CA GLN E 1 -1.76 3.55 14.76
C GLN E 1 -0.28 3.92 14.58
N VAL E 2 0.36 4.29 15.68
CA VAL E 2 1.79 4.58 15.71
C VAL E 2 2.59 3.31 15.46
N GLN E 3 3.59 3.38 14.59
CA GLN E 3 4.32 2.19 14.21
C GLN E 3 5.77 2.56 13.84
N LEU E 4 6.73 1.74 14.28
CA LEU E 4 8.13 2.01 14.00
C LEU E 4 8.78 0.77 13.39
N VAL E 5 9.43 0.95 12.26
CA VAL E 5 10.00 -0.19 11.54
C VAL E 5 11.42 0.11 11.15
N GLU E 6 12.37 -0.57 11.79
CA GLU E 6 13.75 -0.30 11.44
C GLU E 6 14.30 -1.35 10.48
N SER E 7 15.29 -0.93 9.71
CA SER E 7 15.86 -1.70 8.62
C SER E 7 17.33 -1.36 8.47
N GLY E 8 18.08 -2.23 7.79
CA GLY E 8 19.43 -1.91 7.37
C GLY E 8 20.50 -2.78 8.00
N GLY E 9 20.09 -3.63 8.94
CA GLY E 9 21.03 -4.50 9.61
C GLY E 9 21.52 -5.62 8.71
N GLY E 10 22.65 -6.21 9.09
CA GLY E 10 23.23 -7.31 8.35
C GLY E 10 24.59 -7.63 8.96
N VAL E 11 25.27 -8.61 8.38
CA VAL E 11 26.58 -9.02 8.83
C VAL E 11 27.66 -8.24 8.06
N VAL E 12 28.46 -7.44 8.78
CA VAL E 12 29.48 -6.62 8.13
C VAL E 12 30.81 -6.66 8.88
N GLN E 13 31.87 -6.24 8.20
CA GLN E 13 33.21 -6.29 8.78
C GLN E 13 33.52 -5.07 9.63
N PRO E 14 34.39 -5.25 10.65
CA PRO E 14 34.84 -4.13 11.47
C PRO E 14 35.48 -3.05 10.60
N GLY E 15 35.31 -1.79 10.97
CA GLY E 15 35.89 -0.70 10.22
C GLY E 15 34.99 -0.16 9.12
N THR E 16 33.94 -0.90 8.77
CA THR E 16 33.10 -0.47 7.65
C THR E 16 32.03 0.50 8.14
N SER E 17 31.25 1.00 7.18
CA SER E 17 30.20 1.97 7.45
C SER E 17 28.85 1.35 7.13
N LEU E 18 27.82 1.76 7.86
CA LEU E 18 26.49 1.16 7.67
C LEU E 18 25.39 2.10 8.13
N ARG E 19 24.36 2.26 7.32
CA ARG E 19 23.26 3.15 7.66
C ARG E 19 22.00 2.37 8.02
N LEU E 20 21.43 2.67 9.18
CA LEU E 20 20.16 2.06 9.57
C LEU E 20 19.03 3.03 9.29
N SER E 21 17.82 2.50 9.12
CA SER E 21 16.67 3.34 8.87
C SER E 21 15.53 2.95 9.78
N CYS E 22 14.78 3.96 10.24
CA CYS E 22 13.59 3.72 11.05
C CYS E 22 12.43 4.47 10.43
N GLU E 23 11.51 3.72 9.82
CA GLU E 23 10.38 4.34 9.14
C GLU E 23 9.19 4.51 10.07
N ALA E 24 8.75 5.74 10.26
CA ALA E 24 7.62 5.99 11.15
C ALA E 24 6.31 6.03 10.36
N SER E 25 5.22 5.64 11.02
CA SER E 25 3.89 5.75 10.45
C SER E 25 2.87 5.98 11.56
N GLY E 26 1.75 6.60 11.20
CA GLY E 26 0.69 6.85 12.17
C GLY E 26 0.92 8.13 12.96
N PHE E 27 2.10 8.72 12.80
CA PHE E 27 2.43 9.96 13.48
C PHE E 27 3.55 10.64 12.69
N THR E 28 3.78 11.92 12.98
CA THR E 28 4.84 12.68 12.34
C THR E 28 6.09 12.74 13.24
N SER E 29 7.20 12.17 12.77
CA SER E 29 8.41 12.09 13.60
C SER E 29 9.01 13.48 13.85
N SER E 30 8.67 14.42 12.98
CA SER E 30 9.09 15.82 13.12
C SER E 30 8.46 16.50 14.32
N ALA E 31 7.53 15.81 14.99
CA ALA E 31 6.90 16.37 16.17
C ALA E 31 7.49 15.78 17.46
N TYR E 32 8.42 14.84 17.34
CA TYR E 32 8.94 14.12 18.51
C TYR E 32 10.44 14.02 18.58
N ALA E 33 10.98 13.88 19.79
CA ALA E 33 12.35 13.44 19.96
C ALA E 33 12.40 11.96 19.62
N MET E 34 13.43 11.57 18.88
CA MET E 34 13.58 10.17 18.50
C MET E 34 14.92 9.64 18.96
N HIS E 35 14.96 8.37 19.37
CA HIS E 35 16.17 7.77 19.91
C HIS E 35 16.52 6.47 19.20
N TRP E 36 17.78 6.08 19.28
CA TRP E 36 18.21 4.72 18.98
C TRP E 36 18.70 4.07 20.26
N VAL E 37 18.35 2.80 20.44
CA VAL E 37 18.73 2.04 21.61
C VAL E 37 19.22 0.71 21.08
N ARG E 38 20.25 0.13 21.68
CA ARG E 38 20.71 -1.14 21.15
C ARG E 38 20.82 -2.18 22.23
N GLN E 39 20.84 -3.45 21.82
CA GLN E 39 20.91 -4.56 22.76
C GLN E 39 21.75 -5.68 22.19
N ALA E 40 22.92 -5.90 22.76
CA ALA E 40 23.80 -6.99 22.36
C ALA E 40 23.14 -8.30 22.75
N PRO E 41 23.36 -9.36 21.94
CA PRO E 41 22.76 -10.68 22.19
C PRO E 41 22.97 -11.16 23.61
N GLY E 42 21.88 -11.39 24.33
CA GLY E 42 21.95 -11.89 25.70
C GLY E 42 22.31 -10.83 26.72
N LYS E 43 22.42 -9.57 26.29
CA LYS E 43 22.81 -8.49 27.20
C LYS E 43 21.72 -7.45 27.38
N GLY E 44 22.07 -6.35 28.04
CA GLY E 44 21.10 -5.34 28.41
C GLY E 44 20.86 -4.26 27.37
N LEU E 45 19.90 -3.39 27.66
CA LEU E 45 19.61 -2.25 26.81
C LEU E 45 20.70 -1.20 26.97
N GLU E 46 21.11 -0.61 25.86
CA GLU E 46 22.11 0.45 25.88
C GLU E 46 21.68 1.58 24.94
N TRP E 47 21.45 2.75 25.51
CA TRP E 47 21.04 3.93 24.74
C TRP E 47 22.18 4.36 23.82
N VAL E 48 21.81 4.79 22.62
CA VAL E 48 22.78 5.13 21.59
C VAL E 48 22.78 6.62 21.26
N ALA E 49 21.61 7.19 20.98
CA ALA E 49 21.54 8.52 20.40
C ALA E 49 20.14 9.12 20.44
N VAL E 50 20.08 10.44 20.46
CA VAL E 50 18.82 11.16 20.41
C VAL E 50 18.91 12.32 19.42
N ILE E 51 17.79 12.65 18.78
CA ILE E 51 17.69 13.85 17.95
C ILE E 51 16.37 14.56 18.28
N THR E 52 16.40 15.88 18.32
CA THR E 52 15.19 16.63 18.67
C THR E 52 14.19 16.64 17.52
N PHE E 53 12.96 17.07 17.82
CA PHE E 53 11.91 17.13 16.81
C PHE E 53 12.31 17.99 15.62
N ASP E 54 13.05 19.06 15.89
CA ASP E 54 13.44 20.03 14.87
C ASP E 54 14.65 19.56 14.07
N GLY E 55 15.39 18.59 14.61
CA GLY E 55 16.55 18.03 13.93
C GLY E 55 17.85 18.76 14.22
N GLY E 56 17.78 19.85 14.98
CA GLY E 56 18.92 20.74 15.15
C GLY E 56 19.84 20.40 16.30
N TYR E 57 19.39 19.48 17.16
CA TYR E 57 20.20 19.07 18.29
C TYR E 57 20.30 17.55 18.36
N GLN E 58 21.50 17.03 18.64
CA GLN E 58 21.70 15.59 18.77
C GLN E 58 22.59 15.29 19.99
N TYR E 59 22.50 14.08 20.51
CA TYR E 59 23.35 13.66 21.61
C TYR E 59 23.62 12.17 21.50
N TYR E 60 24.81 11.74 21.93
CA TYR E 60 25.26 10.37 21.72
C TYR E 60 25.83 9.75 22.99
N ALA E 61 25.75 8.43 23.09
CA ALA E 61 26.49 7.70 24.12
C ALA E 61 28.00 7.81 23.87
N ASP E 62 28.78 7.78 24.95
CA ASP E 62 30.25 7.89 24.82
C ASP E 62 30.81 6.78 23.96
N SER E 63 30.22 5.59 24.05
CA SER E 63 30.67 4.44 23.28
C SER E 63 30.56 4.65 21.75
N VAL E 64 29.72 5.57 21.29
CA VAL E 64 29.59 5.76 19.83
C VAL E 64 29.91 7.17 19.34
N LYS E 65 30.11 8.10 20.27
CA LYS E 65 30.38 9.49 19.91
C LYS E 65 31.59 9.60 18.99
N GLY E 66 31.45 10.35 17.90
CA GLY E 66 32.50 10.47 16.91
C GLY E 66 32.34 9.50 15.75
N ARG E 67 31.62 8.41 15.96
CA ARG E 67 31.48 7.39 14.91
C ARG E 67 30.06 7.31 14.35
N PHE E 68 29.07 7.51 15.20
CA PHE E 68 27.68 7.41 14.80
C PHE E 68 27.06 8.79 14.66
N THR E 69 26.16 8.95 13.69
CA THR E 69 25.39 10.18 13.62
C THR E 69 23.91 9.84 13.47
N ILE E 70 23.05 10.66 14.08
CA ILE E 70 21.62 10.44 13.98
C ILE E 70 21.01 11.58 13.17
N SER E 71 20.07 11.25 12.29
CA SER E 71 19.46 12.27 11.43
C SER E 71 18.02 11.92 11.07
N ARG E 72 17.30 12.89 10.52
CA ARG E 72 15.93 12.68 10.12
C ARG E 72 15.73 13.05 8.65
N ASP E 73 15.10 12.16 7.91
CA ASP E 73 14.58 12.47 6.59
C ASP E 73 13.13 12.88 6.76
N ILE E 74 12.87 14.17 6.80
CA ILE E 74 11.52 14.67 7.04
C ILE E 74 10.56 14.24 5.95
N SER E 75 11.02 14.30 4.70
CA SER E 75 10.15 13.99 3.57
C SER E 75 9.69 12.55 3.60
N ARG E 76 10.50 11.67 4.19
CA ARG E 76 10.14 10.25 4.24
C ARG E 76 9.75 9.80 5.64
N ASN E 77 9.62 10.73 6.58
CA ASN E 77 9.26 10.43 7.95
C ASN E 77 10.12 9.27 8.48
N THR E 78 11.41 9.34 8.19
CA THR E 78 12.31 8.24 8.49
C THR E 78 13.48 8.74 9.32
N LEU E 79 13.85 7.94 10.32
CA LEU E 79 15.01 8.23 11.15
C LEU E 79 16.18 7.38 10.67
N HIS E 80 17.37 7.95 10.68
CA HIS E 80 18.57 7.21 10.27
C HIS E 80 19.63 7.17 11.36
N LEU E 81 20.39 6.08 11.38
CA LEU E 81 21.63 6.03 12.16
C LEU E 81 22.77 5.69 11.22
N HIS E 82 23.67 6.63 11.03
CA HIS E 82 24.82 6.46 10.14
C HIS E 82 26.01 5.97 10.97
N MET E 83 26.40 4.71 10.78
CA MET E 83 27.44 4.13 11.60
C MET E 83 28.75 4.03 10.82
N ASN E 84 29.83 4.54 11.40
CA ASN E 84 31.16 4.48 10.79
C ASN E 84 32.12 3.78 11.73
N SER E 85 33.24 3.31 11.19
CA SER E 85 34.29 2.67 11.97
C SER E 85 33.74 1.60 12.90
N LEU E 86 32.91 0.72 12.36
CA LEU E 86 32.22 -0.29 13.15
C LEU E 86 33.19 -1.18 13.90
N ARG E 87 32.81 -1.55 15.12
CA ARG E 87 33.62 -2.42 15.95
C ARG E 87 32.81 -3.65 16.30
N ALA E 88 33.51 -4.75 16.61
CA ALA E 88 32.85 -6.01 17.00
C ALA E 88 31.80 -5.77 18.09
N GLU E 89 32.15 -4.96 19.08
CA GLU E 89 31.27 -4.72 20.22
C GLU E 89 30.08 -3.81 19.89
N ASP E 90 29.99 -3.37 18.64
CA ASP E 90 28.79 -2.67 18.16
C ASP E 90 27.70 -3.69 17.78
N THR E 91 28.05 -4.96 17.79
CA THR E 91 27.10 -6.02 17.49
C THR E 91 25.89 -5.98 18.44
N ALA E 92 24.71 -5.80 17.86
CA ALA E 92 23.48 -5.63 18.63
C ALA E 92 22.25 -5.57 17.75
N VAL E 93 21.09 -5.80 18.36
CA VAL E 93 19.84 -5.40 17.78
C VAL E 93 19.66 -3.91 18.07
N TYR E 94 19.40 -3.14 17.01
CA TYR E 94 19.21 -1.70 17.12
C TYR E 94 17.74 -1.33 17.06
N TYR E 95 17.26 -0.62 18.08
CA TYR E 95 15.87 -0.20 18.15
C TYR E 95 15.74 1.28 17.92
N CYS E 96 14.67 1.63 17.22
CA CYS E 96 14.19 2.99 17.12
C CYS E 96 13.13 3.21 18.18
N ALA E 97 13.09 4.40 18.80
CA ALA E 97 12.15 4.66 19.90
C ALA E 97 11.67 6.10 19.94
N ARG E 98 10.37 6.27 20.17
CA ARG E 98 9.77 7.60 20.26
C ARG E 98 9.70 8.12 21.70
N ASP E 99 9.96 9.41 21.85
CA ASP E 99 9.99 10.12 23.14
C ASP E 99 9.00 11.29 23.08
N PRO E 100 7.86 11.18 23.79
CA PRO E 100 6.78 12.16 23.64
C PRO E 100 6.98 13.42 24.48
N LEU E 101 7.97 13.44 25.34
CA LEU E 101 8.17 14.54 26.28
C LEU E 101 9.33 15.46 25.91
N THR E 102 10.44 14.88 25.46
CA THR E 102 11.63 15.68 25.22
C THR E 102 11.45 16.65 24.06
N LYS E 103 11.62 17.93 24.34
CA LYS E 103 11.60 18.94 23.29
C LYS E 103 13.01 19.51 23.12
N LEU E 104 13.41 20.39 24.03
CA LEU E 104 14.80 20.81 24.14
C LEU E 104 15.59 19.75 24.91
N LEU E 105 16.85 19.54 24.52
CA LEU E 105 17.67 18.56 25.21
C LEU E 105 17.98 19.02 26.64
N PRO E 106 17.80 18.11 27.61
CA PRO E 106 17.90 18.44 29.03
C PRO E 106 19.32 18.42 29.57
N PHE E 107 20.18 19.30 29.08
CA PHE E 107 21.56 19.39 29.56
C PHE E 107 21.62 19.76 31.05
N ASP E 108 20.77 20.69 31.47
CA ASP E 108 20.91 21.33 32.78
C ASP E 108 19.79 21.00 33.77
N TRP E 109 18.90 20.09 33.40
CA TRP E 109 17.79 19.75 34.30
C TRP E 109 17.41 18.28 34.20
N VAL E 110 16.80 17.78 35.26
CA VAL E 110 16.34 16.38 35.33
C VAL E 110 15.18 16.14 34.38
N SER E 111 15.35 15.16 33.49
CA SER E 111 14.38 14.95 32.43
C SER E 111 13.34 13.90 32.79
N GLY E 112 12.11 14.12 32.34
CA GLY E 112 11.05 13.14 32.48
C GLY E 112 10.85 12.32 31.22
N GLY E 113 11.84 12.37 30.32
CA GLY E 113 11.72 11.68 29.05
C GLY E 113 11.60 10.17 29.18
N TYR E 114 10.78 9.57 28.32
CA TYR E 114 10.63 8.11 28.28
C TYR E 114 10.24 7.67 26.88
N PHE E 115 10.31 6.36 26.64
CA PHE E 115 10.05 5.83 25.31
C PHE E 115 8.68 5.17 25.27
N ASP E 116 7.75 5.76 24.54
CA ASP E 116 6.38 5.23 24.55
C ASP E 116 6.11 4.26 23.40
N TYR E 117 6.94 4.31 22.35
CA TYR E 117 6.84 3.33 21.26
C TYR E 117 8.23 2.88 20.78
N TRP E 118 8.34 1.59 20.45
CA TRP E 118 9.59 0.99 20.00
C TRP E 118 9.36 0.22 18.71
N GLY E 119 10.37 0.17 17.84
CA GLY E 119 10.32 -0.73 16.71
C GLY E 119 10.59 -2.16 17.12
N GLN E 120 10.67 -3.07 16.15
CA GLN E 120 10.98 -4.48 16.45
C GLN E 120 12.48 -4.75 16.42
N GLY E 121 13.26 -3.81 15.88
CA GLY E 121 14.69 -3.91 15.94
C GLY E 121 15.31 -4.49 14.68
N THR E 122 16.55 -4.09 14.38
CA THR E 122 17.27 -4.67 13.27
C THR E 122 18.66 -5.11 13.73
N LEU E 123 19.04 -6.34 13.38
CA LEU E 123 20.26 -6.95 13.89
C LEU E 123 21.48 -6.52 13.09
N VAL E 124 22.45 -5.91 13.77
CA VAL E 124 23.73 -5.60 13.15
C VAL E 124 24.80 -6.49 13.76
N THR E 125 25.50 -7.23 12.90
CA THR E 125 26.54 -8.13 13.33
C THR E 125 27.88 -7.71 12.74
N VAL E 126 28.81 -7.32 13.59
CA VAL E 126 30.13 -6.88 13.16
C VAL E 126 31.16 -7.96 13.47
N SER E 127 31.73 -8.54 12.43
CA SER E 127 32.64 -9.66 12.59
C SER E 127 33.63 -9.75 11.45
N SER E 128 34.87 -10.10 11.79
CA SER E 128 35.91 -10.26 10.78
C SER E 128 36.11 -11.74 10.50
N ALA E 129 35.35 -12.59 11.20
CA ALA E 129 35.48 -14.03 11.02
C ALA E 129 35.15 -14.44 9.59
N SER E 130 35.80 -15.50 9.11
CA SER E 130 35.43 -16.07 7.82
C SER E 130 34.98 -17.52 8.02
N THR E 131 34.32 -18.07 7.01
CA THR E 131 33.77 -19.41 7.08
C THR E 131 34.83 -20.44 7.47
N LYS E 132 34.52 -21.28 8.45
CA LYS E 132 35.47 -22.28 8.93
C LYS E 132 34.77 -23.49 9.51
N GLY E 133 35.20 -24.69 9.09
CA GLY E 133 34.67 -25.93 9.60
C GLY E 133 35.30 -26.28 10.94
N PRO E 134 34.54 -26.94 11.82
CA PRO E 134 35.03 -27.18 13.17
C PRO E 134 36.07 -28.28 13.27
N SER E 135 36.82 -28.28 14.36
CA SER E 135 37.61 -29.43 14.78
C SER E 135 36.77 -30.19 15.80
N VAL E 136 36.77 -31.52 15.70
CA VAL E 136 35.96 -32.32 16.59
C VAL E 136 36.85 -33.21 17.45
N PHE E 137 36.57 -33.23 18.75
CA PHE E 137 37.29 -34.07 19.69
C PHE E 137 36.33 -34.90 20.51
N PRO E 138 36.70 -36.16 20.78
CA PRO E 138 35.82 -37.01 21.57
C PRO E 138 35.88 -36.65 23.06
N LEU E 139 34.73 -36.67 23.72
CA LEU E 139 34.67 -36.52 25.16
C LEU E 139 34.39 -37.89 25.78
N ALA E 140 35.46 -38.59 26.14
CA ALA E 140 35.36 -39.97 26.61
C ALA E 140 34.66 -40.10 27.97
N PRO E 141 33.92 -41.20 28.16
CA PRO E 141 33.28 -41.46 29.45
C PRO E 141 34.29 -41.85 30.52
N SER E 142 34.08 -41.38 31.75
CA SER E 142 34.96 -41.68 32.85
C SER E 142 34.88 -43.17 33.24
N GLY E 149 24.14 -45.70 37.65
CA GLY E 149 24.67 -46.74 36.80
C GLY E 149 24.79 -46.29 35.36
N THR E 150 24.88 -44.99 35.16
CA THR E 150 24.97 -44.41 33.83
C THR E 150 26.30 -43.71 33.58
N ALA E 151 26.70 -43.65 32.31
CA ALA E 151 27.92 -42.94 31.93
C ALA E 151 27.59 -41.87 30.89
N ALA E 152 28.28 -40.74 30.98
CA ALA E 152 28.07 -39.65 30.02
C ALA E 152 29.28 -39.50 29.12
N LEU E 153 29.03 -39.46 27.81
CA LEU E 153 30.10 -39.24 26.84
C LEU E 153 29.65 -38.19 25.83
N GLY E 154 30.61 -37.64 25.08
CA GLY E 154 30.25 -36.59 24.14
C GLY E 154 31.26 -36.19 23.09
N CYS E 155 30.94 -35.10 22.41
CA CYS E 155 31.82 -34.54 21.40
C CYS E 155 31.97 -33.03 21.55
N LEU E 156 33.22 -32.58 21.55
CA LEU E 156 33.55 -31.17 21.56
C LEU E 156 33.73 -30.67 20.12
N VAL E 157 32.87 -29.75 19.71
CA VAL E 157 32.91 -29.21 18.35
C VAL E 157 33.51 -27.81 18.38
N LYS E 158 34.78 -27.71 17.99
CA LYS E 158 35.56 -26.51 18.29
C LYS E 158 35.83 -25.59 17.08
N ASP E 159 35.69 -24.29 17.31
CA ASP E 159 36.18 -23.24 16.40
C ASP E 159 35.59 -23.28 15.00
N TYR E 160 34.30 -22.96 14.88
CA TYR E 160 33.67 -22.88 13.56
C TYR E 160 32.95 -21.55 13.34
N PHE E 161 32.64 -21.26 12.08
CA PHE E 161 31.92 -20.05 11.71
C PHE E 161 31.35 -20.21 10.30
N PRO E 162 30.12 -19.73 10.07
CA PRO E 162 29.20 -19.19 11.06
C PRO E 162 28.38 -20.29 11.70
N GLU E 163 27.39 -19.93 12.51
CA GLU E 163 26.43 -20.91 13.00
C GLU E 163 25.54 -21.35 11.84
N PRO E 164 24.92 -22.54 11.94
CA PRO E 164 24.99 -23.52 13.03
C PRO E 164 25.76 -24.77 12.67
N VAL E 165 25.94 -25.67 13.63
CA VAL E 165 26.29 -27.04 13.30
C VAL E 165 25.21 -27.93 13.87
N THR E 166 25.10 -29.14 13.33
CA THR E 166 24.20 -30.13 13.90
C THR E 166 25.00 -31.34 14.30
N VAL E 167 24.54 -32.01 15.35
CA VAL E 167 25.20 -33.21 15.84
C VAL E 167 24.18 -34.31 16.05
N SER E 168 24.46 -35.47 15.51
CA SER E 168 23.65 -36.65 15.75
C SER E 168 24.57 -37.73 16.27
N TRP E 169 23.99 -38.80 16.80
CA TRP E 169 24.78 -39.89 17.32
C TRP E 169 24.39 -41.18 16.63
N ASN E 170 25.41 -41.96 16.24
CA ASN E 170 25.21 -43.21 15.51
C ASN E 170 24.27 -43.06 14.33
N SER E 171 24.50 -42.04 13.51
CA SER E 171 23.72 -41.75 12.31
C SER E 171 22.22 -41.59 12.55
N GLY E 172 21.86 -41.16 13.75
CA GLY E 172 20.47 -40.88 14.06
C GLY E 172 19.77 -42.00 14.82
N ALA E 173 20.42 -43.15 14.95
CA ALA E 173 19.84 -44.28 15.66
C ALA E 173 19.77 -44.00 17.16
N LEU E 174 20.72 -43.22 17.66
CA LEU E 174 20.76 -42.90 19.09
C LEU E 174 20.21 -41.50 19.36
N THR E 175 19.10 -41.43 20.06
CA THR E 175 18.44 -40.15 20.30
C THR E 175 18.13 -39.89 21.76
N SER E 176 17.88 -40.96 22.52
CA SER E 176 17.56 -40.81 23.93
C SER E 176 18.79 -40.39 24.73
N GLY E 177 18.60 -39.41 25.61
CA GLY E 177 19.67 -38.93 26.45
C GLY E 177 20.66 -38.02 25.75
N VAL E 178 20.35 -37.65 24.51
CA VAL E 178 21.22 -36.76 23.75
C VAL E 178 20.94 -35.29 24.07
N HIS E 179 21.99 -34.54 24.37
CA HIS E 179 21.87 -33.12 24.62
C HIS E 179 22.99 -32.35 23.91
N THR E 180 22.62 -31.68 22.82
CA THR E 180 23.55 -30.81 22.11
C THR E 180 23.35 -29.38 22.59
N PHE E 181 24.38 -28.81 23.19
CA PHE E 181 24.24 -27.51 23.83
C PHE E 181 24.34 -26.34 22.85
N PRO E 182 23.68 -25.22 23.20
CA PRO E 182 23.89 -23.97 22.48
C PRO E 182 25.37 -23.62 22.43
N ALA E 183 25.79 -23.00 21.33
CA ALA E 183 27.20 -22.70 21.12
C ALA E 183 27.65 -21.50 21.96
N VAL E 184 28.94 -21.44 22.25
CA VAL E 184 29.49 -20.24 22.83
C VAL E 184 30.17 -19.44 21.72
N LEU E 185 29.99 -18.13 21.74
CA LEU E 185 30.71 -17.27 20.80
C LEU E 185 31.99 -16.77 21.46
N GLN E 186 33.13 -17.27 20.99
CA GLN E 186 34.41 -16.97 21.59
C GLN E 186 34.90 -15.58 21.19
N SER E 187 35.80 -15.03 21.99
CA SER E 187 36.38 -13.71 21.72
C SER E 187 37.11 -13.70 20.39
N SER E 188 37.54 -14.88 19.95
CA SER E 188 38.17 -15.04 18.64
C SER E 188 37.18 -14.78 17.49
N GLY E 189 35.89 -14.77 17.78
CA GLY E 189 34.89 -14.58 16.75
C GLY E 189 34.36 -15.90 16.23
N LEU E 190 34.91 -16.99 16.76
CA LEU E 190 34.51 -18.33 16.34
C LEU E 190 33.59 -18.98 17.37
N TYR E 191 32.84 -19.99 16.93
CA TYR E 191 31.89 -20.68 17.79
C TYR E 191 32.43 -22.03 18.24
N SER E 192 31.96 -22.48 19.40
CA SER E 192 32.17 -23.85 19.81
C SER E 192 30.92 -24.32 20.52
N LEU E 193 30.60 -25.61 20.37
CA LEU E 193 29.55 -26.23 21.18
C LEU E 193 29.97 -27.64 21.57
N SER E 194 29.16 -28.28 22.39
CA SER E 194 29.39 -29.65 22.79
C SER E 194 28.11 -30.46 22.67
N SER E 195 28.24 -31.74 22.41
CA SER E 195 27.09 -32.62 22.42
C SER E 195 27.39 -33.80 23.34
N VAL E 196 26.45 -34.14 24.21
CA VAL E 196 26.65 -35.30 25.06
C VAL E 196 25.45 -36.24 25.07
N VAL E 197 25.73 -37.49 25.41
CA VAL E 197 24.70 -38.50 25.54
C VAL E 197 24.96 -39.31 26.81
N THR E 198 23.89 -39.60 27.53
CA THR E 198 23.97 -40.44 28.73
C THR E 198 23.51 -41.87 28.40
N VAL E 199 24.40 -42.84 28.63
CA VAL E 199 24.16 -44.23 28.25
C VAL E 199 24.44 -45.16 29.44
N PRO E 200 24.06 -46.45 29.34
CA PRO E 200 24.34 -47.25 30.55
C PRO E 200 25.82 -47.66 30.60
N SER E 201 26.38 -47.67 31.80
CA SER E 201 27.82 -47.96 31.96
C SER E 201 28.17 -49.35 31.47
N SER E 202 27.22 -50.27 31.59
CA SER E 202 27.43 -51.66 31.20
C SER E 202 27.44 -51.85 29.69
N SER E 203 27.35 -50.75 28.94
CA SER E 203 27.27 -50.79 27.49
C SER E 203 28.55 -50.31 26.81
N LEU E 204 29.43 -49.71 27.58
CA LEU E 204 30.62 -49.05 27.03
C LEU E 204 31.56 -50.02 26.31
N GLY E 205 31.63 -51.25 26.79
CA GLY E 205 32.51 -52.23 26.21
C GLY E 205 31.95 -52.87 24.96
N THR E 206 30.65 -52.72 24.75
CA THR E 206 30.02 -53.38 23.62
C THR E 206 29.48 -52.44 22.56
N GLN E 207 28.93 -51.30 22.97
CA GLN E 207 28.15 -50.62 21.96
C GLN E 207 29.15 -49.60 21.37
N THR E 208 29.04 -49.29 20.08
CA THR E 208 29.89 -48.26 19.46
C THR E 208 29.18 -46.92 19.50
N TYR E 209 29.87 -45.87 19.93
CA TYR E 209 29.26 -44.55 19.96
C TYR E 209 30.03 -43.60 19.05
N ILE E 210 29.34 -43.10 18.04
CA ILE E 210 29.92 -42.18 17.07
C ILE E 210 29.08 -40.92 17.00
N CYS E 211 29.72 -39.76 17.14
CA CYS E 211 29.01 -38.50 16.97
C CYS E 211 29.20 -38.03 15.53
N ASN E 212 28.13 -37.54 14.93
CA ASN E 212 28.17 -37.07 13.55
C ASN E 212 27.98 -35.56 13.53
N VAL E 213 29.04 -34.84 13.20
CA VAL E 213 29.01 -33.39 13.17
C VAL E 213 28.84 -32.89 11.75
N ASN E 214 27.88 -31.99 11.55
CA ASN E 214 27.68 -31.37 10.25
C ASN E 214 27.71 -29.86 10.34
N HIS E 215 28.57 -29.24 9.53
CA HIS E 215 28.60 -27.79 9.42
C HIS E 215 28.36 -27.38 7.98
N LYS E 216 27.12 -27.05 7.66
CA LYS E 216 26.71 -26.81 6.27
C LYS E 216 27.43 -25.68 5.54
N PRO E 217 27.66 -24.51 6.19
CA PRO E 217 28.35 -23.43 5.46
C PRO E 217 29.74 -23.79 4.93
N SER E 218 30.37 -24.80 5.51
CA SER E 218 31.71 -25.19 5.07
C SER E 218 31.72 -26.59 4.46
N ASN E 219 30.54 -27.18 4.34
CA ASN E 219 30.35 -28.58 3.93
C ASN E 219 31.30 -29.50 4.68
N THR E 220 31.37 -29.31 5.99
CA THR E 220 32.18 -30.16 6.86
C THR E 220 31.32 -31.27 7.46
N LYS E 221 31.75 -32.51 7.28
CA LYS E 221 31.08 -33.64 7.91
C LYS E 221 32.11 -34.51 8.61
N VAL E 222 32.01 -34.60 9.93
CA VAL E 222 32.98 -35.35 10.70
C VAL E 222 32.29 -36.44 11.50
N ASP E 223 32.84 -37.65 11.44
CA ASP E 223 32.37 -38.75 12.26
C ASP E 223 33.47 -39.16 13.23
N LYS E 224 33.24 -38.90 14.51
CA LYS E 224 34.26 -39.22 15.51
C LYS E 224 33.77 -40.27 16.49
N ARG E 225 34.50 -41.37 16.58
CA ARG E 225 34.19 -42.42 17.53
C ARG E 225 34.63 -41.98 18.92
N VAL E 226 33.82 -42.29 19.93
CA VAL E 226 34.12 -41.91 21.31
C VAL E 226 34.18 -43.14 22.20
N GLU E 227 35.40 -43.56 22.55
CA GLU E 227 35.63 -44.76 23.35
C GLU E 227 36.16 -44.41 24.73
N PRO E 228 35.91 -45.28 25.73
CA PRO E 228 36.40 -45.09 27.10
C PRO E 228 37.92 -44.92 27.22
N LYS E 229 38.34 -44.10 28.18
CA LYS E 229 39.74 -43.76 28.46
C LYS E 229 40.61 -43.68 27.20
N TYR F 2 27.45 7.92 34.56
CA TYR F 2 26.45 7.59 35.56
C TYR F 2 26.02 6.13 35.39
N GLU F 3 25.95 5.42 36.51
CA GLU F 3 25.73 3.98 36.48
C GLU F 3 24.48 3.59 37.26
N LEU F 4 23.67 2.72 36.66
CA LEU F 4 22.47 2.19 37.31
C LEU F 4 22.58 0.68 37.42
N THR F 5 22.51 0.16 38.65
CA THR F 5 22.69 -1.27 38.84
C THR F 5 21.40 -1.91 39.35
N GLN F 6 21.17 -3.15 38.92
CA GLN F 6 20.00 -3.92 39.33
C GLN F 6 20.47 -5.30 39.72
N PRO F 7 19.74 -5.95 40.65
CA PRO F 7 19.96 -7.39 40.87
C PRO F 7 19.76 -8.17 39.57
N PRO F 8 20.61 -9.18 39.32
CA PRO F 8 20.59 -10.02 38.12
C PRO F 8 19.28 -10.80 37.95
N SER F 9 18.72 -11.32 39.04
CA SER F 9 17.51 -12.12 38.92
C SER F 9 16.65 -12.04 40.16
N VAL F 10 15.35 -12.25 39.97
CA VAL F 10 14.38 -12.33 41.06
C VAL F 10 13.43 -13.49 40.75
N SER F 11 13.17 -14.33 41.74
CA SER F 11 12.18 -15.40 41.60
C SER F 11 11.00 -15.14 42.50
N VAL F 12 9.80 -15.32 41.98
CA VAL F 12 8.58 -15.08 42.73
C VAL F 12 7.52 -16.13 42.35
N SER F 13 6.80 -16.66 43.34
CA SER F 13 5.68 -17.58 43.09
C SER F 13 4.46 -16.79 42.67
N PRO F 14 3.57 -17.40 41.85
CA PRO F 14 2.37 -16.69 41.41
C PRO F 14 1.55 -16.19 42.60
N GLY F 15 1.01 -14.98 42.51
CA GLY F 15 0.28 -14.40 43.61
C GLY F 15 1.15 -13.66 44.63
N GLN F 16 2.43 -13.96 44.67
CA GLN F 16 3.34 -13.23 45.56
C GLN F 16 3.66 -11.84 45.00
N THR F 17 4.38 -11.06 45.78
CA THR F 17 4.77 -9.74 45.36
C THR F 17 6.22 -9.74 44.89
N ALA F 18 6.47 -9.23 43.69
CA ALA F 18 7.83 -9.11 43.18
C ALA F 18 8.41 -7.71 43.41
N SER F 19 9.62 -7.65 43.94
CA SER F 19 10.31 -6.37 44.15
C SER F 19 11.60 -6.31 43.34
N ILE F 20 11.69 -5.31 42.49
CA ILE F 20 12.85 -5.12 41.61
C ILE F 20 13.45 -3.75 41.86
N THR F 21 14.71 -3.74 42.28
CA THR F 21 15.34 -2.48 42.64
C THR F 21 16.32 -2.00 41.58
N CYS F 22 16.57 -0.71 41.61
CA CYS F 22 17.49 -0.05 40.72
C CYS F 22 18.24 0.97 41.55
N SER F 23 19.57 0.93 41.51
CA SER F 23 20.37 1.75 42.41
C SER F 23 21.34 2.64 41.65
N GLY F 24 21.36 3.92 42.03
CA GLY F 24 22.27 4.89 41.43
C GLY F 24 22.45 6.06 42.39
N ASP F 25 23.53 6.81 42.23
CA ASP F 25 23.83 7.88 43.17
C ASP F 25 22.81 9.00 43.05
N LYS F 26 22.08 9.27 44.14
CA LYS F 26 21.00 10.27 44.13
C LYS F 26 20.04 10.07 42.98
N LEU F 27 19.72 8.81 42.70
CA LEU F 27 18.71 8.46 41.69
C LEU F 27 17.37 9.08 42.06
N GLY F 28 17.16 9.30 43.36
CA GLY F 28 15.94 9.91 43.87
C GLY F 28 15.72 11.34 43.40
N ASP F 29 16.79 11.98 42.95
CA ASP F 29 16.69 13.32 42.37
C ASP F 29 16.25 13.25 40.90
N LYS F 30 16.27 12.04 40.34
CA LYS F 30 15.93 11.85 38.92
C LYS F 30 14.56 11.20 38.77
N TYR F 31 14.04 11.21 37.55
CA TYR F 31 12.83 10.46 37.24
C TYR F 31 13.22 9.09 36.72
N ALA F 32 12.72 8.04 37.37
CA ALA F 32 12.99 6.68 36.89
C ALA F 32 11.82 6.15 36.07
N CYS F 33 12.15 5.40 35.02
CA CYS F 33 11.17 4.67 34.25
C CYS F 33 11.52 3.21 34.27
N TRP F 34 10.54 2.36 33.97
CA TRP F 34 10.75 0.93 33.95
C TRP F 34 10.18 0.31 32.66
N TYR F 35 10.95 -0.60 32.07
CA TYR F 35 10.52 -1.27 30.84
C TYR F 35 10.51 -2.77 31.06
N GLN F 36 9.46 -3.39 30.56
CA GLN F 36 9.32 -4.83 30.57
C GLN F 36 9.73 -5.39 29.21
N GLN F 37 10.60 -6.40 29.20
CA GLN F 37 10.96 -7.02 27.95
C GLN F 37 10.86 -8.54 27.99
N LYS F 38 9.99 -9.07 27.16
CA LYS F 38 9.85 -10.51 26.99
C LYS F 38 10.77 -11.00 25.88
N PRO F 39 11.19 -12.27 25.93
CA PRO F 39 12.16 -12.80 24.96
C PRO F 39 11.78 -12.53 23.50
N GLY F 40 12.71 -11.94 22.76
CA GLY F 40 12.50 -11.69 21.34
C GLY F 40 11.56 -10.53 21.04
N GLN F 41 11.13 -9.82 22.07
CA GLN F 41 10.21 -8.71 21.89
C GLN F 41 10.87 -7.37 22.19
N SER F 42 10.24 -6.29 21.73
CA SER F 42 10.66 -4.93 22.05
C SER F 42 10.27 -4.64 23.48
N PRO F 43 11.01 -3.73 24.16
CA PRO F 43 10.64 -3.38 25.53
C PRO F 43 9.30 -2.64 25.58
N VAL F 44 8.58 -2.79 26.68
CA VAL F 44 7.33 -2.09 26.89
C VAL F 44 7.40 -1.29 28.20
N LEU F 45 7.12 0.00 28.11
CA LEU F 45 7.08 0.87 29.29
C LEU F 45 5.97 0.45 30.27
N VAL F 46 6.31 0.19 31.53
CA VAL F 46 5.28 -0.15 32.51
C VAL F 46 5.14 0.92 33.61
N ILE F 47 6.20 1.69 33.84
CA ILE F 47 6.19 2.78 34.81
C ILE F 47 7.02 3.95 34.28
N TYR F 48 6.51 5.18 34.42
CA TYR F 48 7.29 6.37 34.10
C TYR F 48 7.10 7.43 35.19
N GLN F 49 8.01 8.39 35.24
CA GLN F 49 8.04 9.38 36.29
C GLN F 49 8.06 8.84 37.71
N ASP F 50 8.76 7.75 37.89
CA ASP F 50 8.88 7.02 39.17
C ASP F 50 7.67 6.24 39.70
N SER F 51 6.46 6.61 39.28
CA SER F 51 5.32 5.89 39.84
C SER F 51 4.06 5.89 38.97
N LYS F 52 4.15 6.43 37.75
CA LYS F 52 2.97 6.52 36.89
C LYS F 52 2.85 5.32 35.96
N ARG F 53 1.63 4.78 35.83
CA ARG F 53 1.33 3.71 34.89
C ARG F 53 0.77 4.26 33.59
N PRO F 54 1.35 3.82 32.45
CA PRO F 54 0.73 4.13 31.16
C PRO F 54 -0.64 3.46 31.05
N SER F 55 -1.48 3.94 30.15
CA SER F 55 -2.74 3.28 29.86
C SER F 55 -2.47 1.84 29.38
N GLY F 56 -3.19 0.88 29.95
CA GLY F 56 -3.10 -0.50 29.50
C GLY F 56 -2.24 -1.39 30.36
N ILE F 57 -1.45 -0.76 31.23
CA ILE F 57 -0.66 -1.48 32.22
C ILE F 57 -1.49 -1.73 33.47
N PRO F 58 -1.53 -2.99 33.94
CA PRO F 58 -2.34 -3.40 35.11
C PRO F 58 -1.96 -2.66 36.39
N GLU F 59 -2.94 -2.42 37.25
CA GLU F 59 -2.69 -1.67 38.48
C GLU F 59 -1.73 -2.38 39.42
N ARG F 60 -1.54 -3.69 39.23
CA ARG F 60 -0.62 -4.44 40.09
C ARG F 60 0.83 -3.97 39.91
N PHE F 61 1.12 -3.29 38.81
CA PHE F 61 2.42 -2.65 38.63
C PHE F 61 2.46 -1.32 39.37
N SER F 62 3.49 -1.12 40.19
CA SER F 62 3.71 0.16 40.86
C SER F 62 5.20 0.46 41.01
N GLY F 63 5.53 1.71 41.28
CA GLY F 63 6.91 2.10 41.43
C GLY F 63 7.14 3.23 42.43
N SER F 64 8.38 3.33 42.93
CA SER F 64 8.76 4.47 43.74
C SER F 64 10.26 4.76 43.58
N ASN F 65 10.66 5.95 44.01
CA ASN F 65 12.03 6.42 43.85
C ASN F 65 12.39 7.46 44.92
N SER F 66 13.47 7.22 45.64
CA SER F 66 14.00 8.17 46.61
C SER F 66 15.36 7.73 47.08
N GLY F 67 16.17 8.68 47.52
CA GLY F 67 17.52 8.37 47.95
C GLY F 67 18.34 7.88 46.78
N ASN F 68 18.84 6.66 46.88
CA ASN F 68 19.61 6.06 45.79
C ASN F 68 18.91 4.89 45.11
N THR F 69 17.65 4.65 45.45
CA THR F 69 16.98 3.44 45.00
C THR F 69 15.61 3.70 44.39
N ALA F 70 15.43 3.21 43.17
CA ALA F 70 14.12 3.14 42.56
C ALA F 70 13.65 1.70 42.64
N THR F 71 12.37 1.51 42.95
CA THR F 71 11.83 0.16 43.10
C THR F 71 10.58 -0.05 42.24
N LEU F 72 10.56 -1.16 41.51
CA LEU F 72 9.37 -1.55 40.76
C LEU F 72 8.72 -2.70 41.49
N THR F 73 7.43 -2.57 41.77
CA THR F 73 6.75 -3.58 42.55
C THR F 73 5.58 -4.18 41.79
N ILE F 74 5.53 -5.51 41.74
CA ILE F 74 4.43 -6.21 41.09
C ILE F 74 3.68 -7.06 42.10
N SER F 75 2.46 -6.65 42.44
CA SER F 75 1.68 -7.40 43.41
C SER F 75 0.86 -8.46 42.68
N GLY F 76 0.52 -9.53 43.38
CA GLY F 76 -0.24 -10.62 42.79
C GLY F 76 0.30 -11.02 41.44
N THR F 77 1.60 -11.29 41.39
CA THR F 77 2.27 -11.61 40.12
C THR F 77 1.65 -12.83 39.47
N GLN F 78 1.52 -12.78 38.15
CA GLN F 78 1.07 -13.94 37.40
C GLN F 78 2.02 -14.25 36.26
N ALA F 79 1.78 -15.39 35.62
CA ALA F 79 2.68 -15.93 34.61
C ALA F 79 3.10 -14.91 33.56
N MET F 80 2.15 -14.07 33.15
CA MET F 80 2.42 -13.12 32.06
C MET F 80 3.37 -12.00 32.47
N ASP F 81 3.78 -11.97 33.74
CA ASP F 81 4.66 -10.92 34.22
C ASP F 81 6.12 -11.32 34.16
N GLU F 82 6.37 -12.59 33.86
CA GLU F 82 7.74 -13.06 33.68
C GLU F 82 8.38 -12.36 32.50
N ALA F 83 9.50 -11.71 32.77
CA ALA F 83 10.18 -10.88 31.77
C ALA F 83 11.47 -10.35 32.35
N ASP F 84 12.29 -9.73 31.51
CA ASP F 84 13.41 -8.93 31.97
C ASP F 84 12.91 -7.51 32.20
N TYR F 85 13.30 -6.90 33.32
CA TYR F 85 12.90 -5.53 33.58
C TYR F 85 14.12 -4.60 33.69
N TYR F 86 14.02 -3.45 33.03
CA TYR F 86 15.09 -2.45 33.04
C TYR F 86 14.59 -1.13 33.59
N CYS F 87 15.34 -0.54 34.52
CA CYS F 87 15.05 0.84 34.90
C CYS F 87 15.80 1.79 33.98
N GLN F 88 15.43 3.06 34.05
CA GLN F 88 15.99 4.05 33.15
C GLN F 88 15.91 5.40 33.80
N ALA F 89 16.96 6.21 33.64
CA ALA F 89 16.93 7.59 34.12
C ALA F 89 17.86 8.42 33.27
N TRP F 90 17.69 9.73 33.29
CA TRP F 90 18.54 10.59 32.47
C TRP F 90 19.70 11.15 33.30
N ASP F 91 20.84 11.29 32.66
CA ASP F 91 21.93 12.04 33.27
C ASP F 91 22.37 13.10 32.26
N SER F 92 21.95 14.32 32.53
CA SER F 92 22.03 15.39 31.54
C SER F 92 21.23 14.90 30.32
N SER F 93 21.78 15.06 29.11
CA SER F 93 21.07 14.62 27.91
C SER F 93 21.42 13.19 27.49
N THR F 94 21.98 12.44 28.42
CA THR F 94 22.29 11.03 28.23
C THR F 94 21.19 10.17 28.86
N VAL F 95 20.73 9.14 28.15
CA VAL F 95 19.78 8.21 28.75
C VAL F 95 20.56 7.01 29.30
N VAL F 96 20.27 6.64 30.55
CA VAL F 96 20.98 5.54 31.18
C VAL F 96 20.02 4.42 31.52
N PHE F 97 20.40 3.19 31.17
CA PHE F 97 19.62 2.02 31.52
C PHE F 97 20.27 1.24 32.65
N GLY F 98 19.46 0.70 33.54
CA GLY F 98 19.95 -0.24 34.54
C GLY F 98 20.41 -1.51 33.84
N THR F 99 21.07 -2.37 34.59
CA THR F 99 21.68 -3.54 33.97
C THR F 99 20.69 -4.69 33.76
N GLY F 100 19.46 -4.52 34.24
CA GLY F 100 18.39 -5.46 33.98
C GLY F 100 18.21 -6.55 35.03
N THR F 101 16.95 -6.94 35.24
CA THR F 101 16.62 -8.04 36.17
C THR F 101 15.70 -9.07 35.49
N LYS F 102 16.17 -10.33 35.43
CA LYS F 102 15.33 -11.43 34.98
C LYS F 102 14.35 -11.84 36.07
N VAL F 103 13.07 -11.57 35.85
CA VAL F 103 12.06 -11.92 36.81
C VAL F 103 11.41 -13.24 36.40
N THR F 104 11.59 -14.27 37.21
CA THR F 104 10.96 -15.55 36.94
C THR F 104 9.76 -15.74 37.85
N VAL F 105 8.59 -15.92 37.24
CA VAL F 105 7.40 -16.28 37.97
C VAL F 105 7.33 -17.80 38.00
N LEU F 106 7.66 -18.37 39.15
CA LEU F 106 7.85 -19.82 39.30
C LEU F 106 6.65 -20.60 38.79
N GLY F 107 6.89 -21.44 37.79
CA GLY F 107 5.82 -22.19 37.16
C GLY F 107 6.01 -23.69 37.25
N GLN F 108 7.10 -24.10 37.87
CA GLN F 108 7.40 -25.51 38.09
C GLN F 108 8.41 -25.61 39.21
N PRO F 109 8.53 -26.80 39.84
CA PRO F 109 9.42 -26.92 41.00
C PRO F 109 10.85 -26.50 40.68
N LYS F 110 11.55 -25.98 41.68
CA LYS F 110 12.94 -25.59 41.53
C LYS F 110 13.75 -26.82 41.18
N ALA F 111 14.78 -26.64 40.35
CA ALA F 111 15.65 -27.76 39.99
C ALA F 111 17.11 -27.34 39.96
N ALA F 112 17.93 -28.02 40.75
CA ALA F 112 19.37 -27.80 40.75
C ALA F 112 19.95 -28.24 39.42
N PRO F 113 21.04 -27.57 38.98
CA PRO F 113 21.68 -27.90 37.71
C PRO F 113 22.36 -29.26 37.72
N SER F 114 22.18 -30.04 36.67
CA SER F 114 22.99 -31.23 36.47
C SER F 114 24.29 -30.79 35.83
N VAL F 115 25.41 -31.22 36.39
CA VAL F 115 26.70 -30.75 35.91
C VAL F 115 27.59 -31.89 35.45
N THR F 116 28.15 -31.74 34.25
CA THR F 116 29.09 -32.72 33.71
C THR F 116 30.36 -32.02 33.25
N LEU F 117 31.49 -32.36 33.87
CA LEU F 117 32.78 -31.78 33.52
C LEU F 117 33.67 -32.79 32.78
N PHE F 118 34.14 -32.42 31.60
CA PHE F 118 35.08 -33.23 30.84
C PHE F 118 36.47 -32.62 30.90
N PRO F 119 37.52 -33.46 30.98
CA PRO F 119 38.91 -33.03 30.87
C PRO F 119 39.30 -32.89 29.39
N PRO F 120 40.50 -32.36 29.07
CA PRO F 120 40.88 -32.30 27.66
C PRO F 120 41.08 -33.68 27.06
N SER F 121 40.67 -33.86 25.82
CA SER F 121 40.83 -35.14 25.15
C SER F 121 42.30 -35.37 24.79
N SER F 122 42.66 -36.64 24.62
CA SER F 122 44.01 -37.00 24.19
C SER F 122 44.31 -36.39 22.84
N GLU F 123 43.30 -36.38 21.97
CA GLU F 123 43.43 -35.83 20.63
C GLU F 123 43.71 -34.33 20.66
N GLU F 124 43.06 -33.61 21.57
CA GLU F 124 43.29 -32.18 21.65
C GLU F 124 44.68 -31.91 22.21
N LEU F 125 45.10 -32.73 23.17
CA LEU F 125 46.44 -32.64 23.72
C LEU F 125 47.49 -33.08 22.68
N GLN F 126 47.07 -33.85 21.68
CA GLN F 126 47.90 -34.15 20.51
C GLN F 126 48.33 -32.85 19.85
N ALA F 127 47.33 -32.04 19.49
CA ALA F 127 47.56 -30.67 19.08
C ALA F 127 48.02 -29.91 20.32
N ASN F 128 48.43 -28.67 20.20
CA ASN F 128 48.98 -28.01 21.37
C ASN F 128 47.91 -27.28 22.17
N LYS F 129 46.76 -27.92 22.34
CA LYS F 129 45.59 -27.27 22.95
C LYS F 129 45.01 -28.08 24.11
N ALA F 130 44.20 -27.43 24.94
CA ALA F 130 43.50 -28.10 26.02
C ALA F 130 42.27 -27.30 26.43
N THR F 131 41.11 -27.95 26.38
CA THR F 131 39.85 -27.32 26.75
C THR F 131 39.12 -28.14 27.79
N LEU F 132 38.73 -27.50 28.90
CA LEU F 132 37.85 -28.15 29.86
C LEU F 132 36.42 -27.76 29.53
N VAL F 133 35.53 -28.74 29.53
CA VAL F 133 34.13 -28.51 29.15
C VAL F 133 33.18 -28.75 30.32
N CYS F 134 32.56 -27.68 30.82
CA CYS F 134 31.59 -27.81 31.89
C CYS F 134 30.17 -27.64 31.36
N LEU F 135 29.41 -28.75 31.35
CA LEU F 135 28.06 -28.75 30.81
C LEU F 135 27.02 -28.70 31.91
N ILE F 136 26.10 -27.74 31.80
CA ILE F 136 25.16 -27.42 32.85
C ILE F 136 23.76 -27.47 32.28
N SER F 137 22.88 -28.29 32.87
CA SER F 137 21.56 -28.50 32.27
C SER F 137 20.44 -28.76 33.29
N ASP F 138 19.21 -28.64 32.80
CA ASP F 138 18.00 -28.95 33.57
C ASP F 138 17.82 -28.12 34.84
N PHE F 139 18.30 -26.87 34.84
CA PHE F 139 18.12 -26.07 36.04
C PHE F 139 17.00 -25.06 35.88
N TYR F 140 16.38 -24.72 37.01
CA TYR F 140 15.24 -23.82 37.04
C TYR F 140 15.16 -23.19 38.42
N PRO F 141 15.04 -21.86 38.51
CA PRO F 141 14.97 -20.86 37.44
C PRO F 141 16.26 -20.79 36.61
N GLY F 142 16.18 -20.14 35.46
CA GLY F 142 17.31 -20.06 34.55
C GLY F 142 18.30 -18.96 34.88
N ALA F 143 18.93 -19.06 36.04
CA ALA F 143 19.98 -18.13 36.41
C ALA F 143 21.05 -18.88 37.20
N VAL F 144 22.30 -18.71 36.78
CA VAL F 144 23.42 -19.50 37.28
C VAL F 144 24.73 -18.70 37.24
N THR F 145 25.60 -18.87 38.24
CA THR F 145 26.96 -18.34 38.13
C THR F 145 27.96 -19.49 38.12
N VAL F 146 29.05 -19.33 37.39
CA VAL F 146 30.06 -20.38 37.26
C VAL F 146 31.42 -19.90 37.76
N ALA F 147 32.12 -20.74 38.52
CA ALA F 147 33.46 -20.44 38.98
C ALA F 147 34.40 -21.61 38.74
N TRP F 148 35.60 -21.32 38.27
CA TRP F 148 36.58 -22.36 37.99
C TRP F 148 37.73 -22.28 38.99
N LYS F 149 38.30 -23.43 39.31
CA LYS F 149 39.41 -23.48 40.23
C LYS F 149 40.50 -24.42 39.74
N ALA F 150 41.75 -23.96 39.81
CA ALA F 150 42.90 -24.83 39.62
C ALA F 150 43.37 -25.24 41.00
N ASP F 151 43.31 -26.54 41.28
CA ASP F 151 43.44 -27.05 42.65
C ASP F 151 42.49 -26.30 43.56
N SER F 152 42.99 -25.29 44.27
CA SER F 152 42.14 -24.56 45.21
C SER F 152 42.08 -23.06 44.92
N SER F 153 42.73 -22.61 43.85
CA SER F 153 42.77 -21.19 43.54
C SER F 153 41.92 -20.86 42.31
N PRO F 154 41.10 -19.80 42.42
CA PRO F 154 40.18 -19.37 41.36
C PRO F 154 40.89 -19.01 40.06
N VAL F 155 40.38 -19.52 38.95
CA VAL F 155 40.93 -19.22 37.64
C VAL F 155 39.92 -18.49 36.78
N LYS F 156 40.33 -17.31 36.29
CA LYS F 156 39.43 -16.45 35.53
C LYS F 156 39.87 -16.29 34.08
N ALA F 157 41.10 -16.71 33.77
CA ALA F 157 41.63 -16.55 32.42
C ALA F 157 41.33 -17.77 31.55
N GLY F 158 40.95 -17.52 30.30
CA GLY F 158 40.64 -18.57 29.36
C GLY F 158 39.25 -19.14 29.55
N VAL F 159 38.41 -18.40 30.27
CA VAL F 159 37.06 -18.86 30.61
C VAL F 159 36.02 -18.20 29.72
N GLU F 160 35.22 -19.02 29.03
CA GLU F 160 34.09 -18.54 28.25
C GLU F 160 32.82 -19.29 28.65
N THR F 161 31.80 -18.55 29.04
CA THR F 161 30.56 -19.14 29.55
C THR F 161 29.34 -18.61 28.78
N THR F 162 28.46 -19.50 28.35
CA THR F 162 27.26 -19.07 27.64
C THR F 162 26.23 -18.47 28.59
N THR F 163 25.31 -17.69 28.05
CA THR F 163 24.15 -17.23 28.79
C THR F 163 23.08 -18.33 28.83
N PRO F 164 22.38 -18.48 29.96
CA PRO F 164 21.34 -19.51 30.10
C PRO F 164 20.30 -19.47 28.98
N SER F 165 20.00 -20.62 28.40
CA SER F 165 18.98 -20.69 27.36
C SER F 165 17.92 -21.75 27.68
N LYS F 166 16.66 -21.41 27.42
CA LYS F 166 15.54 -22.28 27.74
C LYS F 166 15.59 -23.57 26.91
N GLN F 167 15.55 -24.71 27.60
CA GLN F 167 15.46 -26.02 26.96
C GLN F 167 14.02 -26.28 26.53
N SER F 168 13.76 -27.38 25.83
CA SER F 168 12.38 -27.72 25.49
C SER F 168 11.63 -28.15 26.75
N ASN F 169 12.40 -28.49 27.79
CA ASN F 169 11.95 -28.74 29.16
C ASN F 169 11.27 -27.58 29.89
N ASN F 170 11.46 -26.38 29.36
CA ASN F 170 11.25 -25.13 30.09
C ASN F 170 12.17 -24.99 31.30
N LYS F 171 13.12 -25.90 31.43
CA LYS F 171 14.27 -25.71 32.29
C LYS F 171 15.36 -25.08 31.42
N TYR F 172 16.54 -24.85 31.98
CA TYR F 172 17.58 -24.11 31.27
C TYR F 172 18.92 -24.85 31.15
N ALA F 173 19.65 -24.55 30.07
CA ALA F 173 20.99 -25.11 29.87
C ALA F 173 22.03 -23.99 29.71
N ALA F 174 23.28 -24.31 30.06
CA ALA F 174 24.40 -23.40 29.87
C ALA F 174 25.68 -24.22 29.79
N SER F 175 26.73 -23.62 29.23
CA SER F 175 28.01 -24.28 29.16
C SER F 175 29.12 -23.30 29.53
N SER F 176 30.23 -23.83 30.02
CA SER F 176 31.39 -23.00 30.32
C SER F 176 32.63 -23.76 29.92
N TYR F 177 33.52 -23.07 29.20
CA TYR F 177 34.73 -23.66 28.67
C TYR F 177 35.96 -23.02 29.32
N LEU F 178 36.93 -23.84 29.71
CA LEU F 178 38.20 -23.33 30.23
C LEU F 178 39.32 -23.76 29.32
N SER F 179 39.97 -22.78 28.69
CA SER F 179 41.07 -23.07 27.78
C SER F 179 42.40 -23.01 28.54
N LEU F 180 43.20 -24.05 28.39
CA LEU F 180 44.49 -24.12 29.07
C LEU F 180 45.56 -24.58 28.11
N THR F 181 46.82 -24.32 28.44
CA THR F 181 47.92 -24.95 27.73
C THR F 181 48.03 -26.38 28.25
N PRO F 182 48.54 -27.30 27.43
CA PRO F 182 48.79 -28.66 27.93
C PRO F 182 49.79 -28.68 29.09
N GLU F 183 50.48 -27.57 29.32
CA GLU F 183 51.41 -27.46 30.44
C GLU F 183 50.68 -27.02 31.70
N GLN F 184 49.69 -26.13 31.56
CA GLN F 184 48.82 -25.77 32.68
C GLN F 184 48.02 -27.01 33.12
N TRP F 185 47.56 -27.81 32.19
CA TRP F 185 46.80 -28.98 32.56
C TRP F 185 47.43 -29.94 33.62
N LYS F 186 48.55 -30.57 33.27
CA LYS F 186 49.14 -31.60 34.10
C LYS F 186 49.86 -30.95 35.26
N SER F 187 50.06 -29.65 35.14
CA SER F 187 50.72 -28.86 36.19
C SER F 187 50.02 -28.93 37.54
N HIS F 188 48.77 -28.52 37.58
CA HIS F 188 47.93 -28.72 38.75
C HIS F 188 47.40 -30.13 38.67
N ARG F 189 46.94 -30.70 39.77
CA ARG F 189 46.45 -32.07 39.67
C ARG F 189 44.94 -32.16 39.88
N SER F 190 44.26 -31.01 39.85
CA SER F 190 42.81 -30.98 39.81
C SER F 190 42.26 -29.65 39.30
N TYR F 191 41.18 -29.74 38.53
CA TYR F 191 40.42 -28.56 38.10
C TYR F 191 38.96 -28.77 38.46
N SER F 192 38.29 -27.70 38.86
CA SER F 192 36.90 -27.81 39.29
C SER F 192 36.01 -26.77 38.64
N CYS F 193 34.84 -27.22 38.22
CA CYS F 193 33.78 -26.33 37.75
C CYS F 193 32.74 -26.20 38.85
N GLN F 194 32.51 -24.98 39.32
CA GLN F 194 31.58 -24.78 40.43
C GLN F 194 30.40 -23.93 39.99
N VAL F 195 29.22 -24.54 40.01
CA VAL F 195 28.01 -23.90 39.51
C VAL F 195 27.08 -23.51 40.65
N THR F 196 26.86 -22.21 40.83
CA THR F 196 25.99 -21.75 41.90
C THR F 196 24.60 -21.42 41.38
N HIS F 197 23.61 -22.04 41.99
CA HIS F 197 22.22 -21.90 41.57
C HIS F 197 21.32 -21.73 42.78
N GLU F 198 20.62 -20.60 42.82
CA GLU F 198 19.70 -20.29 43.93
C GLU F 198 20.36 -20.46 45.31
N GLY F 199 21.56 -19.92 45.47
CA GLY F 199 22.27 -19.96 46.74
C GLY F 199 22.96 -21.29 47.06
N SER F 200 22.77 -22.28 46.21
CA SER F 200 23.41 -23.59 46.42
C SER F 200 24.32 -23.95 45.25
N THR F 201 25.48 -24.54 45.55
CA THR F 201 26.46 -24.82 44.50
C THR F 201 26.69 -26.31 44.30
N VAL F 202 26.85 -26.70 43.04
CA VAL F 202 27.22 -28.06 42.69
C VAL F 202 28.54 -28.03 41.90
N GLU F 203 29.47 -28.89 42.29
CA GLU F 203 30.80 -28.90 41.71
C GLU F 203 31.13 -30.25 41.10
N LYS F 204 31.88 -30.23 40.00
CA LYS F 204 32.51 -31.43 39.46
C LYS F 204 34.00 -31.18 39.42
N THR F 205 34.79 -32.26 39.40
CA THR F 205 36.23 -32.16 39.45
C THR F 205 36.87 -33.19 38.52
N VAL F 206 37.94 -32.80 37.84
CA VAL F 206 38.71 -33.74 37.02
C VAL F 206 40.20 -33.57 37.27
N ALA F 207 40.95 -34.65 37.11
CA ALA F 207 42.39 -34.66 37.30
C ALA F 207 43.08 -35.25 36.08
N PRO F 208 44.32 -34.82 35.79
CA PRO F 208 45.08 -35.40 34.67
C PRO F 208 45.49 -36.86 34.90
N THR F 209 44.56 -37.66 35.40
CA THR F 209 44.78 -39.09 35.67
C THR F 209 43.45 -39.79 35.93
N GLN G 1 -3.25 -8.42 -10.80
CA GLN G 1 -3.98 -8.00 -11.99
C GLN G 1 -3.14 -7.02 -12.83
N VAL G 2 -3.39 -7.00 -14.13
CA VAL G 2 -2.81 -5.96 -14.98
C VAL G 2 -3.69 -4.72 -14.85
N GLN G 3 -3.07 -3.56 -14.82
CA GLN G 3 -3.80 -2.33 -14.53
C GLN G 3 -3.16 -1.13 -15.20
N LEU G 4 -4.00 -0.25 -15.75
CA LEU G 4 -3.51 0.98 -16.34
C LEU G 4 -4.18 2.17 -15.64
N VAL G 5 -3.38 3.04 -15.06
CA VAL G 5 -3.93 4.20 -14.37
C VAL G 5 -3.31 5.48 -14.89
N GLU G 6 -4.15 6.33 -15.47
CA GLU G 6 -3.67 7.53 -16.12
C GLU G 6 -3.99 8.79 -15.33
N SER G 7 -3.05 9.73 -15.39
CA SER G 7 -3.17 10.97 -14.64
C SER G 7 -2.75 12.16 -15.48
N GLY G 8 -2.92 13.36 -14.92
CA GLY G 8 -2.46 14.58 -15.56
C GLY G 8 -3.53 15.57 -15.96
N GLY G 9 -4.76 15.09 -16.15
CA GLY G 9 -5.84 15.92 -16.64
C GLY G 9 -6.23 17.09 -15.76
N GLY G 10 -7.18 17.88 -16.26
CA GLY G 10 -7.64 19.08 -15.57
C GLY G 10 -8.09 20.13 -16.57
N VAL G 11 -8.45 21.31 -16.08
CA VAL G 11 -8.91 22.39 -16.95
C VAL G 11 -7.79 23.38 -17.22
N VAL G 12 -7.50 23.60 -18.50
CA VAL G 12 -6.37 24.43 -18.90
C VAL G 12 -6.73 25.35 -20.06
N GLN G 13 -5.86 26.33 -20.33
CA GLN G 13 -6.10 27.30 -21.39
C GLN G 13 -5.51 26.85 -22.73
N PRO G 14 -6.12 27.27 -23.84
CA PRO G 14 -5.61 26.96 -25.18
C PRO G 14 -4.18 27.39 -25.36
N GLY G 15 -3.40 26.61 -26.10
CA GLY G 15 -2.04 26.99 -26.43
C GLY G 15 -1.05 26.67 -25.33
N THR G 16 -1.55 26.12 -24.22
CA THR G 16 -0.68 25.68 -23.14
C THR G 16 -0.23 24.25 -23.40
N SER G 17 0.66 23.76 -22.54
CA SER G 17 1.17 22.41 -22.66
C SER G 17 0.87 21.59 -21.40
N LEU G 18 0.66 20.28 -21.58
CA LEU G 18 0.32 19.40 -20.48
C LEU G 18 0.84 18.00 -20.73
N ARG G 19 1.38 17.36 -19.70
CA ARG G 19 1.85 15.98 -19.82
C ARG G 19 0.96 15.02 -19.05
N LEU G 20 0.44 14.02 -19.77
CA LEU G 20 -0.34 12.96 -19.16
C LEU G 20 0.56 11.76 -18.89
N SER G 21 0.21 10.99 -17.86
CA SER G 21 0.98 9.81 -17.50
C SER G 21 0.07 8.61 -17.35
N CYS G 22 0.55 7.44 -17.77
CA CYS G 22 -0.16 6.18 -17.59
C CYS G 22 0.73 5.19 -16.86
N GLU G 23 0.39 4.84 -15.63
CA GLU G 23 1.23 3.93 -14.87
C GLU G 23 0.69 2.51 -14.98
N ALA G 24 1.54 1.60 -15.44
CA ALA G 24 1.13 0.21 -15.64
C ALA G 24 1.58 -0.68 -14.48
N SER G 25 0.80 -1.72 -14.19
CA SER G 25 1.15 -2.66 -13.14
C SER G 25 0.71 -4.06 -13.53
N GLY G 26 1.40 -5.08 -13.03
CA GLY G 26 1.02 -6.45 -13.29
C GLY G 26 1.61 -7.01 -14.57
N PHE G 27 2.39 -6.18 -15.25
CA PHE G 27 3.04 -6.57 -16.50
C PHE G 27 4.08 -5.52 -16.84
N THR G 28 4.95 -5.82 -17.80
CA THR G 28 5.89 -4.80 -18.29
C THR G 28 5.37 -4.15 -19.57
N SER G 29 5.21 -2.82 -19.53
CA SER G 29 4.76 -2.08 -20.71
C SER G 29 5.79 -2.16 -21.85
N SER G 30 7.01 -2.56 -21.53
CA SER G 30 8.08 -2.63 -22.52
C SER G 30 7.95 -3.87 -23.40
N ALA G 31 7.07 -4.79 -23.02
CA ALA G 31 6.85 -5.98 -23.81
C ALA G 31 5.64 -5.80 -24.72
N TYR G 32 5.07 -4.61 -24.69
CA TYR G 32 3.82 -4.35 -25.41
C TYR G 32 3.85 -3.06 -26.21
N ALA G 33 3.10 -3.04 -27.30
CA ALA G 33 2.76 -1.77 -27.93
C ALA G 33 1.73 -1.11 -27.03
N MET G 34 1.77 0.22 -26.97
CA MET G 34 0.88 0.93 -26.07
C MET G 34 0.31 2.21 -26.70
N HIS G 35 -0.97 2.47 -26.45
CA HIS G 35 -1.70 3.52 -27.14
C HIS G 35 -2.33 4.55 -26.21
N TRP G 36 -2.65 5.70 -26.80
CA TRP G 36 -3.56 6.67 -26.18
C TRP G 36 -4.80 6.79 -27.06
N VAL G 37 -5.98 6.68 -26.45
CA VAL G 37 -7.23 6.92 -27.15
C VAL G 37 -8.02 7.98 -26.40
N ARG G 38 -8.62 8.91 -27.12
CA ARG G 38 -9.42 9.95 -26.47
C ARG G 38 -10.86 9.93 -26.95
N GLN G 39 -11.74 10.57 -26.18
CA GLN G 39 -13.15 10.65 -26.49
C GLN G 39 -13.73 11.98 -26.04
N ALA G 40 -14.16 12.79 -27.01
CA ALA G 40 -14.73 14.09 -26.70
C ALA G 40 -16.11 13.92 -26.08
N PRO G 41 -16.52 14.87 -25.22
CA PRO G 41 -17.84 14.82 -24.57
C PRO G 41 -18.98 14.61 -25.57
N GLY G 42 -19.60 13.44 -25.53
CA GLY G 42 -20.72 13.13 -26.39
C GLY G 42 -20.33 12.62 -27.77
N LYS G 43 -19.05 12.44 -27.99
CA LYS G 43 -18.56 12.01 -29.30
C LYS G 43 -17.93 10.61 -29.25
N GLY G 44 -17.50 10.12 -30.41
CA GLY G 44 -16.93 8.79 -30.52
C GLY G 44 -15.49 8.66 -30.07
N LEU G 45 -14.96 7.44 -30.14
CA LEU G 45 -13.57 7.17 -29.79
C LEU G 45 -12.61 7.62 -30.89
N GLU G 46 -11.51 8.24 -30.49
CA GLU G 46 -10.49 8.69 -31.44
C GLU G 46 -9.09 8.27 -30.99
N TRP G 47 -8.45 7.41 -31.78
CA TRP G 47 -7.08 6.98 -31.50
C TRP G 47 -6.12 8.16 -31.59
N VAL G 48 -5.13 8.18 -30.72
CA VAL G 48 -4.24 9.34 -30.62
C VAL G 48 -2.80 9.02 -31.02
N ALA G 49 -2.20 8.02 -30.38
CA ALA G 49 -0.81 7.70 -30.62
C ALA G 49 -0.47 6.28 -30.22
N VAL G 50 0.61 5.74 -30.80
CA VAL G 50 1.13 4.44 -30.43
C VAL G 50 2.65 4.48 -30.28
N ILE G 51 3.18 3.78 -29.29
CA ILE G 51 4.61 3.58 -29.19
C ILE G 51 4.93 2.08 -29.13
N THR G 52 5.86 1.64 -29.99
CA THR G 52 6.29 0.25 -30.05
C THR G 52 6.87 -0.22 -28.71
N PHE G 53 7.01 -1.53 -28.55
CA PHE G 53 7.41 -2.10 -27.26
C PHE G 53 8.83 -1.72 -26.84
N ASP G 54 9.73 -1.58 -27.81
CA ASP G 54 11.10 -1.16 -27.50
C ASP G 54 11.23 0.37 -27.56
N GLY G 55 10.15 1.04 -27.95
CA GLY G 55 10.13 2.49 -28.01
C GLY G 55 10.80 3.03 -29.26
N GLY G 56 11.29 2.12 -30.10
CA GLY G 56 12.01 2.51 -31.30
C GLY G 56 11.14 3.14 -32.38
N TYR G 57 9.82 3.15 -32.18
CA TYR G 57 8.93 3.70 -33.19
C TYR G 57 7.65 4.29 -32.59
N GLN G 58 7.26 5.46 -33.10
CA GLN G 58 6.00 6.08 -32.70
C GLN G 58 5.15 6.39 -33.93
N TYR G 59 3.83 6.48 -33.75
CA TYR G 59 2.95 7.00 -34.79
C TYR G 59 1.78 7.76 -34.20
N TYR G 60 1.29 8.76 -34.93
CA TYR G 60 0.29 9.68 -34.40
C TYR G 60 -0.87 9.91 -35.37
N ALA G 61 -2.03 10.21 -34.80
CA ALA G 61 -3.17 10.66 -35.60
C ALA G 61 -2.85 12.02 -36.19
N ASP G 62 -3.36 12.30 -37.39
CA ASP G 62 -3.06 13.56 -38.07
C ASP G 62 -3.48 14.77 -37.23
N SER G 63 -4.52 14.61 -36.43
CA SER G 63 -5.05 15.71 -35.63
C SER G 63 -4.12 16.14 -34.50
N VAL G 64 -3.14 15.30 -34.17
CA VAL G 64 -2.24 15.60 -33.05
C VAL G 64 -0.76 15.62 -33.44
N LYS G 65 -0.44 15.13 -34.64
CA LYS G 65 0.96 15.01 -35.06
C LYS G 65 1.67 16.37 -35.05
N GLY G 66 2.78 16.42 -34.32
CA GLY G 66 3.54 17.64 -34.15
C GLY G 66 3.36 18.16 -32.74
N ARG G 67 2.10 18.38 -32.37
CA ARG G 67 1.77 18.96 -31.09
C ARG G 67 1.92 17.95 -29.95
N PHE G 68 1.58 16.68 -30.21
CA PHE G 68 1.66 15.65 -29.19
C PHE G 68 2.83 14.71 -29.44
N THR G 69 3.44 14.23 -28.36
CA THR G 69 4.47 13.22 -28.43
C THR G 69 4.19 12.13 -27.40
N ILE G 70 4.36 10.88 -27.80
CA ILE G 70 4.18 9.75 -26.88
C ILE G 70 5.53 9.15 -26.54
N SER G 71 5.73 8.80 -25.28
CA SER G 71 7.00 8.26 -24.85
C SER G 71 6.83 7.20 -23.77
N ARG G 72 7.66 6.16 -23.83
CA ARG G 72 7.76 5.20 -22.75
C ARG G 72 8.97 5.49 -21.88
N ASP G 73 8.71 5.83 -20.63
CA ASP G 73 9.74 5.88 -19.62
C ASP G 73 9.99 4.39 -19.21
N ILE G 74 11.25 3.96 -19.06
CA ILE G 74 11.51 2.52 -18.95
C ILE G 74 12.09 2.10 -17.55
N SER G 75 11.95 2.92 -16.51
CA SER G 75 12.26 2.46 -15.14
C SER G 75 10.93 2.41 -14.40
N ARG G 76 9.99 3.20 -14.90
CA ARG G 76 8.69 3.34 -14.26
C ARG G 76 7.23 2.86 -14.60
N ASN G 77 6.98 1.61 -15.02
CA ASN G 77 5.64 1.30 -15.40
C ASN G 77 4.93 2.54 -15.97
N THR G 78 5.57 3.32 -16.87
CA THR G 78 4.87 4.56 -17.21
C THR G 78 5.01 5.10 -18.63
N LEU G 79 3.88 5.50 -19.21
CA LEU G 79 3.83 6.08 -20.55
C LEU G 79 3.36 7.51 -20.48
N HIS G 80 3.85 8.30 -21.42
CA HIS G 80 3.55 9.71 -21.39
C HIS G 80 2.99 10.20 -22.72
N LEU G 81 2.06 11.14 -22.62
CA LEU G 81 1.61 11.90 -23.77
C LEU G 81 1.90 13.37 -23.49
N HIS G 82 2.85 13.93 -24.21
CA HIS G 82 3.18 15.34 -24.04
C HIS G 82 2.42 16.19 -25.04
N MET G 83 1.44 16.93 -24.54
CA MET G 83 0.57 17.73 -25.40
C MET G 83 1.03 19.19 -25.47
N ASN G 84 1.29 19.68 -26.68
CA ASN G 84 1.69 21.07 -26.85
C ASN G 84 0.68 21.85 -27.69
N SER G 85 0.61 23.15 -27.46
CA SER G 85 -0.28 24.04 -28.21
C SER G 85 -1.72 23.52 -28.22
N LEU G 86 -2.25 23.28 -27.02
CA LEU G 86 -3.57 22.69 -26.86
C LEU G 86 -4.67 23.54 -27.51
N ARG G 87 -5.64 22.87 -28.11
CA ARG G 87 -6.76 23.57 -28.72
C ARG G 87 -8.06 23.08 -28.10
N ALA G 88 -9.13 23.84 -28.30
CA ALA G 88 -10.42 23.52 -27.71
C ALA G 88 -10.94 22.16 -28.18
N GLU G 89 -10.51 21.75 -29.37
CA GLU G 89 -10.94 20.46 -29.92
C GLU G 89 -10.11 19.31 -29.38
N ASP G 90 -9.24 19.60 -28.42
CA ASP G 90 -8.46 18.56 -27.74
C ASP G 90 -9.13 18.16 -26.43
N THR G 91 -10.20 18.88 -26.08
CA THR G 91 -10.96 18.59 -24.88
C THR G 91 -11.60 17.21 -24.98
N ALA G 92 -11.10 16.29 -24.16
CA ALA G 92 -11.59 14.91 -24.17
C ALA G 92 -11.10 14.12 -22.96
N VAL G 93 -11.78 13.01 -22.68
CA VAL G 93 -11.25 12.03 -21.74
C VAL G 93 -10.21 11.20 -22.46
N TYR G 94 -8.99 11.20 -21.94
CA TYR G 94 -7.91 10.45 -22.56
C TYR G 94 -7.79 9.06 -21.91
N TYR G 95 -7.69 8.03 -22.74
CA TYR G 95 -7.53 6.67 -22.26
C TYR G 95 -6.17 6.10 -22.66
N CYS G 96 -5.58 5.35 -21.75
CA CYS G 96 -4.38 4.56 -22.02
C CYS G 96 -4.81 3.14 -22.36
N ALA G 97 -4.09 2.49 -23.29
CA ALA G 97 -4.50 1.16 -23.73
C ALA G 97 -3.32 0.26 -24.09
N ARG G 98 -3.47 -1.04 -23.83
CA ARG G 98 -2.44 -2.02 -24.15
C ARG G 98 -2.80 -2.85 -25.39
N ASP G 99 -1.81 -3.05 -26.25
CA ASP G 99 -1.96 -3.80 -27.50
C ASP G 99 -1.13 -5.08 -27.41
N PRO G 100 -1.79 -6.23 -27.23
CA PRO G 100 -1.04 -7.47 -26.99
C PRO G 100 -0.40 -8.05 -28.24
N LEU G 101 -0.69 -7.50 -29.40
CA LEU G 101 -0.25 -8.14 -30.63
C LEU G 101 0.76 -7.32 -31.43
N THR G 102 0.58 -6.01 -31.46
CA THR G 102 1.41 -5.15 -32.28
C THR G 102 2.86 -5.13 -31.77
N LYS G 103 3.78 -5.51 -32.65
CA LYS G 103 5.21 -5.55 -32.33
C LYS G 103 5.97 -4.57 -33.22
N LEU G 104 6.50 -5.07 -34.33
CA LEU G 104 7.31 -4.24 -35.22
C LEU G 104 6.46 -3.37 -36.15
N LEU G 105 6.91 -2.13 -36.37
CA LEU G 105 6.23 -1.19 -37.27
C LEU G 105 7.19 -0.49 -38.23
N PRO G 106 6.72 -0.13 -39.45
CA PRO G 106 5.49 -0.61 -40.10
C PRO G 106 5.50 -2.08 -40.46
N VAL G 110 -0.68 -7.13 -42.71
CA VAL G 110 -1.62 -6.17 -42.17
C VAL G 110 -1.72 -6.32 -40.65
N SER G 111 -1.97 -5.21 -39.96
CA SER G 111 -1.98 -5.19 -38.50
C SER G 111 -3.29 -5.68 -37.91
N GLY G 112 -3.20 -6.57 -36.94
CA GLY G 112 -4.39 -7.09 -36.28
C GLY G 112 -4.47 -6.63 -34.84
N GLY G 113 -3.71 -5.59 -34.51
CA GLY G 113 -3.63 -5.10 -33.15
C GLY G 113 -4.95 -4.62 -32.58
N TYR G 114 -5.15 -4.86 -31.29
CA TYR G 114 -6.37 -4.45 -30.60
C TYR G 114 -6.05 -4.07 -29.15
N PHE G 115 -7.07 -3.73 -28.39
CA PHE G 115 -6.90 -3.23 -27.03
C PHE G 115 -7.54 -4.15 -26.00
N ASP G 116 -6.72 -4.97 -25.33
CA ASP G 116 -7.26 -5.90 -24.34
C ASP G 116 -7.47 -5.24 -22.98
N TYR G 117 -6.72 -4.18 -22.70
CA TYR G 117 -6.86 -3.45 -21.45
C TYR G 117 -6.87 -1.92 -21.63
N TRP G 118 -7.84 -1.27 -21.00
CA TRP G 118 -7.96 0.18 -20.98
C TRP G 118 -7.78 0.71 -19.55
N GLY G 119 -7.43 1.98 -19.43
CA GLY G 119 -7.45 2.64 -18.15
C GLY G 119 -8.85 3.17 -17.90
N GLN G 120 -9.03 3.92 -16.82
CA GLN G 120 -10.34 4.51 -16.55
C GLN G 120 -10.41 5.91 -17.16
N GLY G 121 -9.24 6.47 -17.46
CA GLY G 121 -9.18 7.72 -18.19
C GLY G 121 -8.99 8.95 -17.33
N THR G 122 -8.45 10.00 -17.94
CA THR G 122 -8.28 11.29 -17.28
C THR G 122 -8.84 12.40 -18.18
N LEU G 123 -9.63 13.29 -17.59
CA LEU G 123 -10.34 14.32 -18.35
C LEU G 123 -9.53 15.59 -18.56
N VAL G 124 -9.36 15.97 -19.83
CA VAL G 124 -8.67 17.21 -20.18
C VAL G 124 -9.65 18.20 -20.79
N THR G 125 -9.77 19.38 -20.19
CA THR G 125 -10.65 20.41 -20.70
C THR G 125 -9.86 21.65 -21.11
N VAL G 126 -9.91 21.97 -22.40
CA VAL G 126 -9.22 23.15 -22.91
C VAL G 126 -10.20 24.29 -23.15
N SER G 127 -10.06 25.35 -22.37
CA SER G 127 -11.00 26.48 -22.43
C SER G 127 -10.34 27.79 -22.03
N SER G 128 -10.48 28.79 -22.90
CA SER G 128 -9.96 30.13 -22.64
C SER G 128 -11.01 30.97 -21.94
N ALA G 129 -11.71 30.36 -20.98
CA ALA G 129 -12.83 31.04 -20.36
C ALA G 129 -12.62 31.25 -18.86
N SER G 130 -13.08 32.39 -18.38
CA SER G 130 -13.11 32.68 -16.95
C SER G 130 -14.57 32.72 -16.52
N THR G 131 -14.80 32.93 -15.23
CA THR G 131 -16.15 32.95 -14.68
C THR G 131 -17.02 34.01 -15.35
N LYS G 132 -18.26 33.64 -15.64
CA LYS G 132 -19.20 34.57 -16.27
C LYS G 132 -20.65 34.20 -15.96
N GLY G 133 -21.44 35.19 -15.55
CA GLY G 133 -22.85 34.98 -15.28
C GLY G 133 -23.60 34.88 -16.59
N PRO G 134 -24.70 34.11 -16.59
CA PRO G 134 -25.46 33.87 -17.82
C PRO G 134 -26.48 34.97 -18.17
N SER G 135 -26.60 35.25 -19.45
CA SER G 135 -27.68 36.08 -19.95
C SER G 135 -28.94 35.23 -20.05
N VAL G 136 -30.07 35.77 -19.60
CA VAL G 136 -31.30 34.98 -19.54
C VAL G 136 -32.35 35.53 -20.50
N PHE G 137 -32.67 34.74 -21.52
CA PHE G 137 -33.58 35.18 -22.58
C PHE G 137 -34.84 34.33 -22.61
N PRO G 138 -35.98 34.95 -22.94
CA PRO G 138 -37.29 34.31 -22.87
C PRO G 138 -37.53 33.42 -24.09
N LEU G 139 -38.24 32.32 -23.93
CA LEU G 139 -38.64 31.54 -25.09
C LEU G 139 -40.16 31.58 -25.18
N ALA G 140 -40.67 32.67 -25.73
CA ALA G 140 -42.11 32.89 -25.84
C ALA G 140 -42.74 31.80 -26.70
N PRO G 141 -43.88 31.27 -26.24
CA PRO G 141 -44.63 30.21 -26.93
C PRO G 141 -45.14 30.66 -28.31
N SER G 142 -45.76 29.73 -29.04
CA SER G 142 -46.29 30.04 -30.36
C SER G 142 -47.41 31.09 -30.30
N GLY G 149 -53.72 20.14 -27.68
CA GLY G 149 -53.53 21.58 -27.62
C GLY G 149 -52.48 21.97 -26.58
N THR G 150 -51.25 21.54 -26.82
CA THR G 150 -50.16 21.87 -25.91
C THR G 150 -49.23 22.92 -26.48
N ALA G 151 -48.89 23.92 -25.66
CA ALA G 151 -47.92 24.92 -26.03
C ALA G 151 -46.64 24.70 -25.24
N ALA G 152 -45.52 25.16 -25.79
CA ALA G 152 -44.23 25.03 -25.14
C ALA G 152 -43.61 26.39 -24.88
N LEU G 153 -43.17 26.61 -23.64
CA LEU G 153 -42.46 27.82 -23.27
C LEU G 153 -41.18 27.44 -22.50
N GLY G 154 -40.27 28.38 -22.26
CA GLY G 154 -38.99 28.03 -21.66
C GLY G 154 -37.99 29.15 -21.39
N CYS G 155 -36.83 28.77 -20.87
CA CYS G 155 -35.71 29.69 -20.61
C CYS G 155 -34.50 29.39 -21.47
N LEU G 156 -33.94 30.39 -22.15
CA LEU G 156 -32.60 30.22 -22.72
C LEU G 156 -31.57 30.83 -21.77
N VAL G 157 -30.78 29.99 -21.12
CA VAL G 157 -29.73 30.46 -20.21
C VAL G 157 -28.39 30.29 -20.92
N LYS G 158 -27.79 31.41 -21.30
CA LYS G 158 -26.73 31.41 -22.31
C LYS G 158 -25.44 32.12 -21.90
N ASP G 159 -24.31 31.55 -22.32
CA ASP G 159 -22.98 32.15 -22.17
C ASP G 159 -22.53 32.29 -20.73
N TYR G 160 -22.51 31.18 -20.01
CA TYR G 160 -22.03 31.18 -18.62
C TYR G 160 -20.86 30.23 -18.44
N PHE G 161 -20.08 30.48 -17.38
CA PHE G 161 -18.94 29.65 -17.06
C PHE G 161 -18.52 29.90 -15.61
N PRO G 162 -18.20 28.83 -14.89
CA PRO G 162 -18.29 27.43 -15.35
C PRO G 162 -19.65 26.84 -15.04
N GLU G 163 -19.73 25.52 -15.06
CA GLU G 163 -20.93 24.82 -14.62
C GLU G 163 -20.96 24.75 -13.09
N PRO G 164 -22.17 24.62 -12.50
CA PRO G 164 -23.46 24.52 -13.17
C PRO G 164 -24.35 25.75 -13.05
N VAL G 165 -25.55 25.64 -13.59
CA VAL G 165 -26.65 26.53 -13.28
C VAL G 165 -27.84 25.68 -12.86
N THR G 166 -28.70 26.21 -12.00
CA THR G 166 -29.91 25.50 -11.64
C THR G 166 -31.11 26.28 -12.13
N VAL G 167 -32.14 25.56 -12.57
CA VAL G 167 -33.34 26.20 -13.07
C VAL G 167 -34.56 25.61 -12.39
N SER G 168 -35.38 26.48 -11.81
CA SER G 168 -36.66 26.07 -11.26
C SER G 168 -37.75 26.96 -11.84
N TRP G 169 -39.00 26.49 -11.77
CA TRP G 169 -40.11 27.24 -12.32
C TRP G 169 -41.09 27.69 -11.23
N ASN G 170 -41.35 28.98 -11.19
CA ASN G 170 -42.24 29.58 -10.20
C ASN G 170 -41.83 29.22 -8.77
N SER G 171 -40.52 29.27 -8.52
CA SER G 171 -39.95 28.98 -7.21
C SER G 171 -40.39 27.60 -6.70
N GLY G 172 -40.39 26.61 -7.59
CA GLY G 172 -40.71 25.24 -7.21
C GLY G 172 -42.16 24.86 -7.37
N ALA G 173 -43.02 25.86 -7.57
CA ALA G 173 -44.45 25.62 -7.68
C ALA G 173 -44.83 24.88 -8.96
N LEU G 174 -44.01 25.01 -10.00
CA LEU G 174 -44.27 24.33 -11.26
C LEU G 174 -43.17 23.32 -11.59
N THR G 175 -43.51 22.04 -11.52
CA THR G 175 -42.55 20.97 -11.77
C THR G 175 -43.07 19.99 -12.84
N SER G 176 -44.38 19.87 -12.94
CA SER G 176 -44.99 18.95 -13.88
C SER G 176 -44.79 19.42 -15.31
N GLY G 177 -44.27 18.53 -16.16
CA GLY G 177 -44.05 18.84 -17.56
C GLY G 177 -42.70 19.52 -17.83
N VAL G 178 -42.03 19.94 -16.77
CA VAL G 178 -40.75 20.63 -16.88
C VAL G 178 -39.62 19.72 -17.34
N HIS G 179 -38.88 20.13 -18.36
CA HIS G 179 -37.60 19.50 -18.62
C HIS G 179 -36.50 20.53 -18.77
N THR G 180 -35.41 20.31 -18.05
CA THR G 180 -34.23 21.14 -18.15
C THR G 180 -33.15 20.33 -18.85
N PHE G 181 -32.64 20.88 -19.95
CA PHE G 181 -31.70 20.19 -20.81
C PHE G 181 -30.28 20.30 -20.30
N PRO G 182 -29.48 19.24 -20.52
CA PRO G 182 -28.04 19.26 -20.21
C PRO G 182 -27.37 20.43 -20.91
N ALA G 183 -26.40 21.04 -20.24
CA ALA G 183 -25.71 22.20 -20.80
C ALA G 183 -24.87 21.80 -22.00
N VAL G 184 -24.65 22.76 -22.89
CA VAL G 184 -23.83 22.51 -24.08
C VAL G 184 -22.57 23.38 -24.03
N LEU G 185 -21.45 22.84 -24.50
CA LEU G 185 -20.20 23.57 -24.49
C LEU G 185 -19.85 24.08 -25.89
N GLN G 186 -19.88 25.40 -26.05
CA GLN G 186 -19.62 26.05 -27.34
C GLN G 186 -18.12 26.15 -27.58
N SER G 187 -17.73 26.69 -28.73
CA SER G 187 -16.32 26.87 -29.09
C SER G 187 -15.73 28.07 -28.35
N SER G 188 -16.61 28.89 -27.78
CA SER G 188 -16.19 30.07 -27.03
C SER G 188 -15.72 29.70 -25.62
N GLY G 189 -15.88 28.43 -25.25
CA GLY G 189 -15.51 27.97 -23.93
C GLY G 189 -16.61 28.21 -22.92
N LEU G 190 -17.71 28.82 -23.38
CA LEU G 190 -18.84 29.12 -22.52
C LEU G 190 -19.94 28.08 -22.65
N TYR G 191 -20.75 27.95 -21.60
CA TYR G 191 -21.86 27.00 -21.61
C TYR G 191 -23.20 27.67 -21.94
N SER G 192 -24.20 26.85 -22.23
CA SER G 192 -25.55 27.32 -22.49
C SER G 192 -26.53 26.17 -22.37
N LEU G 193 -27.67 26.40 -21.73
CA LEU G 193 -28.72 25.39 -21.70
C LEU G 193 -30.10 26.02 -21.79
N SER G 194 -31.10 25.16 -21.88
CA SER G 194 -32.50 25.58 -21.93
C SER G 194 -33.32 24.74 -20.97
N SER G 195 -34.34 25.36 -20.38
CA SER G 195 -35.30 24.62 -19.57
C SER G 195 -36.71 24.96 -20.05
N VAL G 196 -37.47 23.92 -20.38
CA VAL G 196 -38.79 24.11 -20.95
C VAL G 196 -39.89 23.44 -20.14
N VAL G 197 -41.12 23.85 -20.40
CA VAL G 197 -42.28 23.25 -19.77
C VAL G 197 -43.47 23.30 -20.73
N THR G 198 -44.19 22.19 -20.82
CA THR G 198 -45.33 22.11 -21.71
C THR G 198 -46.63 22.40 -20.97
N VAL G 199 -47.28 23.49 -21.35
CA VAL G 199 -48.52 23.92 -20.73
C VAL G 199 -49.68 23.80 -21.73
N PRO G 200 -50.92 23.77 -21.23
CA PRO G 200 -52.08 23.87 -22.12
C PRO G 200 -52.07 25.18 -22.89
N SER G 201 -52.44 25.15 -24.17
CA SER G 201 -52.37 26.32 -25.03
C SER G 201 -53.17 27.51 -24.50
N SER G 202 -54.34 27.24 -23.96
CA SER G 202 -55.23 28.32 -23.52
C SER G 202 -54.72 29.06 -22.28
N SER G 203 -53.65 28.55 -21.67
CA SER G 203 -53.16 29.08 -20.40
C SER G 203 -52.16 30.23 -20.53
N LEU G 204 -51.68 30.46 -21.74
CA LEU G 204 -50.58 31.41 -21.95
C LEU G 204 -50.98 32.87 -21.76
N GLY G 205 -52.22 33.19 -22.06
CA GLY G 205 -52.70 34.55 -21.87
C GLY G 205 -52.80 34.92 -20.40
N THR G 206 -53.08 33.91 -19.58
CA THR G 206 -53.47 34.16 -18.20
C THR G 206 -52.37 33.95 -17.17
N GLN G 207 -51.60 32.88 -17.34
CA GLN G 207 -50.88 32.33 -16.21
C GLN G 207 -49.42 32.77 -16.12
N THR G 208 -48.99 33.07 -14.90
CA THR G 208 -47.64 33.52 -14.60
C THR G 208 -46.62 32.40 -14.80
N TYR G 209 -45.62 32.65 -15.64
CA TYR G 209 -44.51 31.71 -15.82
C TYR G 209 -43.18 32.42 -15.67
N ILE G 210 -42.49 32.09 -14.59
CA ILE G 210 -41.18 32.63 -14.25
C ILE G 210 -40.25 31.45 -14.00
N CYS G 211 -39.15 31.33 -14.74
CA CYS G 211 -38.22 30.31 -14.33
C CYS G 211 -37.14 30.99 -13.51
N ASN G 212 -36.57 30.26 -12.58
CA ASN G 212 -35.61 30.83 -11.65
C ASN G 212 -34.24 30.23 -11.93
N VAL G 213 -33.28 31.09 -12.20
CA VAL G 213 -31.98 30.66 -12.67
C VAL G 213 -30.89 31.05 -11.69
N ASN G 214 -30.12 30.07 -11.25
CA ASN G 214 -29.07 30.30 -10.28
C ASN G 214 -27.71 29.85 -10.78
N HIS G 215 -26.77 30.77 -10.84
CA HIS G 215 -25.39 30.45 -11.20
C HIS G 215 -24.46 30.84 -10.06
N LYS G 216 -24.18 29.87 -9.18
CA LYS G 216 -23.37 30.10 -7.99
C LYS G 216 -21.99 30.78 -8.23
N PRO G 217 -21.18 30.27 -9.17
CA PRO G 217 -19.82 30.83 -9.31
C PRO G 217 -19.78 32.34 -9.57
N SER G 218 -20.79 32.89 -10.23
CA SER G 218 -20.81 34.31 -10.55
C SER G 218 -21.70 35.08 -9.59
N ASN G 219 -22.26 34.37 -8.61
CA ASN G 219 -23.26 34.91 -7.70
C ASN G 219 -24.38 35.59 -8.48
N THR G 220 -24.86 34.90 -9.51
CA THR G 220 -25.93 35.43 -10.34
C THR G 220 -27.22 34.67 -10.10
N LYS G 221 -28.25 35.39 -9.63
CA LYS G 221 -29.57 34.81 -9.50
C LYS G 221 -30.56 35.67 -10.26
N VAL G 222 -31.08 35.11 -11.35
CA VAL G 222 -31.98 35.85 -12.21
C VAL G 222 -33.34 35.17 -12.30
N ASP G 223 -34.40 35.95 -12.11
CA ASP G 223 -35.75 35.50 -12.39
C ASP G 223 -36.16 36.14 -13.71
N LYS G 224 -36.70 35.37 -14.64
CA LYS G 224 -37.22 35.94 -15.87
C LYS G 224 -38.67 35.46 -15.94
N ARG G 225 -39.57 36.32 -16.37
CA ARG G 225 -40.94 35.91 -16.65
C ARG G 225 -41.15 35.79 -18.17
N VAL G 226 -41.94 34.79 -18.54
CA VAL G 226 -42.19 34.52 -19.94
C VAL G 226 -43.60 34.84 -20.42
N GLU G 227 -43.68 35.74 -21.40
CA GLU G 227 -44.96 36.17 -21.94
C GLU G 227 -45.10 35.68 -23.37
N PRO G 228 -46.34 35.57 -23.84
CA PRO G 228 -46.65 35.35 -25.25
C PRO G 228 -46.27 36.55 -26.12
N LYS G 229 -46.28 36.35 -27.43
CA LYS G 229 -45.92 37.37 -28.42
C LYS G 229 -44.56 37.99 -28.11
N TYR H 2 -8.52 6.80 -43.70
CA TYR H 2 -9.44 5.68 -43.80
C TYR H 2 -10.70 5.94 -42.99
N GLU H 3 -11.85 5.58 -43.56
CA GLU H 3 -13.14 5.79 -42.91
C GLU H 3 -13.82 4.49 -42.52
N LEU H 4 -14.40 4.47 -41.32
CA LEU H 4 -15.20 3.35 -40.87
C LEU H 4 -16.57 3.84 -40.44
N THR H 5 -17.59 3.48 -41.21
CA THR H 5 -18.93 4.02 -41.00
C THR H 5 -19.87 3.00 -40.38
N GLN H 6 -20.58 3.41 -39.34
CA GLN H 6 -21.57 2.58 -38.68
C GLN H 6 -22.91 3.28 -38.65
N PRO H 7 -24.01 2.52 -38.65
CA PRO H 7 -25.32 3.15 -38.46
C PRO H 7 -25.39 3.75 -37.07
N PRO H 8 -25.93 4.98 -36.95
CA PRO H 8 -25.95 5.64 -35.65
C PRO H 8 -26.75 4.89 -34.59
N SER H 9 -27.86 4.27 -35.01
CA SER H 9 -28.75 3.61 -34.05
C SER H 9 -29.26 2.25 -34.53
N VAL H 10 -29.44 1.34 -33.58
CA VAL H 10 -30.02 0.03 -33.86
C VAL H 10 -31.04 -0.33 -32.78
N SER H 11 -32.24 -0.74 -33.19
CA SER H 11 -33.30 -1.09 -32.26
C SER H 11 -33.53 -2.60 -32.21
N VAL H 12 -33.72 -3.13 -31.02
CA VAL H 12 -33.86 -4.56 -30.86
C VAL H 12 -34.78 -4.93 -29.69
N SER H 13 -35.53 -6.01 -29.87
CA SER H 13 -36.38 -6.55 -28.81
C SER H 13 -35.57 -7.53 -27.98
N PRO H 14 -35.87 -7.62 -26.67
CA PRO H 14 -35.20 -8.60 -25.82
C PRO H 14 -35.37 -10.02 -26.38
N GLY H 15 -34.26 -10.71 -26.58
CA GLY H 15 -34.32 -12.07 -27.07
C GLY H 15 -34.11 -12.22 -28.57
N GLN H 16 -34.21 -11.11 -29.31
CA GLN H 16 -33.93 -11.17 -30.75
C GLN H 16 -32.50 -10.79 -31.10
N THR H 17 -32.24 -10.68 -32.40
CA THR H 17 -30.87 -10.55 -32.88
C THR H 17 -30.56 -9.13 -33.36
N ALA H 18 -29.50 -8.56 -32.80
CA ALA H 18 -29.02 -7.24 -33.21
C ALA H 18 -27.91 -7.38 -34.26
N SER H 19 -28.00 -6.57 -35.32
CA SER H 19 -27.03 -6.60 -36.41
C SER H 19 -26.40 -5.23 -36.65
N ILE H 20 -25.16 -5.06 -36.19
CA ILE H 20 -24.44 -3.81 -36.34
C ILE H 20 -23.35 -3.94 -37.39
N THR H 21 -23.45 -3.16 -38.46
CA THR H 21 -22.44 -3.23 -39.50
C THR H 21 -21.36 -2.16 -39.35
N CYS H 22 -20.19 -2.46 -39.88
CA CYS H 22 -19.10 -1.50 -39.95
C CYS H 22 -18.54 -1.55 -41.36
N SER H 23 -18.63 -0.43 -42.08
CA SER H 23 -18.31 -0.42 -43.49
C SER H 23 -17.05 0.38 -43.80
N GLY H 24 -16.13 -0.25 -44.52
CA GLY H 24 -14.90 0.40 -44.92
C GLY H 24 -14.29 -0.29 -46.12
N ASP H 25 -13.57 0.47 -46.93
CA ASP H 25 -13.02 -0.05 -48.19
C ASP H 25 -12.04 -1.20 -47.93
N LYS H 26 -12.34 -2.36 -48.52
CA LYS H 26 -11.51 -3.56 -48.37
C LYS H 26 -11.32 -3.95 -46.90
N LEU H 27 -12.35 -3.71 -46.09
CA LEU H 27 -12.28 -4.02 -44.66
C LEU H 27 -12.08 -5.51 -44.41
N GLY H 28 -12.54 -6.34 -45.34
CA GLY H 28 -12.41 -7.78 -45.23
C GLY H 28 -10.97 -8.25 -45.18
N ASP H 29 -10.07 -7.47 -45.77
CA ASP H 29 -8.64 -7.80 -45.77
C ASP H 29 -7.96 -7.32 -44.48
N LYS H 30 -8.67 -6.51 -43.71
CA LYS H 30 -8.15 -6.04 -42.42
C LYS H 30 -8.69 -6.91 -41.29
N TYR H 31 -8.22 -6.67 -40.08
CA TYR H 31 -8.76 -7.33 -38.91
C TYR H 31 -9.70 -6.38 -38.19
N ALA H 32 -10.94 -6.79 -37.99
CA ALA H 32 -11.90 -5.94 -37.30
C ALA H 32 -12.02 -6.32 -35.83
N CYS H 33 -12.10 -5.30 -34.97
CA CYS H 33 -12.41 -5.53 -33.56
C CYS H 33 -13.62 -4.70 -33.17
N TRP H 34 -14.30 -5.13 -32.12
CA TRP H 34 -15.47 -4.41 -31.62
C TRP H 34 -15.33 -4.11 -30.13
N TYR H 35 -15.71 -2.91 -29.73
CA TYR H 35 -15.69 -2.52 -28.33
C TYR H 35 -17.08 -2.11 -27.88
N GLN H 36 -17.38 -2.41 -26.62
CA GLN H 36 -18.64 -2.03 -26.00
C GLN H 36 -18.37 -0.93 -24.98
N GLN H 37 -19.20 0.11 -24.96
CA GLN H 37 -19.03 1.15 -23.97
C GLN H 37 -20.37 1.60 -23.38
N LYS H 38 -20.53 1.35 -22.09
CA LYS H 38 -21.68 1.86 -21.36
C LYS H 38 -21.32 3.23 -20.80
N PRO H 39 -22.31 4.15 -20.77
CA PRO H 39 -22.12 5.54 -20.32
C PRO H 39 -21.23 5.68 -19.10
N GLY H 40 -20.18 6.47 -19.22
CA GLY H 40 -19.29 6.75 -18.09
C GLY H 40 -18.21 5.70 -17.84
N GLN H 41 -18.18 4.66 -18.66
CA GLN H 41 -17.22 3.57 -18.46
C GLN H 41 -16.21 3.46 -19.59
N SER H 42 -15.13 2.72 -19.34
CA SER H 42 -14.12 2.47 -20.36
C SER H 42 -14.62 1.42 -21.35
N PRO H 43 -14.20 1.54 -22.62
CA PRO H 43 -14.59 0.54 -23.62
C PRO H 43 -14.08 -0.85 -23.26
N VAL H 44 -14.88 -1.87 -23.59
CA VAL H 44 -14.53 -3.26 -23.32
C VAL H 44 -14.54 -4.07 -24.63
N LEU H 45 -13.44 -4.78 -24.87
CA LEU H 45 -13.28 -5.64 -26.04
C LEU H 45 -14.27 -6.81 -26.03
N VAL H 46 -15.14 -6.88 -27.05
CA VAL H 46 -16.06 -8.01 -27.16
C VAL H 46 -15.70 -8.95 -28.30
N ILE H 47 -15.10 -8.41 -29.37
CA ILE H 47 -14.69 -9.20 -30.52
C ILE H 47 -13.35 -8.71 -31.03
N TYR H 48 -12.44 -9.64 -31.33
CA TYR H 48 -11.15 -9.26 -31.90
C TYR H 48 -10.77 -10.22 -33.01
N GLN H 49 -9.95 -9.76 -33.93
CA GLN H 49 -9.53 -10.57 -35.08
C GLN H 49 -10.58 -11.03 -36.09
N ASP H 50 -11.63 -10.22 -36.20
CA ASP H 50 -12.86 -10.50 -36.96
C ASP H 50 -13.93 -11.44 -36.44
N SER H 51 -13.56 -12.36 -35.55
CA SER H 51 -14.56 -13.23 -34.97
C SER H 51 -14.20 -13.85 -33.63
N LYS H 52 -12.95 -13.67 -33.19
CA LYS H 52 -12.50 -14.29 -31.95
C LYS H 52 -13.02 -13.50 -30.75
N ARG H 53 -13.41 -14.22 -29.70
CA ARG H 53 -14.12 -13.64 -28.58
C ARG H 53 -13.38 -13.89 -27.26
N PRO H 54 -13.02 -12.82 -26.54
CA PRO H 54 -12.26 -12.97 -25.29
C PRO H 54 -13.01 -13.80 -24.24
N SER H 55 -12.26 -14.41 -23.32
CA SER H 55 -12.85 -15.14 -22.22
C SER H 55 -13.62 -14.18 -21.32
N GLY H 56 -14.82 -14.58 -20.90
CA GLY H 56 -15.62 -13.75 -20.03
C GLY H 56 -16.64 -12.97 -20.81
N ILE H 57 -16.52 -13.03 -22.14
CA ILE H 57 -17.48 -12.41 -23.02
C ILE H 57 -18.54 -13.44 -23.41
N PRO H 58 -19.82 -13.09 -23.23
CA PRO H 58 -20.96 -13.95 -23.57
C PRO H 58 -20.92 -14.41 -25.03
N GLU H 59 -21.17 -15.69 -25.27
CA GLU H 59 -20.99 -16.26 -26.60
C GLU H 59 -22.12 -15.89 -27.55
N ARG H 60 -23.09 -15.11 -27.07
CA ARG H 60 -24.13 -14.61 -27.95
C ARG H 60 -23.61 -13.46 -28.81
N PHE H 61 -22.44 -12.95 -28.44
CA PHE H 61 -21.72 -11.99 -29.28
C PHE H 61 -20.87 -12.74 -30.30
N SER H 62 -21.12 -12.47 -31.59
CA SER H 62 -20.28 -13.03 -32.64
C SER H 62 -19.93 -11.97 -33.66
N GLY H 63 -18.82 -12.17 -34.35
CA GLY H 63 -18.37 -11.24 -35.36
C GLY H 63 -18.10 -11.90 -36.69
N SER H 64 -18.16 -11.11 -37.75
CA SER H 64 -17.78 -11.59 -39.08
C SER H 64 -17.18 -10.44 -39.86
N ASN H 65 -16.42 -10.77 -40.90
CA ASN H 65 -15.79 -9.75 -41.71
C ASN H 65 -15.41 -10.29 -43.09
N SER H 66 -16.05 -9.75 -44.12
CA SER H 66 -15.67 -10.03 -45.50
C SER H 66 -16.11 -8.90 -46.42
N GLY H 67 -15.48 -8.81 -47.58
CA GLY H 67 -15.76 -7.74 -48.52
C GLY H 67 -15.44 -6.38 -47.91
N ASN H 68 -16.48 -5.57 -47.72
CA ASN H 68 -16.31 -4.24 -47.15
C ASN H 68 -17.05 -4.08 -45.84
N THR H 69 -17.60 -5.17 -45.32
CA THR H 69 -18.46 -5.08 -44.16
C THR H 69 -18.05 -6.01 -43.03
N ALA H 70 -17.86 -5.42 -41.84
CA ALA H 70 -17.69 -6.18 -40.62
C ALA H 70 -18.99 -6.10 -39.83
N THR H 71 -19.38 -7.22 -39.22
CA THR H 71 -20.67 -7.27 -38.56
C THR H 71 -20.56 -7.83 -37.16
N LEU H 72 -21.08 -7.08 -36.19
CA LEU H 72 -21.23 -7.59 -34.84
C LEU H 72 -22.65 -8.12 -34.69
N THR H 73 -22.76 -9.40 -34.32
CA THR H 73 -24.08 -10.01 -34.18
C THR H 73 -24.32 -10.40 -32.73
N ILE H 74 -25.45 -9.95 -32.19
CA ILE H 74 -25.84 -10.31 -30.84
C ILE H 74 -27.12 -11.12 -30.88
N SER H 75 -26.98 -12.44 -30.68
CA SER H 75 -28.14 -13.31 -30.63
C SER H 75 -28.79 -13.25 -29.26
N GLY H 76 -30.12 -13.22 -29.25
CA GLY H 76 -30.89 -13.23 -28.01
C GLY H 76 -30.45 -12.18 -27.02
N THR H 77 -30.36 -10.93 -27.49
CA THR H 77 -29.84 -9.84 -26.69
C THR H 77 -30.72 -9.54 -25.47
N GLN H 78 -30.07 -9.45 -24.31
CA GLN H 78 -30.76 -9.04 -23.09
C GLN H 78 -30.67 -7.54 -22.92
N ALA H 79 -30.97 -7.04 -21.73
CA ALA H 79 -30.94 -5.60 -21.48
C ALA H 79 -29.52 -5.11 -21.20
N MET H 80 -28.69 -6.00 -20.65
CA MET H 80 -27.31 -5.65 -20.32
C MET H 80 -26.43 -5.48 -21.55
N ASP H 81 -27.01 -5.69 -22.74
CA ASP H 81 -26.29 -5.53 -23.98
C ASP H 81 -26.49 -4.12 -24.54
N GLU H 82 -27.33 -3.33 -23.88
CA GLU H 82 -27.61 -1.97 -24.28
C GLU H 82 -26.40 -1.06 -24.04
N ALA H 83 -25.81 -0.56 -25.13
CA ALA H 83 -24.63 0.31 -25.04
C ALA H 83 -24.27 0.91 -26.41
N ASP H 84 -23.15 1.63 -26.43
CA ASP H 84 -22.54 2.06 -27.67
C ASP H 84 -21.53 1.02 -28.11
N TYR H 85 -21.50 0.73 -29.41
CA TYR H 85 -20.54 -0.23 -29.93
C TYR H 85 -19.66 0.39 -31.02
N TYR H 86 -18.35 0.24 -30.85
CA TYR H 86 -17.40 0.75 -31.81
C TYR H 86 -16.60 -0.36 -32.46
N CYS H 87 -16.56 -0.39 -33.79
CA CYS H 87 -15.65 -1.27 -34.49
C CYS H 87 -14.31 -0.56 -34.62
N GLN H 88 -13.25 -1.32 -34.88
CA GLN H 88 -11.92 -0.74 -34.96
C GLN H 88 -11.01 -1.56 -35.86
N ALA H 89 -10.21 -0.88 -36.68
CA ALA H 89 -9.24 -1.54 -37.53
C ALA H 89 -7.95 -0.72 -37.62
N TRP H 90 -7.10 -1.08 -38.57
CA TRP H 90 -5.86 -0.36 -38.83
C TRP H 90 -5.74 0.05 -40.29
N ASP H 91 -5.23 1.27 -40.53
CA ASP H 91 -4.83 1.68 -41.87
C ASP H 91 -3.40 2.17 -41.77
N SER H 92 -2.48 1.44 -42.41
CA SER H 92 -1.05 1.61 -42.21
C SER H 92 -0.76 1.49 -40.70
N SER H 93 0.01 2.42 -40.16
CA SER H 93 0.34 2.38 -38.73
C SER H 93 -0.70 3.13 -37.89
N THR H 94 -1.78 3.55 -38.54
CA THR H 94 -2.82 4.31 -37.87
C THR H 94 -4.01 3.42 -37.48
N VAL H 95 -4.51 3.63 -36.26
CA VAL H 95 -5.72 2.95 -35.79
C VAL H 95 -6.97 3.78 -36.12
N VAL H 96 -7.99 3.11 -36.66
CA VAL H 96 -9.24 3.77 -37.00
C VAL H 96 -10.44 3.16 -36.27
N PHE H 97 -11.21 4.01 -35.60
CA PHE H 97 -12.47 3.59 -34.98
C PHE H 97 -13.65 3.95 -35.86
N GLY H 98 -14.66 3.09 -35.86
CA GLY H 98 -15.91 3.40 -36.54
C GLY H 98 -16.61 4.59 -35.90
N THR H 99 -17.66 5.07 -36.54
CA THR H 99 -18.37 6.24 -36.04
C THR H 99 -19.18 5.91 -34.79
N GLY H 100 -19.55 4.65 -34.63
CA GLY H 100 -20.25 4.20 -33.44
C GLY H 100 -21.73 3.94 -33.63
N THR H 101 -22.25 2.93 -32.95
CA THR H 101 -23.67 2.59 -33.01
C THR H 101 -24.26 2.46 -31.62
N LYS H 102 -25.40 3.12 -31.39
CA LYS H 102 -26.11 2.95 -30.13
C LYS H 102 -27.18 1.87 -30.28
N VAL H 103 -27.02 0.79 -29.52
CA VAL H 103 -27.96 -0.33 -29.59
C VAL H 103 -28.98 -0.23 -28.46
N THR H 104 -30.26 -0.17 -28.83
CA THR H 104 -31.34 -0.03 -27.86
C THR H 104 -32.17 -1.30 -27.72
N VAL H 105 -32.07 -1.93 -26.55
CA VAL H 105 -32.93 -3.07 -26.22
C VAL H 105 -34.23 -2.53 -25.62
N LEU H 106 -35.32 -2.65 -26.38
CA LEU H 106 -36.56 -1.96 -26.06
C LEU H 106 -37.23 -2.45 -24.78
N GLY H 107 -37.76 -1.49 -24.01
CA GLY H 107 -38.53 -1.79 -22.81
C GLY H 107 -39.81 -0.97 -22.76
N GLN H 108 -40.18 -0.42 -23.92
CA GLN H 108 -41.37 0.42 -24.05
C GLN H 108 -41.66 0.64 -25.54
N PRO H 109 -42.89 1.08 -25.88
CA PRO H 109 -43.24 1.32 -27.28
C PRO H 109 -42.42 2.41 -27.95
N LYS H 110 -42.42 2.43 -29.27
CA LYS H 110 -41.75 3.47 -30.04
C LYS H 110 -42.61 4.73 -30.05
N ALA H 111 -41.97 5.88 -30.04
CA ALA H 111 -42.70 7.14 -30.12
C ALA H 111 -41.97 8.13 -31.03
N ALA H 112 -42.72 8.78 -31.90
CA ALA H 112 -42.15 9.80 -32.77
C ALA H 112 -41.92 11.07 -31.97
N PRO H 113 -40.81 11.77 -32.27
CA PRO H 113 -40.48 12.97 -31.51
C PRO H 113 -41.29 14.21 -31.86
N SER H 114 -41.64 14.95 -30.80
CA SER H 114 -42.04 16.34 -30.84
C SER H 114 -40.94 17.15 -31.48
N VAL H 115 -41.31 18.30 -32.03
CA VAL H 115 -40.34 19.35 -32.34
C VAL H 115 -40.93 20.73 -32.09
N THR H 116 -40.27 21.52 -31.24
CA THR H 116 -40.66 22.92 -31.09
C THR H 116 -39.47 23.84 -31.39
N LEU H 117 -39.62 24.68 -32.41
CA LEU H 117 -38.54 25.57 -32.82
C LEU H 117 -38.81 27.01 -32.38
N PHE H 118 -37.88 27.57 -31.61
CA PHE H 118 -38.02 28.93 -31.11
C PHE H 118 -37.15 29.90 -31.90
N PRO H 119 -37.73 31.04 -32.31
CA PRO H 119 -36.97 32.08 -33.00
C PRO H 119 -36.22 32.94 -31.98
N PRO H 120 -35.24 33.74 -32.44
CA PRO H 120 -34.52 34.64 -31.53
C PRO H 120 -35.48 35.62 -30.87
N SER H 121 -35.07 36.22 -29.76
CA SER H 121 -35.99 37.03 -28.96
C SER H 121 -35.74 38.52 -29.11
N SER H 122 -36.77 39.30 -28.79
CA SER H 122 -36.75 40.76 -28.80
C SER H 122 -35.47 41.34 -28.19
N GLU H 123 -34.97 40.70 -27.13
CA GLU H 123 -33.85 41.22 -26.35
C GLU H 123 -32.49 40.63 -26.65
N GLU H 124 -32.49 39.39 -27.12
CA GLU H 124 -31.24 38.82 -27.61
C GLU H 124 -30.79 39.61 -28.83
N LEU H 125 -31.76 40.05 -29.63
CA LEU H 125 -31.48 40.78 -30.86
C LEU H 125 -31.12 42.25 -30.63
N GLN H 126 -31.14 42.71 -29.38
CA GLN H 126 -30.68 44.07 -29.08
C GLN H 126 -29.16 44.09 -28.94
N ALA H 127 -28.61 42.98 -28.47
CA ALA H 127 -27.18 42.73 -28.63
C ALA H 127 -27.01 42.07 -29.98
N ASN H 128 -25.93 42.39 -30.70
CA ASN H 128 -25.70 41.80 -32.01
C ASN H 128 -25.53 40.29 -31.84
N LYS H 129 -26.64 39.63 -31.50
CA LYS H 129 -26.66 38.20 -31.19
C LYS H 129 -28.03 37.61 -31.50
N ALA H 130 -28.07 36.33 -31.85
CA ALA H 130 -29.32 35.64 -32.14
C ALA H 130 -29.10 34.14 -32.12
N THR H 131 -30.03 33.41 -31.51
CA THR H 131 -29.93 31.95 -31.49
C THR H 131 -31.25 31.29 -31.81
N LEU H 132 -31.19 30.18 -32.54
CA LEU H 132 -32.36 29.37 -32.81
C LEU H 132 -32.34 28.15 -31.91
N VAL H 133 -33.41 27.95 -31.16
CA VAL H 133 -33.48 26.85 -30.22
C VAL H 133 -34.46 25.79 -30.69
N CYS H 134 -33.95 24.61 -30.98
CA CYS H 134 -34.78 23.49 -31.42
C CYS H 134 -34.88 22.45 -30.30
N LEU H 135 -36.09 22.23 -29.82
CA LEU H 135 -36.30 21.34 -28.68
C LEU H 135 -37.08 20.10 -29.07
N ILE H 136 -36.56 18.95 -28.67
CA ILE H 136 -37.13 17.67 -29.03
C ILE H 136 -37.54 16.94 -27.77
N SER H 137 -38.75 16.39 -27.78
CA SER H 137 -39.28 15.70 -26.61
C SER H 137 -39.89 14.37 -27.07
N ASP H 138 -40.35 13.57 -26.10
CA ASP H 138 -41.25 12.45 -26.36
C ASP H 138 -40.87 11.52 -27.53
N PHE H 139 -39.68 10.93 -27.49
CA PHE H 139 -39.36 9.92 -28.51
C PHE H 139 -38.64 8.72 -27.91
N TYR H 140 -38.74 7.58 -28.61
CA TYR H 140 -38.07 6.35 -28.22
C TYR H 140 -37.93 5.48 -29.46
N PRO H 141 -36.73 4.90 -29.68
CA PRO H 141 -35.52 4.92 -28.85
C PRO H 141 -34.84 6.28 -28.75
N GLY H 142 -33.92 6.41 -27.80
CA GLY H 142 -33.23 7.66 -27.55
C GLY H 142 -32.11 7.95 -28.53
N ALA H 143 -32.47 8.10 -29.80
CA ALA H 143 -31.49 8.38 -30.86
C ALA H 143 -32.10 9.28 -31.92
N VAL H 144 -31.48 10.43 -32.13
CA VAL H 144 -31.98 11.43 -33.06
C VAL H 144 -30.83 12.12 -33.78
N THR H 145 -30.95 12.21 -35.11
CA THR H 145 -30.02 12.99 -35.90
C THR H 145 -30.71 14.30 -36.31
N VAL H 146 -30.08 15.43 -36.04
CA VAL H 146 -30.70 16.73 -36.33
C VAL H 146 -29.93 17.49 -37.40
N ALA H 147 -30.65 18.01 -38.39
CA ALA H 147 -30.06 18.83 -39.44
C ALA H 147 -30.74 20.19 -39.53
N TRP H 148 -29.96 21.23 -39.80
CA TRP H 148 -30.49 22.58 -39.94
C TRP H 148 -30.51 23.03 -41.39
N LYS H 149 -31.40 23.96 -41.72
CA LYS H 149 -31.45 24.52 -43.06
C LYS H 149 -31.73 26.02 -43.07
N ALA H 150 -30.90 26.76 -43.81
CA ALA H 150 -31.20 28.14 -44.15
C ALA H 150 -31.86 28.14 -45.52
N ASP H 151 -33.09 28.64 -45.57
CA ASP H 151 -33.99 28.42 -46.72
C ASP H 151 -34.13 26.93 -46.94
N SER H 152 -33.40 26.41 -47.93
CA SER H 152 -33.36 24.98 -48.19
C SER H 152 -31.93 24.47 -48.19
N SER H 153 -30.99 25.38 -47.98
CA SER H 153 -29.57 25.04 -47.95
C SER H 153 -29.16 24.48 -46.59
N PRO H 154 -28.62 23.26 -46.58
CA PRO H 154 -28.09 22.69 -45.34
C PRO H 154 -26.98 23.55 -44.76
N VAL H 155 -27.01 23.78 -43.46
CA VAL H 155 -25.98 24.57 -42.79
C VAL H 155 -25.45 23.80 -41.59
N LYS H 156 -24.13 23.67 -41.51
CA LYS H 156 -23.48 22.94 -40.42
C LYS H 156 -22.55 23.83 -39.62
N ALA H 157 -22.67 25.14 -39.82
CA ALA H 157 -21.87 26.11 -39.07
C ALA H 157 -22.69 26.78 -37.98
N GLY H 158 -22.18 26.77 -36.76
CA GLY H 158 -22.83 27.42 -35.63
C GLY H 158 -23.81 26.51 -34.92
N VAL H 159 -23.79 25.22 -35.27
CA VAL H 159 -24.73 24.27 -34.71
C VAL H 159 -24.14 23.50 -33.53
N GLU H 160 -24.84 23.56 -32.39
CA GLU H 160 -24.43 22.81 -31.21
C GLU H 160 -25.63 22.01 -30.70
N THR H 161 -25.41 20.71 -30.47
CA THR H 161 -26.50 19.80 -30.14
C THR H 161 -26.18 18.98 -28.90
N THR H 162 -27.19 18.67 -28.09
CA THR H 162 -27.02 17.84 -26.91
C THR H 162 -27.45 16.40 -27.18
N THR H 163 -26.83 15.46 -26.48
CA THR H 163 -27.16 14.05 -26.64
C THR H 163 -28.43 13.71 -25.84
N PRO H 164 -29.30 12.87 -26.42
CA PRO H 164 -30.61 12.54 -25.84
C PRO H 164 -30.57 12.17 -24.35
N SER H 165 -31.48 12.73 -23.58
CA SER H 165 -31.58 12.41 -22.15
C SER H 165 -33.02 12.09 -21.76
N LYS H 166 -33.18 11.18 -20.81
CA LYS H 166 -34.51 10.73 -20.41
C LYS H 166 -35.32 11.83 -19.72
N GLN H 167 -36.57 12.00 -20.16
CA GLN H 167 -37.49 12.88 -19.47
C GLN H 167 -38.10 12.17 -18.27
N SER H 168 -39.02 12.83 -17.59
CA SER H 168 -39.70 12.22 -16.45
C SER H 168 -40.62 11.08 -16.89
N ASN H 169 -41.14 11.17 -18.11
CA ASN H 169 -42.08 10.16 -18.62
C ASN H 169 -41.40 8.91 -19.15
N ASN H 170 -40.11 8.76 -18.87
CA ASN H 170 -39.29 7.65 -19.33
C ASN H 170 -39.15 7.64 -20.86
N LYS H 171 -39.38 8.80 -21.47
CA LYS H 171 -39.09 9.02 -22.88
C LYS H 171 -37.80 9.81 -23.01
N TYR H 172 -37.42 10.18 -24.24
CA TYR H 172 -36.18 10.91 -24.46
C TYR H 172 -36.38 12.32 -25.00
N ALA H 173 -35.36 13.15 -24.83
CA ALA H 173 -35.40 14.54 -25.25
C ALA H 173 -34.01 15.07 -25.56
N ALA H 174 -33.94 16.04 -26.48
CA ALA H 174 -32.67 16.68 -26.78
C ALA H 174 -32.90 18.09 -27.32
N SER H 175 -31.82 18.88 -27.35
CA SER H 175 -31.89 20.24 -27.85
C SER H 175 -30.81 20.50 -28.89
N SER H 176 -31.03 21.52 -29.73
CA SER H 176 -30.05 21.94 -30.71
C SER H 176 -30.09 23.45 -30.89
N TYR H 177 -28.91 24.06 -31.03
CA TYR H 177 -28.80 25.50 -31.06
C TYR H 177 -28.11 25.98 -32.33
N LEU H 178 -28.73 26.92 -33.03
CA LEU H 178 -28.08 27.53 -34.18
C LEU H 178 -27.72 28.98 -33.89
N SER H 179 -26.42 29.26 -33.80
CA SER H 179 -25.94 30.60 -33.51
C SER H 179 -25.76 31.42 -34.80
N LEU H 180 -26.50 32.52 -34.88
CA LEU H 180 -26.45 33.39 -36.05
C LEU H 180 -26.28 34.83 -35.61
N THR H 181 -25.72 35.66 -36.48
CA THR H 181 -25.75 37.10 -36.22
C THR H 181 -27.13 37.57 -36.64
N PRO H 182 -27.59 38.72 -36.11
CA PRO H 182 -28.88 39.31 -36.51
C PRO H 182 -29.04 39.44 -38.02
N GLU H 183 -28.04 40.04 -38.68
CA GLU H 183 -28.08 40.22 -40.14
C GLU H 183 -28.24 38.91 -40.89
N GLN H 184 -27.58 37.86 -40.40
CA GLN H 184 -27.70 36.53 -41.01
C GLN H 184 -29.11 35.96 -40.86
N TRP H 185 -29.84 36.43 -39.86
CA TRP H 185 -31.17 35.91 -39.61
C TRP H 185 -32.24 36.66 -40.40
N LYS H 186 -31.87 37.85 -40.88
CA LYS H 186 -32.76 38.59 -41.77
C LYS H 186 -32.49 38.25 -43.23
N SER H 187 -31.28 37.82 -43.51
CA SER H 187 -30.86 37.52 -44.88
C SER H 187 -31.66 36.38 -45.50
N HIS H 188 -32.00 35.37 -44.71
CA HIS H 188 -32.73 34.21 -45.24
C HIS H 188 -34.24 34.34 -45.03
N ARG H 189 -35.00 33.64 -45.87
CA ARG H 189 -36.46 33.64 -45.78
C ARG H 189 -36.93 32.85 -44.55
N SER H 190 -36.35 31.67 -44.37
CA SER H 190 -36.80 30.71 -43.38
C SER H 190 -35.62 29.97 -42.79
N TYR H 191 -35.79 29.52 -41.55
CA TYR H 191 -34.83 28.63 -40.92
C TYR H 191 -35.59 27.43 -40.39
N SER H 192 -35.01 26.24 -40.56
CA SER H 192 -35.73 25.01 -40.26
C SER H 192 -34.87 24.04 -39.47
N CYS H 193 -35.48 23.41 -38.47
CA CYS H 193 -34.81 22.36 -37.72
C CYS H 193 -35.41 21.00 -38.09
N GLN H 194 -34.63 20.19 -38.79
CA GLN H 194 -35.08 18.85 -39.14
C GLN H 194 -34.60 17.77 -38.16
N VAL H 195 -35.52 16.91 -37.78
CA VAL H 195 -35.23 15.86 -36.81
C VAL H 195 -35.58 14.48 -37.38
N THR H 196 -34.56 13.65 -37.58
CA THR H 196 -34.76 12.32 -38.12
C THR H 196 -34.74 11.30 -36.96
N HIS H 197 -35.82 10.55 -36.79
CA HIS H 197 -35.88 9.54 -35.73
C HIS H 197 -36.42 8.21 -36.28
N GLU H 198 -35.55 7.20 -36.29
CA GLU H 198 -35.90 5.88 -36.76
C GLU H 198 -36.42 5.88 -38.19
N GLY H 199 -35.75 6.63 -39.06
CA GLY H 199 -36.12 6.66 -40.47
C GLY H 199 -37.16 7.68 -40.86
N SER H 200 -37.78 8.32 -39.87
CA SER H 200 -38.85 9.28 -40.13
C SER H 200 -38.42 10.70 -39.73
N THR H 201 -38.71 11.67 -40.61
CA THR H 201 -38.22 13.03 -40.42
C THR H 201 -39.36 14.04 -40.35
N VAL H 202 -39.55 14.65 -39.19
CA VAL H 202 -40.47 15.78 -39.05
C VAL H 202 -39.63 17.06 -39.12
N GLU H 203 -40.25 18.20 -39.36
CA GLU H 203 -39.53 19.44 -39.55
C GLU H 203 -40.33 20.64 -39.08
N LYS H 204 -39.69 21.52 -38.31
CA LYS H 204 -40.29 22.78 -37.93
C LYS H 204 -39.55 23.92 -38.61
N THR H 205 -40.25 25.02 -38.84
CA THR H 205 -39.70 26.12 -39.61
C THR H 205 -40.12 27.47 -39.03
N VAL H 206 -39.18 28.40 -38.96
CA VAL H 206 -39.50 29.75 -38.51
C VAL H 206 -38.93 30.77 -39.50
N ALA H 207 -39.48 31.97 -39.47
CA ALA H 207 -39.07 33.05 -40.35
C ALA H 207 -38.94 34.34 -39.56
N PRO H 208 -38.12 35.28 -40.04
CA PRO H 208 -37.98 36.58 -39.35
C PRO H 208 -39.25 37.44 -39.35
N THR H 209 -40.38 36.85 -39.70
CA THR H 209 -41.67 37.55 -39.66
C THR H 209 -42.83 36.57 -39.47
#